data_8GRN
#
_entry.id   8GRN
#
loop_
_entity.id
_entity.type
_entity.pdbx_description
1 polymer 'Protein OSCA1'
2 non-polymer [1-MYRISTOYL-GLYCEROL-3-YL]PHOSPHONYLCHOLINE
#
_entity_poly.entity_id   1
_entity_poly.type   'polypeptide(L)'
_entity_poly.pdbx_seq_one_letter_code
;MATLKDIGVSAGINILTAFIFFIIFAFLRLQPFNDRVYFSKWYLRGLRSSPASGGGFAGRFVNLELRSYLKFLHWMPEAL
KMPERELIDHAGLDSVVYLRIYWLGLKIFAPIAMLAWAVLVPVNWTNNELELAKHFKNVTSSDIDKLTISNIPEGSNRFW
AHIIMAYAFTIWTCYMLMKEYETVANMRLQFLASEGRRPDQFTVLVRNVPPDPDETVSELVEHFFLVNHPDNYLTHQVVC
NANKLADLVSKKTKLQNWLDYYQLKYTRNNSQIRPITKLGCLGLCGQKVDAIEHYIAEVDKTSKEIAEERENVVNDQKSV
MPASFVSFKTRWAAAVCAQTTQTRNPTEWLTEWAAEPRDIYWPNLAIPYVSLTVRRLVMNVAFFFLTFFFIIPIAFVQSL
ATIEGIEKVAPFLKVIIEKDFIKSLIQGLLAGIALKLFLIFLPAILMTMSKFEGFTSVSFLERRSASRYYIFNLVNVFLG
SVIAGAAFEQLNSFLNQSPNQIPKTIGMAIPMKATFFITYIMVDGWAGVAGEILMLKPLIIYHLKNAFLVKTEKDREEAM
NPGSIGFNTGEPQIQLYFLLGLVYAPVTPMLLPFILVFFALAYVVYRHQIINVYNQEYESAAAFWPDVHGRVITALIISQ
LLLMGLLGTKHAASAAPFLIALPVITIGFHRFCKGRFEPAFVRYPLQEAMMKDTLERAREPNLNLKGYLQDAYIHPVFKG
GDNDDDGDMIGKLENEVIIVPTKRQSRRNTPAPSRISGESSPSLAVINGKEV
;
_entity_poly.pdbx_strand_id   A,B
#
# COMPACT_ATOMS: atom_id res chain seq x y z
N ALA A 2 -40.96 -16.88 16.75
CA ALA A 2 -39.75 -16.30 17.28
C ALA A 2 -40.38 -15.05 17.56
N THR A 3 -41.58 -14.85 17.25
CA THR A 3 -42.12 -13.59 17.71
C THR A 3 -41.93 -13.12 19.18
N LEU A 4 -42.70 -12.13 19.47
CA LEU A 4 -42.64 -11.75 20.83
C LEU A 4 -42.46 -12.96 21.81
N LYS A 5 -43.00 -14.15 21.56
CA LYS A 5 -42.83 -15.25 22.50
C LYS A 5 -41.42 -15.65 22.77
N ASP A 6 -40.73 -16.20 21.81
CA ASP A 6 -39.35 -16.50 22.03
C ASP A 6 -38.53 -15.30 22.49
N ILE A 7 -38.82 -14.09 21.98
CA ILE A 7 -37.91 -13.02 22.44
C ILE A 7 -38.12 -12.82 23.93
N GLY A 8 -39.34 -12.78 24.37
CA GLY A 8 -39.62 -12.66 25.76
C GLY A 8 -39.11 -13.78 26.62
N VAL A 9 -39.18 -15.01 26.17
CA VAL A 9 -38.66 -16.02 27.02
C VAL A 9 -37.19 -15.84 27.16
N SER A 10 -36.47 -15.64 26.07
CA SER A 10 -35.07 -15.51 26.30
C SER A 10 -34.82 -14.37 27.22
N ALA A 11 -35.52 -13.26 27.06
CA ALA A 11 -35.19 -12.10 27.83
C ALA A 11 -35.46 -12.28 29.25
N GLY A 12 -36.54 -12.90 29.62
CA GLY A 12 -36.80 -13.19 31.01
C GLY A 12 -35.73 -14.08 31.54
N ILE A 13 -35.48 -15.20 30.91
CA ILE A 13 -34.50 -16.07 31.49
C ILE A 13 -33.20 -15.33 31.67
N ASN A 14 -32.79 -14.48 30.72
CA ASN A 14 -31.49 -13.85 30.80
C ASN A 14 -31.42 -12.75 31.82
N ILE A 15 -32.46 -11.99 31.97
CA ILE A 15 -32.41 -11.01 32.97
C ILE A 15 -32.36 -11.71 34.29
N LEU A 16 -33.09 -12.79 34.46
CA LEU A 16 -32.99 -13.53 35.71
C LEU A 16 -31.60 -14.06 35.99
N THR A 17 -30.97 -14.69 35.04
CA THR A 17 -29.62 -15.11 35.24
C THR A 17 -28.74 -13.96 35.67
N ALA A 18 -28.72 -12.85 34.97
CA ALA A 18 -27.94 -11.73 35.45
C ALA A 18 -28.25 -11.27 36.87
N PHE A 19 -29.49 -11.10 37.25
CA PHE A 19 -29.78 -10.79 38.65
C PHE A 19 -29.30 -11.85 39.68
N ILE A 20 -29.43 -13.13 39.40
CA ILE A 20 -28.91 -14.13 40.29
C ILE A 20 -27.43 -13.99 40.39
N PHE A 21 -26.77 -13.74 39.28
CA PHE A 21 -25.35 -13.51 39.35
C PHE A 21 -24.99 -12.40 40.23
N PHE A 22 -25.61 -11.26 40.04
CA PHE A 22 -25.30 -10.10 40.85
C PHE A 22 -25.52 -10.37 42.32
N ILE A 23 -26.57 -11.07 42.66
CA ILE A 23 -26.74 -11.50 44.10
C ILE A 23 -25.63 -12.42 44.67
N ILE A 24 -25.34 -13.52 44.00
CA ILE A 24 -24.24 -14.31 44.47
C ILE A 24 -22.95 -13.46 44.56
N PHE A 25 -22.68 -12.52 43.64
CA PHE A 25 -21.50 -11.67 43.73
C PHE A 25 -21.56 -10.87 44.97
N ALA A 26 -22.61 -10.11 45.25
CA ALA A 26 -22.68 -9.45 46.53
C ALA A 26 -22.22 -10.39 47.64
N PHE A 27 -22.87 -11.56 47.75
CA PHE A 27 -22.49 -12.43 48.85
C PHE A 27 -21.06 -12.65 48.93
N LEU A 28 -20.49 -13.22 47.89
CA LEU A 28 -19.06 -13.51 47.84
C LEU A 28 -18.08 -12.35 48.01
N ARG A 29 -18.37 -11.15 47.54
CA ARG A 29 -17.51 -9.99 47.81
C ARG A 29 -17.64 -9.43 49.24
N LEU A 30 -18.70 -9.76 49.97
CA LEU A 30 -18.77 -9.35 51.41
C LEU A 30 -18.09 -10.26 52.46
N GLN A 31 -17.52 -11.41 52.09
CA GLN A 31 -16.88 -12.34 52.94
C GLN A 31 -15.43 -12.01 52.85
N PRO A 32 -14.75 -11.86 53.99
CA PRO A 32 -13.35 -11.45 54.02
C PRO A 32 -12.28 -12.55 53.89
N PHE A 33 -12.56 -13.65 53.22
CA PHE A 33 -11.55 -14.67 52.94
C PHE A 33 -11.17 -14.59 51.48
N ASN A 34 -12.03 -14.02 50.64
CA ASN A 34 -11.71 -13.81 49.25
C ASN A 34 -10.90 -12.55 49.27
N ASP A 35 -11.46 -11.36 49.17
CA ASP A 35 -10.72 -10.06 49.31
C ASP A 35 -9.53 -9.84 48.44
N ARG A 36 -8.68 -10.82 48.29
CA ARG A 36 -7.50 -10.66 47.52
C ARG A 36 -7.79 -11.19 46.21
N VAL A 37 -9.00 -11.67 46.01
CA VAL A 37 -9.40 -12.12 44.71
C VAL A 37 -10.27 -11.06 44.13
N TYR A 38 -10.97 -10.30 44.95
CA TYR A 38 -11.87 -9.34 44.36
C TYR A 38 -11.46 -7.93 44.41
N PHE A 39 -10.37 -7.58 45.09
CA PHE A 39 -9.84 -6.24 45.22
C PHE A 39 -8.37 -6.31 45.11
N SER A 40 -7.82 -7.00 44.12
CA SER A 40 -6.38 -7.16 43.91
C SER A 40 -5.47 -6.03 43.36
N LYS A 41 -5.95 -5.09 42.58
CA LYS A 41 -5.18 -3.95 42.18
C LYS A 41 -5.18 -2.90 43.27
N TRP A 42 -5.72 -3.17 44.43
CA TRP A 42 -5.73 -2.23 45.50
C TRP A 42 -4.78 -2.79 46.45
N TYR A 43 -4.25 -4.00 46.20
CA TYR A 43 -3.38 -4.68 47.09
C TYR A 43 -2.16 -4.71 46.39
N LEU A 44 -2.20 -4.73 45.07
CA LEU A 44 -0.99 -4.77 44.25
C LEU A 44 -0.66 -3.44 43.81
N ARG A 45 -0.73 -2.49 44.68
CA ARG A 45 -0.42 -1.13 44.34
C ARG A 45 0.00 -0.64 45.67
N GLY A 46 0.00 -1.53 46.65
CA GLY A 46 0.34 -1.18 48.01
C GLY A 46 -0.62 -0.24 48.66
N LEU A 47 -1.88 -0.57 48.65
CA LEU A 47 -2.84 0.35 49.15
C LEU A 47 -3.92 -0.31 49.96
N ARG A 48 -3.93 -1.63 50.05
CA ARG A 48 -4.87 -2.30 50.94
C ARG A 48 -4.07 -3.30 51.65
N SER A 49 -4.47 -3.66 52.86
CA SER A 49 -3.63 -4.52 53.72
C SER A 49 -3.94 -5.96 53.93
N SER A 50 -5.05 -6.25 54.60
CA SER A 50 -5.48 -7.63 54.80
C SER A 50 -6.95 -7.65 55.18
N PRO A 51 -7.66 -8.81 55.07
CA PRO A 51 -9.10 -8.92 55.31
C PRO A 51 -9.87 -7.77 55.79
N ALA A 52 -10.07 -7.71 57.10
CA ALA A 52 -10.86 -6.61 57.67
C ALA A 52 -10.01 -5.41 58.04
N SER A 53 -9.67 -4.59 57.04
CA SER A 53 -8.82 -3.41 57.26
C SER A 53 -7.56 -3.76 58.02
N GLY A 54 -6.73 -4.61 57.43
CA GLY A 54 -5.54 -5.06 58.13
C GLY A 54 -5.68 -6.54 58.45
N GLY A 55 -6.91 -7.06 58.38
CA GLY A 55 -7.13 -8.46 58.62
C GLY A 55 -6.95 -9.07 59.98
N GLY A 56 -7.24 -10.36 60.09
CA GLY A 56 -7.16 -11.05 61.37
C GLY A 56 -8.59 -11.20 61.79
N PHE A 57 -9.49 -10.54 61.07
CA PHE A 57 -10.90 -10.56 61.46
C PHE A 57 -11.84 -11.13 60.41
N ALA A 58 -13.12 -11.15 60.73
CA ALA A 58 -14.11 -11.71 59.80
C ALA A 58 -15.21 -10.77 59.23
N GLY A 59 -16.37 -11.33 58.88
CA GLY A 59 -17.46 -10.57 58.28
C GLY A 59 -18.13 -11.66 57.47
N ARG A 60 -17.96 -12.91 57.89
CA ARG A 60 -18.47 -14.05 57.13
C ARG A 60 -19.89 -14.43 57.26
N PHE A 61 -20.12 -15.71 57.38
CA PHE A 61 -21.48 -16.17 57.42
C PHE A 61 -22.01 -16.48 58.81
N VAL A 62 -22.94 -15.67 59.31
CA VAL A 62 -23.58 -15.93 60.59
C VAL A 62 -24.84 -15.10 60.48
N ASN A 63 -24.69 -13.85 60.09
CA ASN A 63 -25.82 -12.98 59.87
C ASN A 63 -25.45 -12.64 58.46
N LEU A 64 -24.17 -12.72 58.14
CA LEU A 64 -23.70 -12.40 56.80
C LEU A 64 -24.35 -11.13 56.22
N GLU A 65 -25.50 -11.24 55.56
CA GLU A 65 -26.19 -10.02 55.08
C GLU A 65 -27.70 -9.77 55.34
N LEU A 66 -28.02 -8.75 56.12
CA LEU A 66 -29.43 -8.37 56.28
C LEU A 66 -29.82 -7.92 54.88
N ARG A 67 -31.07 -8.07 54.47
CA ARG A 67 -31.40 -7.75 53.08
C ARG A 67 -30.94 -6.37 52.63
N SER A 68 -30.57 -6.25 51.36
CA SER A 68 -30.07 -4.98 50.87
C SER A 68 -30.47 -4.64 49.44
N TYR A 69 -30.67 -3.35 49.11
CA TYR A 69 -30.90 -2.94 47.71
C TYR A 69 -29.57 -2.38 47.41
N LEU A 70 -28.73 -2.45 48.40
CA LEU A 70 -27.39 -2.05 48.20
C LEU A 70 -26.82 -3.38 47.84
N LYS A 71 -27.37 -4.03 46.83
CA LYS A 71 -26.96 -5.35 46.47
C LYS A 71 -26.50 -5.24 45.12
N PHE A 72 -26.24 -4.05 44.68
CA PHE A 72 -26.01 -3.94 43.30
C PHE A 72 -25.62 -2.62 43.12
N LEU A 73 -26.61 -1.83 43.08
CA LEU A 73 -26.45 -0.46 42.73
C LEU A 73 -25.20 0.19 43.17
N HIS A 74 -24.70 -0.21 44.29
CA HIS A 74 -23.62 0.57 44.69
C HIS A 74 -22.42 0.37 43.86
N TRP A 75 -21.99 -0.86 43.70
CA TRP A 75 -20.92 -1.14 42.80
C TRP A 75 -21.14 -0.28 41.59
N MET A 76 -22.34 -0.33 41.02
CA MET A 76 -22.67 0.50 39.85
C MET A 76 -22.29 2.02 39.93
N PRO A 77 -23.08 2.84 40.69
CA PRO A 77 -22.57 4.20 40.82
C PRO A 77 -21.08 4.51 41.19
N GLU A 78 -20.52 3.65 42.00
CA GLU A 78 -19.19 3.98 42.39
C GLU A 78 -18.18 3.74 41.34
N ALA A 79 -18.36 2.71 40.52
CA ALA A 79 -17.46 2.44 39.41
C ALA A 79 -17.59 3.61 38.60
N LEU A 80 -18.80 4.09 38.44
CA LEU A 80 -18.91 5.35 37.65
C LEU A 80 -18.12 6.57 38.13
N LYS A 81 -18.02 6.88 39.42
CA LYS A 81 -17.26 8.16 39.93
C LYS A 81 -15.74 8.56 40.10
N MET A 82 -14.67 8.01 39.52
CA MET A 82 -13.23 8.27 39.48
C MET A 82 -13.07 8.98 38.19
N PRO A 83 -12.46 10.14 38.18
CA PRO A 83 -12.25 10.87 36.98
C PRO A 83 -11.47 10.05 36.03
N GLU A 84 -11.41 10.39 34.78
CA GLU A 84 -10.72 9.56 33.83
C GLU A 84 -9.29 9.88 33.74
N ARG A 85 -8.76 10.71 34.60
CA ARG A 85 -7.35 10.97 34.63
C ARG A 85 -6.72 10.49 35.84
N GLU A 86 -7.44 9.82 36.70
CA GLU A 86 -6.95 9.34 37.91
C GLU A 86 -7.06 7.93 37.62
N LEU A 87 -7.72 7.57 36.54
CA LEU A 87 -7.75 6.22 36.13
C LEU A 87 -6.59 5.95 35.20
N ILE A 88 -6.07 6.90 34.43
CA ILE A 88 -4.88 6.67 33.66
C ILE A 88 -3.72 6.34 34.57
N ASP A 89 -3.62 6.87 35.74
CA ASP A 89 -2.55 6.48 36.61
C ASP A 89 -2.72 5.38 37.64
N HIS A 90 -3.94 4.90 37.87
CA HIS A 90 -4.21 3.82 38.77
C HIS A 90 -4.04 2.69 37.87
N ALA A 91 -4.69 2.73 36.73
CA ALA A 91 -4.62 1.67 35.76
C ALA A 91 -3.69 1.72 34.57
N GLY A 92 -3.74 2.71 33.71
CA GLY A 92 -2.92 2.79 32.53
C GLY A 92 -3.67 3.35 31.40
N LEU A 93 -3.06 3.72 30.29
CA LEU A 93 -3.77 4.19 29.15
C LEU A 93 -4.55 3.18 28.38
N ASP A 94 -4.04 2.04 28.13
CA ASP A 94 -4.75 1.06 27.45
C ASP A 94 -6.14 0.76 27.96
N SER A 95 -6.31 0.53 29.24
CA SER A 95 -7.57 0.24 29.84
C SER A 95 -8.58 1.31 29.63
N VAL A 96 -8.18 2.54 29.83
CA VAL A 96 -9.00 3.70 29.55
C VAL A 96 -9.44 3.79 28.07
N VAL A 97 -8.53 3.58 27.13
CA VAL A 97 -8.94 3.50 25.72
C VAL A 97 -9.89 2.31 25.36
N TYR A 98 -9.79 1.19 26.03
CA TYR A 98 -10.80 0.14 25.87
C TYR A 98 -12.28 0.54 26.37
N LEU A 99 -12.30 1.20 27.49
CA LEU A 99 -13.58 1.59 27.91
C LEU A 99 -14.13 2.62 26.92
N ARG A 100 -13.24 3.38 26.33
CA ARG A 100 -13.68 4.31 25.31
C ARG A 100 -14.33 3.63 24.15
N ILE A 101 -13.78 2.56 23.63
CA ILE A 101 -14.52 1.73 22.62
C ILE A 101 -15.94 1.45 22.99
N TYR A 102 -16.15 0.93 24.18
CA TYR A 102 -17.63 0.83 24.55
C TYR A 102 -18.46 2.10 24.47
N TRP A 103 -17.98 3.17 25.06
CA TRP A 103 -18.69 4.47 24.82
C TRP A 103 -18.88 4.98 23.36
N LEU A 104 -17.94 4.80 22.43
CA LEU A 104 -18.14 5.13 21.03
C LEU A 104 -19.25 4.31 20.50
N GLY A 105 -19.26 3.02 20.81
CA GLY A 105 -20.40 2.26 20.41
C GLY A 105 -21.66 2.95 20.75
N LEU A 106 -21.80 3.24 22.01
CA LEU A 106 -23.05 3.85 22.42
C LEU A 106 -23.33 4.98 21.66
N LYS A 107 -22.48 5.97 21.58
CA LYS A 107 -22.72 7.13 20.69
C LYS A 107 -23.31 6.88 19.29
N ILE A 108 -22.52 6.21 18.49
CA ILE A 108 -23.07 5.86 17.20
C ILE A 108 -24.47 5.28 17.25
N PHE A 109 -24.57 4.19 17.95
CA PHE A 109 -25.86 3.53 17.91
C PHE A 109 -27.01 4.19 18.52
N ALA A 110 -26.86 4.98 19.53
CA ALA A 110 -27.99 5.56 20.09
C ALA A 110 -28.58 6.48 19.12
N PRO A 111 -27.69 7.42 18.60
CA PRO A 111 -28.47 8.15 17.59
C PRO A 111 -29.14 7.39 16.41
N ILE A 112 -28.37 6.45 15.84
CA ILE A 112 -28.94 5.69 14.75
C ILE A 112 -30.23 5.00 15.11
N ALA A 113 -30.35 4.42 16.27
CA ALA A 113 -31.55 3.75 16.74
C ALA A 113 -32.68 4.63 16.83
N MET A 114 -32.57 5.71 17.54
CA MET A 114 -33.77 6.55 17.52
C MET A 114 -34.27 6.81 16.11
N LEU A 115 -33.36 7.30 15.27
CA LEU A 115 -33.88 7.65 13.95
C LEU A 115 -34.54 6.50 13.25
N ALA A 116 -33.83 5.38 13.18
CA ALA A 116 -34.30 4.20 12.51
C ALA A 116 -35.58 4.01 12.97
N TRP A 117 -35.73 3.66 14.21
CA TRP A 117 -37.03 3.32 14.70
C TRP A 117 -38.00 4.20 14.16
N ALA A 118 -38.08 5.42 14.63
CA ALA A 118 -39.15 6.22 14.02
C ALA A 118 -39.40 6.00 12.48
N VAL A 119 -38.54 6.64 11.70
CA VAL A 119 -38.86 6.53 10.28
C VAL A 119 -39.16 5.14 9.77
N LEU A 120 -38.23 4.25 9.96
CA LEU A 120 -38.38 2.99 9.31
C LEU A 120 -39.37 2.06 9.85
N VAL A 121 -39.59 2.04 11.13
CA VAL A 121 -40.58 1.10 11.54
C VAL A 121 -41.88 1.60 10.95
N PRO A 122 -42.23 2.90 11.20
CA PRO A 122 -43.47 3.22 10.49
C PRO A 122 -43.60 2.83 9.00
N VAL A 123 -42.64 3.28 8.18
CA VAL A 123 -42.68 2.92 6.78
C VAL A 123 -42.87 1.42 6.63
N ASN A 124 -41.98 0.57 7.09
CA ASN A 124 -42.07 -0.85 6.87
C ASN A 124 -43.32 -1.49 7.32
N TRP A 125 -43.89 -1.05 8.41
CA TRP A 125 -45.08 -1.68 8.93
C TRP A 125 -46.29 -1.41 8.14
N THR A 126 -46.47 -0.20 7.64
CA THR A 126 -47.75 -0.06 6.83
C THR A 126 -47.69 -0.60 5.36
N ASN A 127 -47.67 -1.91 5.08
CA ASN A 127 -47.23 -2.35 3.76
C ASN A 127 -47.48 -3.79 3.25
N ASN A 128 -48.29 -4.66 3.86
CA ASN A 128 -48.69 -6.02 3.26
C ASN A 128 -47.94 -7.20 2.57
N GLU A 129 -46.76 -7.05 1.97
CA GLU A 129 -46.12 -8.12 1.21
C GLU A 129 -45.44 -9.28 1.83
N LEU A 130 -45.79 -9.64 3.02
CA LEU A 130 -45.20 -10.83 3.58
C LEU A 130 -46.35 -11.80 3.75
N GLU A 131 -47.58 -11.31 3.89
CA GLU A 131 -48.75 -12.17 3.96
C GLU A 131 -49.12 -12.72 2.63
N LEU A 132 -48.67 -12.08 1.56
CA LEU A 132 -49.06 -12.50 0.27
C LEU A 132 -48.11 -13.57 -0.19
N ALA A 133 -46.88 -13.54 0.25
CA ALA A 133 -45.94 -14.61 -0.12
C ALA A 133 -46.05 -15.86 0.68
N LYS A 134 -46.74 -15.86 1.78
CA LYS A 134 -46.90 -17.09 2.49
C LYS A 134 -48.08 -17.74 1.88
N HIS A 135 -48.90 -16.95 1.20
CA HIS A 135 -50.12 -17.48 0.62
C HIS A 135 -49.93 -17.79 -0.86
N PHE A 136 -48.78 -17.48 -1.44
CA PHE A 136 -48.55 -17.69 -2.85
C PHE A 136 -47.13 -17.98 -3.22
N LYS A 137 -46.30 -18.46 -2.29
CA LYS A 137 -44.90 -18.78 -2.56
C LYS A 137 -44.31 -19.45 -1.37
N ASN A 138 -45.13 -19.78 -0.38
CA ASN A 138 -44.69 -20.52 0.78
C ASN A 138 -43.50 -20.00 1.61
N VAL A 139 -43.37 -18.69 1.81
CA VAL A 139 -42.30 -18.13 2.62
C VAL A 139 -42.79 -18.02 4.03
N THR A 140 -42.21 -18.75 4.95
CA THR A 140 -42.61 -18.73 6.37
C THR A 140 -42.18 -17.45 7.02
N SER A 141 -42.97 -16.96 7.98
CA SER A 141 -42.67 -15.69 8.59
C SER A 141 -43.54 -15.48 9.80
N SER A 142 -43.37 -14.37 10.51
CA SER A 142 -44.10 -14.16 11.74
C SER A 142 -44.65 -12.78 11.72
N ASP A 143 -44.82 -12.15 12.88
CA ASP A 143 -45.30 -10.78 12.96
C ASP A 143 -44.25 -9.83 13.46
N ILE A 144 -43.04 -10.32 13.67
CA ILE A 144 -41.95 -9.51 14.11
C ILE A 144 -41.30 -9.14 12.84
N ASP A 145 -41.77 -9.71 11.75
CA ASP A 145 -41.12 -9.49 10.48
C ASP A 145 -41.78 -8.46 9.69
N LYS A 146 -42.73 -7.81 10.26
CA LYS A 146 -43.36 -6.77 9.58
C LYS A 146 -42.86 -5.43 10.04
N LEU A 147 -41.65 -5.32 10.58
CA LEU A 147 -41.08 -4.05 10.96
C LEU A 147 -39.78 -4.15 10.26
N THR A 148 -39.56 -5.19 9.48
CA THR A 148 -38.35 -5.37 8.66
C THR A 148 -38.45 -4.90 7.17
N ILE A 149 -37.37 -4.87 6.38
CA ILE A 149 -37.35 -4.42 5.00
C ILE A 149 -38.04 -5.35 4.14
N SER A 150 -38.68 -6.34 4.70
CA SER A 150 -39.29 -7.39 3.92
C SER A 150 -40.80 -7.46 3.96
N ASN A 151 -41.50 -6.47 4.50
CA ASN A 151 -42.92 -6.44 4.47
C ASN A 151 -43.09 -5.42 3.47
N ILE A 152 -42.08 -5.07 2.72
CA ILE A 152 -42.23 -3.96 1.79
C ILE A 152 -42.30 -4.49 0.37
N PRO A 153 -43.31 -4.07 -0.42
CA PRO A 153 -43.51 -4.60 -1.75
C PRO A 153 -42.44 -4.33 -2.75
N GLU A 154 -42.27 -5.17 -3.75
CA GLU A 154 -41.26 -4.98 -4.74
C GLU A 154 -41.77 -3.83 -5.44
N GLY A 155 -40.91 -2.91 -5.80
CA GLY A 155 -41.42 -1.68 -6.31
C GLY A 155 -41.32 -0.65 -5.21
N SER A 156 -40.41 0.24 -5.38
CA SER A 156 -40.13 1.22 -4.36
C SER A 156 -41.02 2.27 -3.91
N ASN A 157 -40.46 3.45 -3.86
CA ASN A 157 -41.15 4.59 -3.38
C ASN A 157 -41.30 4.50 -1.91
N ARG A 158 -40.63 3.56 -1.29
CA ARG A 158 -40.68 3.44 0.11
C ARG A 158 -39.43 2.77 0.38
N PHE A 159 -38.49 2.81 -0.55
CA PHE A 159 -37.19 2.23 -0.35
C PHE A 159 -36.23 3.37 -0.27
N TRP A 160 -36.74 4.51 -0.62
CA TRP A 160 -35.91 5.65 -0.56
C TRP A 160 -35.65 5.99 0.86
N ALA A 161 -36.59 5.76 1.75
CA ALA A 161 -36.33 5.95 3.15
C ALA A 161 -35.11 5.18 3.54
N HIS A 162 -35.08 3.89 3.32
CA HIS A 162 -33.93 3.06 3.58
C HIS A 162 -32.68 3.67 3.03
N ILE A 163 -32.60 4.02 1.77
CA ILE A 163 -31.37 4.76 1.29
C ILE A 163 -30.98 6.08 2.01
N ILE A 164 -31.88 7.00 2.20
CA ILE A 164 -31.54 8.18 2.97
C ILE A 164 -31.02 7.84 4.34
N MET A 165 -31.65 6.88 5.02
CA MET A 165 -31.24 6.58 6.34
C MET A 165 -29.89 6.01 6.26
N ALA A 166 -29.63 5.10 5.40
CA ALA A 166 -28.29 4.64 5.26
C ALA A 166 -27.30 5.70 5.15
N TYR A 167 -27.44 6.64 4.26
CA TYR A 167 -26.50 7.79 4.23
C TYR A 167 -26.32 8.48 5.55
N ALA A 168 -27.39 8.97 6.13
CA ALA A 168 -27.25 9.49 7.47
C ALA A 168 -26.42 8.62 8.38
N PHE A 169 -26.76 7.36 8.56
CA PHE A 169 -26.01 6.44 9.37
C PHE A 169 -24.55 6.36 9.04
N THR A 170 -24.13 6.15 7.81
CA THR A 170 -22.70 6.19 7.53
C THR A 170 -22.01 7.47 7.87
N ILE A 171 -22.59 8.60 7.53
CA ILE A 171 -21.96 9.84 7.95
C ILE A 171 -21.80 9.96 9.44
N TRP A 172 -22.83 9.68 10.20
CA TRP A 172 -22.63 9.72 11.62
C TRP A 172 -21.54 8.78 12.11
N THR A 173 -21.57 7.52 11.74
CA THR A 173 -20.52 6.67 12.15
C THR A 173 -19.17 7.27 11.85
N CYS A 174 -18.89 7.67 10.63
CA CYS A 174 -17.60 8.22 10.28
C CYS A 174 -17.19 9.48 11.06
N TYR A 175 -18.07 10.43 11.25
CA TYR A 175 -17.76 11.56 12.08
C TYR A 175 -17.34 11.17 13.47
N MET A 176 -18.15 10.33 14.10
CA MET A 176 -17.82 9.87 15.43
C MET A 176 -16.48 9.17 15.50
N LEU A 177 -16.23 8.32 14.56
CA LEU A 177 -14.96 7.65 14.50
C LEU A 177 -13.75 8.59 14.34
N MET A 178 -13.79 9.61 13.51
CA MET A 178 -12.71 10.58 13.45
C MET A 178 -12.51 11.42 14.68
N LYS A 179 -13.57 11.78 15.34
CA LYS A 179 -13.39 12.44 16.61
C LYS A 179 -12.72 11.55 17.67
N GLU A 180 -13.02 10.26 17.69
CA GLU A 180 -12.31 9.41 18.60
C GLU A 180 -10.92 9.24 18.23
N TYR A 181 -10.60 9.20 16.96
CA TYR A 181 -9.21 9.14 16.59
C TYR A 181 -8.49 10.25 17.13
N GLU A 182 -8.97 11.46 16.97
CA GLU A 182 -8.20 12.50 17.58
C GLU A 182 -8.05 12.48 19.01
N THR A 183 -9.09 12.23 19.77
CA THR A 183 -8.87 12.11 21.20
C THR A 183 -7.84 11.09 21.56
N VAL A 184 -7.96 9.88 21.05
CA VAL A 184 -7.03 8.87 21.44
C VAL A 184 -5.60 9.31 21.07
N ALA A 185 -5.34 9.90 19.91
CA ALA A 185 -4.03 10.39 19.59
C ALA A 185 -3.49 11.43 20.52
N ASN A 186 -4.23 12.45 20.80
CA ASN A 186 -3.77 13.41 21.77
C ASN A 186 -3.43 12.82 23.08
N MET A 187 -4.24 11.90 23.55
CA MET A 187 -3.97 11.23 24.80
C MET A 187 -2.73 10.45 24.79
N ARG A 188 -2.50 9.61 23.81
CA ARG A 188 -1.25 8.92 23.66
C ARG A 188 -0.10 9.85 23.72
N LEU A 189 -0.12 10.96 23.02
CA LEU A 189 1.03 11.81 23.01
C LEU A 189 1.27 12.47 24.33
N GLN A 190 0.26 12.96 24.96
CA GLN A 190 0.46 13.46 26.29
C GLN A 190 0.97 12.43 27.30
N PHE A 191 0.53 11.19 27.26
CA PHE A 191 1.06 10.16 28.14
C PHE A 191 2.45 9.96 27.87
N LEU A 192 2.81 9.79 26.64
CA LEU A 192 4.15 9.50 26.29
C LEU A 192 5.07 10.54 26.72
N ALA A 193 4.63 11.78 26.79
CA ALA A 193 5.48 12.86 27.29
C ALA A 193 5.71 13.04 28.70
N SER A 194 5.19 12.19 29.56
CA SER A 194 5.24 12.34 31.00
C SER A 194 5.60 11.06 31.72
N GLU A 195 5.62 9.91 31.06
CA GLU A 195 6.01 8.65 31.66
C GLU A 195 7.47 8.56 32.03
N GLY A 196 7.82 7.99 33.17
CA GLY A 196 9.20 7.99 33.61
C GLY A 196 10.08 7.00 32.96
N ARG A 197 11.38 7.04 33.14
CA ARG A 197 12.27 6.20 32.41
C ARG A 197 11.89 4.77 32.39
N ARG A 198 11.99 4.12 31.25
CA ARG A 198 11.66 2.76 31.12
C ARG A 198 12.87 2.54 30.32
N PRO A 199 13.41 1.32 30.26
CA PRO A 199 14.63 1.02 29.53
C PRO A 199 14.53 0.97 28.02
N ASP A 200 13.37 1.04 27.43
CA ASP A 200 13.15 0.94 26.02
C ASP A 200 12.90 2.18 25.31
N GLN A 201 13.22 3.30 25.91
CA GLN A 201 13.01 4.57 25.34
C GLN A 201 14.34 4.89 24.85
N PHE A 202 15.32 4.07 25.15
CA PHE A 202 16.65 4.23 24.72
C PHE A 202 17.21 3.07 23.92
N THR A 203 16.54 1.94 23.74
CA THR A 203 16.99 0.75 23.02
C THR A 203 16.31 0.25 21.78
N VAL A 204 17.01 -0.42 20.88
CA VAL A 204 16.52 -1.00 19.64
C VAL A 204 16.89 -2.51 19.53
N LEU A 205 16.22 -3.33 18.74
CA LEU A 205 16.60 -4.70 18.51
C LEU A 205 17.15 -4.82 17.11
N VAL A 206 18.43 -5.13 16.93
CA VAL A 206 19.03 -5.37 15.64
C VAL A 206 19.00 -6.83 15.31
N ARG A 207 18.34 -7.22 14.24
CA ARG A 207 18.14 -8.55 13.92
C ARG A 207 18.81 -8.72 12.66
N ASN A 208 19.52 -9.82 12.45
CA ASN A 208 20.21 -10.15 11.24
C ASN A 208 21.60 -9.65 11.11
N VAL A 209 22.37 -9.66 12.17
CA VAL A 209 23.72 -9.28 12.13
C VAL A 209 24.38 -10.27 11.24
N PRO A 210 25.04 -9.85 10.16
CA PRO A 210 25.67 -10.72 9.17
C PRO A 210 26.86 -11.54 9.61
N PRO A 211 26.89 -12.87 9.41
CA PRO A 211 27.94 -13.77 9.92
C PRO A 211 29.36 -13.57 9.48
N ASP A 212 30.33 -14.09 10.21
CA ASP A 212 31.74 -13.93 9.88
C ASP A 212 32.47 -15.19 10.29
N PRO A 213 33.80 -15.23 10.13
CA PRO A 213 34.42 -16.44 10.62
C PRO A 213 35.57 -16.17 11.59
N ASP A 214 35.66 -14.99 12.18
CA ASP A 214 36.78 -14.63 13.03
C ASP A 214 36.42 -13.59 14.05
N GLU A 215 35.15 -13.19 14.13
CA GLU A 215 34.71 -12.17 15.02
C GLU A 215 33.44 -12.73 15.59
N THR A 216 33.06 -12.35 16.80
CA THR A 216 31.95 -12.92 17.46
C THR A 216 30.80 -12.09 17.06
N VAL A 217 29.60 -12.31 17.59
CA VAL A 217 28.48 -11.45 17.28
C VAL A 217 28.61 -10.15 17.97
N SER A 218 29.26 -10.10 19.11
CA SER A 218 29.44 -8.89 19.87
C SER A 218 30.55 -8.00 19.56
N GLU A 219 31.40 -8.37 18.66
CA GLU A 219 32.55 -7.63 18.29
C GLU A 219 32.27 -7.15 16.95
N LEU A 220 31.06 -7.29 16.48
CA LEU A 220 30.70 -6.96 15.20
C LEU A 220 29.59 -6.00 15.39
N VAL A 221 28.91 -6.02 16.53
CA VAL A 221 27.84 -5.11 16.85
C VAL A 221 28.44 -3.86 17.48
N GLU A 222 29.64 -3.92 18.00
CA GLU A 222 30.23 -2.81 18.61
C GLU A 222 30.89 -2.05 17.62
N HIS A 223 31.60 -2.67 16.75
CA HIS A 223 32.22 -2.01 15.65
C HIS A 223 31.26 -1.38 14.65
N PHE A 224 30.07 -1.86 14.44
CA PHE A 224 29.21 -1.22 13.53
C PHE A 224 28.67 -0.01 14.13
N PHE A 225 28.31 0.02 15.40
CA PHE A 225 27.66 1.16 15.93
C PHE A 225 28.57 2.16 16.47
N LEU A 226 29.82 1.88 16.62
CA LEU A 226 30.76 2.82 17.06
C LEU A 226 31.34 3.57 15.91
N VAL A 227 31.18 3.10 14.69
CA VAL A 227 31.64 3.76 13.49
C VAL A 227 30.50 4.42 12.84
N ASN A 228 29.29 3.91 12.96
CA ASN A 228 28.14 4.44 12.25
C ASN A 228 27.17 5.27 13.02
N HIS A 229 27.14 5.24 14.34
CA HIS A 229 26.29 6.05 15.21
C HIS A 229 27.27 6.38 16.21
N PRO A 230 28.25 7.22 15.88
CA PRO A 230 29.41 7.45 16.72
C PRO A 230 29.34 8.09 18.11
N ASP A 231 28.57 9.14 18.31
CA ASP A 231 28.48 9.84 19.57
C ASP A 231 27.49 9.34 20.59
N ASN A 232 26.37 8.80 20.18
CA ASN A 232 25.47 8.23 21.09
C ASN A 232 25.43 6.77 20.87
N TYR A 233 26.11 5.96 21.64
CA TYR A 233 25.99 4.55 21.54
C TYR A 233 26.51 4.37 22.89
N LEU A 234 25.95 3.47 23.66
CA LEU A 234 26.43 3.19 24.96
C LEU A 234 26.72 1.74 25.18
N THR A 235 25.84 0.83 24.82
CA THR A 235 25.98 -0.54 25.19
C THR A 235 25.19 -1.46 24.34
N HIS A 236 25.40 -2.77 24.41
CA HIS A 236 24.62 -3.75 23.73
C HIS A 236 24.51 -4.99 24.56
N GLN A 237 23.57 -5.88 24.31
CA GLN A 237 23.43 -7.15 24.99
C GLN A 237 22.97 -8.11 24.00
N VAL A 238 23.70 -9.19 23.72
CA VAL A 238 23.38 -10.15 22.68
C VAL A 238 22.19 -11.06 22.91
N VAL A 239 21.74 -11.80 21.92
CA VAL A 239 20.66 -12.77 22.09
C VAL A 239 21.19 -14.17 22.06
N CYS A 240 20.96 -14.95 23.06
CA CYS A 240 21.36 -16.32 23.13
C CYS A 240 20.17 -17.27 23.27
N ASN A 241 20.35 -18.67 23.42
CA ASN A 241 19.31 -19.82 23.86
C ASN A 241 18.96 -20.48 25.41
N ALA A 242 18.49 -19.53 26.08
CA ALA A 242 18.14 -20.10 27.31
C ALA A 242 16.85 -20.83 27.03
N ASN A 243 16.50 -21.23 25.80
CA ASN A 243 15.33 -22.00 25.54
C ASN A 243 15.46 -23.23 26.35
N LYS A 244 16.48 -24.04 26.11
CA LYS A 244 16.60 -25.19 26.99
C LYS A 244 16.93 -24.87 28.42
N LEU A 245 17.73 -23.79 28.59
CA LEU A 245 17.91 -23.70 30.11
C LEU A 245 16.63 -23.44 30.86
N ALA A 246 15.75 -22.68 30.28
CA ALA A 246 14.55 -22.26 30.91
C ALA A 246 13.60 -23.36 30.98
N ASP A 247 13.54 -24.18 29.95
CA ASP A 247 12.72 -25.35 30.07
C ASP A 247 13.13 -26.17 31.27
N LEU A 248 14.40 -26.45 31.45
CA LEU A 248 14.66 -27.18 32.71
C LEU A 248 14.34 -26.42 34.01
N VAL A 249 14.61 -25.14 34.12
CA VAL A 249 14.21 -24.46 35.36
C VAL A 249 12.73 -24.64 35.60
N SER A 250 11.93 -24.53 34.57
CA SER A 250 10.50 -24.76 34.67
C SER A 250 10.10 -26.18 35.09
N LYS A 251 10.70 -27.22 34.51
CA LYS A 251 10.40 -28.54 34.98
C LYS A 251 10.75 -28.64 36.38
N LYS A 252 11.82 -28.03 36.83
CA LYS A 252 12.09 -28.12 38.27
C LYS A 252 11.05 -27.48 39.13
N THR A 253 10.67 -26.26 38.83
CA THR A 253 9.60 -25.70 39.61
C THR A 253 8.42 -26.66 39.64
N LYS A 254 8.05 -27.24 38.50
CA LYS A 254 6.87 -28.09 38.49
C LYS A 254 7.06 -29.23 39.41
N LEU A 255 8.15 -29.96 39.29
CA LEU A 255 8.37 -31.03 40.25
C LEU A 255 8.28 -30.55 41.67
N GLN A 256 8.99 -29.54 42.08
CA GLN A 256 8.84 -29.20 43.50
C GLN A 256 7.44 -28.85 43.89
N ASN A 257 6.71 -28.06 43.16
CA ASN A 257 5.34 -27.82 43.58
C ASN A 257 4.63 -29.12 43.77
N TRP A 258 4.59 -29.88 42.65
CA TRP A 258 3.84 -31.14 42.60
C TRP A 258 4.31 -32.16 43.44
N LEU A 259 5.22 -31.85 44.32
CA LEU A 259 5.53 -32.87 45.24
C LEU A 259 5.72 -32.44 46.66
N ASP A 260 5.98 -31.20 46.88
CA ASP A 260 6.06 -30.79 48.24
C ASP A 260 4.59 -30.97 48.53
N TYR A 261 3.72 -31.03 47.50
CA TYR A 261 2.34 -31.43 47.84
C TYR A 261 2.22 -32.83 48.47
N TYR A 262 2.66 -33.93 47.85
CA TYR A 262 2.50 -35.30 48.24
C TYR A 262 3.59 -35.52 49.19
N GLN A 263 3.99 -34.47 49.87
CA GLN A 263 5.02 -34.58 50.87
C GLN A 263 4.48 -34.13 52.15
N LEU A 264 3.89 -32.98 52.18
CA LEU A 264 3.25 -32.63 53.40
C LEU A 264 1.85 -32.88 52.99
N LYS A 265 1.39 -34.09 53.16
CA LYS A 265 0.03 -34.40 52.82
C LYS A 265 -0.62 -34.30 54.15
N TYR A 266 0.06 -34.84 55.18
CA TYR A 266 -0.47 -34.83 56.55
C TYR A 266 0.85 -35.02 57.25
N THR A 267 1.95 -34.80 56.51
CA THR A 267 3.31 -35.01 57.02
C THR A 267 3.68 -36.49 56.90
N ARG A 268 4.77 -36.95 57.51
CA ARG A 268 5.13 -38.38 57.54
C ARG A 268 5.44 -39.05 56.22
N ASN A 269 5.50 -40.38 56.21
CA ASN A 269 5.70 -41.12 54.97
C ASN A 269 4.41 -41.11 54.19
N ASN A 270 4.50 -41.07 52.87
CA ASN A 270 3.30 -40.90 52.07
C ASN A 270 2.88 -41.87 51.04
N SER A 271 2.09 -41.39 50.11
CA SER A 271 1.47 -42.32 49.21
C SER A 271 2.13 -42.61 47.93
N GLN A 272 1.32 -42.67 46.88
CA GLN A 272 1.86 -43.03 45.60
C GLN A 272 0.94 -42.56 44.52
N ILE A 273 1.41 -42.61 43.29
CA ILE A 273 0.57 -42.29 42.16
C ILE A 273 1.33 -42.82 41.03
N ARG A 274 0.76 -42.75 39.84
CA ARG A 274 1.45 -43.18 38.62
C ARG A 274 0.72 -42.85 37.35
N PRO A 275 0.25 -41.60 37.20
CA PRO A 275 -0.53 -41.34 35.99
C PRO A 275 0.20 -41.65 34.72
N ILE A 276 -0.56 -41.96 33.67
CA ILE A 276 0.10 -42.14 32.40
C ILE A 276 0.51 -40.72 32.09
N THR A 277 1.77 -40.52 31.75
CA THR A 277 2.27 -39.17 31.49
C THR A 277 2.84 -39.02 30.10
N LYS A 278 2.03 -38.53 29.16
CA LYS A 278 2.51 -38.29 27.80
C LYS A 278 1.68 -37.24 27.10
N LEU A 279 0.45 -37.03 27.58
CA LEU A 279 -0.45 -36.08 26.93
C LEU A 279 -1.04 -35.06 27.91
N GLY A 280 -1.76 -35.53 28.93
CA GLY A 280 -2.39 -34.63 29.90
C GLY A 280 -3.29 -35.36 30.86
N CYS A 281 -3.76 -34.67 31.91
CA CYS A 281 -4.62 -35.28 32.95
C CYS A 281 -4.07 -36.53 33.62
N LEU A 282 -4.88 -37.58 33.76
CA LEU A 282 -4.41 -38.88 34.28
C LEU A 282 -4.01 -39.02 35.76
N GLY A 283 -4.00 -40.25 36.26
CA GLY A 283 -3.66 -40.52 37.65
C GLY A 283 -3.89 -41.98 37.98
N LEU A 284 -2.92 -42.64 38.61
CA LEU A 284 -3.05 -44.06 39.03
C LEU A 284 -3.11 -45.14 37.95
N CYS A 285 -3.14 -44.74 36.68
CA CYS A 285 -3.09 -45.74 35.63
C CYS A 285 -1.63 -45.97 35.27
N GLY A 286 -0.91 -46.77 36.06
CA GLY A 286 0.52 -46.92 35.76
C GLY A 286 1.39 -47.65 36.75
N GLN A 287 2.69 -47.38 36.73
CA GLN A 287 3.62 -48.11 37.58
C GLN A 287 4.53 -47.29 38.47
N LYS A 288 4.66 -45.99 38.23
CA LYS A 288 5.59 -45.13 39.00
C LYS A 288 5.23 -44.88 40.47
N VAL A 289 5.12 -45.93 41.29
CA VAL A 289 4.70 -45.82 42.70
C VAL A 289 5.59 -45.07 43.69
N ASP A 290 6.05 -45.76 44.71
CA ASP A 290 6.92 -45.16 45.73
C ASP A 290 6.44 -44.01 46.61
N ALA A 291 6.93 -42.74 46.23
CA ALA A 291 6.62 -41.41 46.94
C ALA A 291 7.26 -39.91 46.85
N ILE A 292 7.38 -39.37 48.06
CA ILE A 292 7.91 -37.99 48.23
C ILE A 292 9.03 -37.27 47.43
N GLU A 293 8.77 -36.00 47.01
CA GLU A 293 9.72 -35.20 46.17
C GLU A 293 9.89 -35.70 44.76
N HIS A 294 8.77 -36.39 44.42
CA HIS A 294 8.70 -36.82 43.07
C HIS A 294 9.99 -37.52 43.12
N TYR A 295 9.99 -38.49 44.11
CA TYR A 295 11.17 -39.28 44.40
C TYR A 295 12.19 -38.15 44.43
N ILE A 296 12.58 -37.53 45.60
CA ILE A 296 13.40 -36.22 45.64
C ILE A 296 14.44 -36.16 44.60
N ALA A 297 14.05 -36.52 43.49
CA ALA A 297 15.20 -36.94 42.62
C ALA A 297 14.95 -36.93 41.20
N GLU A 298 13.67 -36.71 40.84
CA GLU A 298 13.35 -36.46 39.59
C GLU A 298 13.85 -35.19 40.24
N VAL A 299 13.48 -35.05 41.63
CA VAL A 299 14.03 -33.65 41.97
C VAL A 299 15.56 -33.30 41.62
N ASP A 300 16.48 -34.12 42.10
CA ASP A 300 17.87 -33.73 41.88
C ASP A 300 18.50 -33.98 40.53
N LYS A 301 17.91 -34.86 39.73
CA LYS A 301 18.45 -35.02 38.38
C LYS A 301 18.12 -33.77 37.65
N THR A 302 16.91 -33.27 37.86
CA THR A 302 16.67 -32.01 37.20
C THR A 302 17.73 -31.01 37.66
N SER A 303 17.89 -30.87 38.99
CA SER A 303 18.91 -29.85 39.34
C SER A 303 20.31 -30.02 38.72
N LYS A 304 20.81 -31.23 38.63
CA LYS A 304 22.10 -31.44 37.91
C LYS A 304 22.13 -31.07 36.42
N GLU A 305 21.14 -31.55 35.68
CA GLU A 305 21.09 -31.11 34.28
C GLU A 305 21.13 -29.61 34.24
N ILE A 306 20.36 -28.95 35.12
CA ILE A 306 20.34 -27.50 35.19
C ILE A 306 21.70 -26.94 35.30
N ALA A 307 22.44 -27.29 36.34
CA ALA A 307 23.84 -26.77 36.34
C ALA A 307 24.70 -27.03 35.07
N GLU A 308 24.71 -28.26 34.58
CA GLU A 308 25.47 -28.45 33.31
C GLU A 308 25.04 -27.58 32.12
N GLU A 309 23.74 -27.44 31.91
CA GLU A 309 23.23 -26.59 30.84
C GLU A 309 23.71 -25.22 31.05
N ARG A 310 23.57 -24.71 32.27
CA ARG A 310 24.06 -23.37 32.56
C ARG A 310 25.43 -23.25 32.02
N GLU A 311 26.34 -24.07 32.54
CA GLU A 311 27.70 -24.04 31.97
C GLU A 311 27.79 -23.97 30.46
N ASN A 312 27.35 -24.99 29.77
CA ASN A 312 27.51 -24.98 28.32
C ASN A 312 27.03 -23.69 27.69
N VAL A 313 25.80 -23.30 27.99
CA VAL A 313 25.25 -22.13 27.38
C VAL A 313 26.18 -20.99 27.57
N VAL A 314 26.39 -20.63 28.82
CA VAL A 314 27.19 -19.43 29.09
C VAL A 314 28.62 -19.45 28.55
N ASN A 315 29.21 -20.60 28.36
CA ASN A 315 30.54 -20.59 27.74
C ASN A 315 30.69 -20.83 26.20
N ASP A 316 29.62 -21.16 25.48
CA ASP A 316 29.81 -21.47 24.04
C ASP A 316 29.69 -20.73 22.62
N GLN A 317 29.49 -19.42 22.36
CA GLN A 317 29.36 -18.75 21.05
C GLN A 317 28.85 -19.69 20.01
N LYS A 318 28.00 -20.62 20.41
CA LYS A 318 27.40 -21.58 19.49
C LYS A 318 25.96 -21.37 19.84
N SER A 319 25.74 -20.79 21.00
CA SER A 319 24.41 -20.48 21.37
C SER A 319 24.18 -18.99 21.35
N VAL A 320 24.88 -18.20 20.51
CA VAL A 320 24.63 -16.78 20.39
C VAL A 320 23.95 -16.61 19.10
N MET A 321 22.88 -15.86 19.05
CA MET A 321 22.07 -15.72 17.89
C MET A 321 22.43 -14.51 17.20
N PRO A 322 22.18 -14.47 15.92
CA PRO A 322 22.60 -13.32 15.19
C PRO A 322 21.82 -12.04 15.49
N ALA A 323 21.68 -11.58 16.73
CA ALA A 323 20.92 -10.42 17.07
C ALA A 323 21.36 -9.83 18.39
N SER A 324 21.07 -8.57 18.68
CA SER A 324 21.44 -7.88 19.89
C SER A 324 20.46 -6.82 20.20
N PHE A 325 20.57 -6.13 21.32
CA PHE A 325 19.70 -5.08 21.72
C PHE A 325 20.63 -3.93 21.99
N VAL A 326 20.67 -2.85 21.23
CA VAL A 326 21.61 -1.78 21.39
C VAL A 326 21.02 -0.62 22.05
N SER A 327 21.68 0.00 23.01
CA SER A 327 21.22 1.14 23.71
C SER A 327 22.00 2.38 23.55
N PHE A 328 21.37 3.51 23.64
CA PHE A 328 21.95 4.78 23.36
C PHE A 328 21.87 5.76 24.48
N LYS A 329 22.55 6.85 24.39
CA LYS A 329 22.63 7.78 25.45
C LYS A 329 21.51 8.76 25.49
N THR A 330 20.70 8.83 24.45
CA THR A 330 19.62 9.73 24.35
C THR A 330 18.49 9.01 23.73
N ARG A 331 17.30 9.56 23.76
CA ARG A 331 16.11 9.02 23.19
C ARG A 331 15.94 9.56 21.85
N TRP A 332 16.67 10.55 21.42
CA TRP A 332 16.64 11.10 20.13
C TRP A 332 17.46 10.27 19.28
N ALA A 333 18.54 9.67 19.75
CA ALA A 333 19.44 8.86 19.02
C ALA A 333 18.96 7.58 18.75
N ALA A 334 18.07 7.06 19.52
CA ALA A 334 17.51 5.77 19.39
C ALA A 334 16.39 5.76 18.51
N ALA A 335 15.78 6.89 18.28
CA ALA A 335 14.67 7.05 17.41
C ALA A 335 15.10 7.34 16.08
N VAL A 336 16.35 7.53 15.83
CA VAL A 336 16.92 7.78 14.57
C VAL A 336 17.45 6.46 14.11
N CYS A 337 17.74 5.51 14.96
CA CYS A 337 18.18 4.20 14.59
C CYS A 337 17.02 3.29 14.36
N ALA A 338 15.84 3.64 14.79
CA ALA A 338 14.68 2.89 14.54
C ALA A 338 13.97 3.32 13.31
N GLN A 339 14.14 4.52 12.79
CA GLN A 339 13.52 4.94 11.60
C GLN A 339 14.39 5.28 10.47
N THR A 340 15.56 4.68 10.35
CA THR A 340 16.53 4.97 9.36
C THR A 340 17.09 3.63 8.82
N THR A 341 17.59 3.53 7.58
CA THR A 341 18.17 2.32 7.00
C THR A 341 19.60 2.34 7.20
N GLN A 342 20.20 1.21 7.51
CA GLN A 342 21.55 1.20 7.90
C GLN A 342 22.54 0.68 6.98
N THR A 343 22.17 -0.18 6.07
CA THR A 343 23.08 -0.82 5.15
C THR A 343 22.44 -0.99 3.80
N ARG A 344 23.17 -1.42 2.79
CA ARG A 344 22.73 -1.60 1.42
C ARG A 344 22.10 -2.88 1.13
N ASN A 345 22.15 -3.82 2.04
CA ASN A 345 21.53 -5.10 1.90
C ASN A 345 20.32 -4.94 2.69
N PRO A 346 19.19 -5.02 2.06
CA PRO A 346 17.94 -4.73 2.73
C PRO A 346 17.47 -5.69 3.77
N THR A 347 18.19 -6.74 4.00
CA THR A 347 17.79 -7.79 4.90
C THR A 347 18.76 -8.07 6.00
N GLU A 348 19.73 -7.23 6.23
CA GLU A 348 20.72 -7.44 7.19
C GLU A 348 20.75 -6.22 7.97
N TRP A 349 21.02 -6.29 9.25
CA TRP A 349 21.09 -5.19 10.15
C TRP A 349 19.83 -4.46 10.24
N LEU A 350 18.79 -5.02 10.81
CA LEU A 350 17.49 -4.43 10.83
C LEU A 350 16.91 -3.99 12.11
N THR A 351 17.03 -2.73 12.45
CA THR A 351 16.60 -2.13 13.70
C THR A 351 15.14 -1.72 13.88
N GLU A 352 14.54 -1.90 15.05
CA GLU A 352 13.16 -1.57 15.33
C GLU A 352 13.27 -1.06 16.71
N TRP A 353 12.27 -1.02 17.54
CA TRP A 353 12.33 -0.45 18.82
C TRP A 353 12.08 -1.60 19.59
N ALA A 354 12.63 -1.69 20.76
CA ALA A 354 12.48 -2.80 21.58
C ALA A 354 11.32 -2.67 22.49
N ALA A 355 10.79 -3.76 22.93
CA ALA A 355 9.70 -3.77 23.79
C ALA A 355 10.21 -3.62 25.12
N GLU A 356 9.36 -3.58 26.10
CA GLU A 356 9.83 -3.32 27.39
C GLU A 356 10.28 -4.61 27.83
N PRO A 357 11.27 -4.66 28.68
CA PRO A 357 11.83 -5.94 28.93
C PRO A 357 10.84 -6.95 29.43
N ARG A 358 9.63 -6.58 29.87
CA ARG A 358 8.54 -7.44 30.37
C ARG A 358 7.45 -7.82 29.37
N ASP A 359 7.45 -7.29 28.16
CA ASP A 359 6.55 -7.62 27.15
C ASP A 359 7.45 -8.21 26.18
N ILE A 360 8.27 -9.19 26.50
CA ILE A 360 9.11 -9.84 25.54
C ILE A 360 8.80 -11.25 25.72
N TYR A 361 8.57 -12.00 24.65
CA TYR A 361 8.29 -13.40 24.65
C TYR A 361 9.59 -13.90 24.26
N TRP A 362 10.37 -14.35 25.21
CA TRP A 362 11.68 -14.74 24.97
C TRP A 362 11.76 -16.00 24.29
N PRO A 363 10.79 -16.87 24.45
CA PRO A 363 10.94 -18.05 23.64
C PRO A 363 11.01 -17.98 22.10
N ASN A 364 10.83 -16.87 21.42
CA ASN A 364 10.80 -16.77 20.00
C ASN A 364 11.76 -15.77 19.55
N LEU A 365 12.75 -15.46 20.34
CA LEU A 365 13.81 -14.53 20.00
C LEU A 365 14.92 -15.40 19.55
N ALA A 366 14.78 -16.69 19.70
CA ALA A 366 15.75 -17.65 19.31
C ALA A 366 15.28 -18.53 18.22
N ILE A 367 14.59 -18.03 17.22
CA ILE A 367 14.09 -18.77 16.12
C ILE A 367 14.83 -18.10 14.99
N PRO A 368 15.43 -18.86 14.05
CA PRO A 368 16.09 -18.28 12.87
C PRO A 368 15.23 -17.25 12.11
N TYR A 369 15.56 -16.62 10.96
CA TYR A 369 14.63 -15.70 10.15
C TYR A 369 13.82 -16.28 8.86
N VAL A 370 14.46 -17.27 8.29
CA VAL A 370 13.84 -17.89 7.15
C VAL A 370 12.69 -18.77 7.59
N SER A 371 12.89 -19.24 8.79
CA SER A 371 11.93 -20.11 9.25
C SER A 371 10.76 -19.23 9.41
N LEU A 372 10.93 -18.04 9.88
CA LEU A 372 9.83 -17.10 10.09
C LEU A 372 8.99 -17.09 8.87
N THR A 373 9.60 -16.75 7.74
CA THR A 373 8.65 -16.88 6.54
C THR A 373 7.88 -18.25 6.23
N VAL A 374 8.62 -19.35 6.17
CA VAL A 374 7.84 -20.60 6.00
C VAL A 374 6.74 -20.82 7.06
N ARG A 375 6.99 -20.44 8.30
CA ARG A 375 6.06 -20.62 9.40
C ARG A 375 4.82 -19.84 9.15
N ARG A 376 5.00 -18.60 8.82
CA ARG A 376 3.84 -17.85 8.46
C ARG A 376 2.97 -18.53 7.44
N LEU A 377 3.57 -18.98 6.33
CA LEU A 377 2.72 -19.80 5.37
C LEU A 377 1.98 -21.02 5.93
N VAL A 378 2.71 -21.90 6.59
CA VAL A 378 2.01 -23.00 7.24
C VAL A 378 0.80 -22.57 8.14
N MET A 379 0.94 -21.48 8.89
CA MET A 379 -0.15 -21.05 9.74
C MET A 379 -1.32 -20.51 8.93
N ASN A 380 -1.07 -19.76 7.87
CA ASN A 380 -2.20 -19.40 6.98
C ASN A 380 -2.97 -20.65 6.46
N VAL A 381 -2.23 -21.68 6.05
CA VAL A 381 -2.97 -22.94 5.69
C VAL A 381 -3.83 -23.55 6.81
N ALA A 382 -3.26 -23.65 8.00
CA ALA A 382 -4.07 -24.14 9.10
C ALA A 382 -5.30 -23.32 9.33
N PHE A 383 -5.19 -22.02 9.21
CA PHE A 383 -6.37 -21.16 9.31
C PHE A 383 -7.44 -21.55 8.32
N PHE A 384 -7.12 -21.57 7.05
CA PHE A 384 -8.15 -22.09 6.12
C PHE A 384 -8.83 -23.43 6.57
N PHE A 385 -8.03 -24.42 6.94
CA PHE A 385 -8.74 -25.64 7.42
C PHE A 385 -9.65 -25.53 8.69
N LEU A 386 -9.22 -24.77 9.67
CA LEU A 386 -10.06 -24.52 10.82
C LEU A 386 -11.33 -23.87 10.36
N THR A 387 -11.25 -22.85 9.54
CA THR A 387 -12.48 -22.27 8.99
C THR A 387 -13.45 -23.33 8.45
N PHE A 388 -12.99 -24.21 7.57
CA PHE A 388 -13.91 -25.35 7.19
C PHE A 388 -14.56 -26.29 8.32
N PHE A 389 -13.72 -26.78 9.22
CA PHE A 389 -14.36 -27.58 10.32
C PHE A 389 -15.40 -26.77 11.15
N PHE A 390 -15.09 -25.51 11.24
CA PHE A 390 -16.06 -24.75 11.96
C PHE A 390 -17.34 -24.61 11.20
N ILE A 391 -17.32 -24.33 9.90
CA ILE A 391 -18.57 -24.40 9.15
C ILE A 391 -19.37 -25.62 9.57
N ILE A 392 -18.72 -26.78 9.59
CA ILE A 392 -19.53 -27.93 10.18
C ILE A 392 -20.25 -27.71 11.55
N PRO A 393 -19.45 -27.57 12.66
CA PRO A 393 -20.28 -27.22 13.84
C PRO A 393 -21.31 -26.07 13.77
N ILE A 394 -21.01 -25.02 13.02
CA ILE A 394 -21.95 -23.90 12.81
C ILE A 394 -23.27 -24.31 12.22
N ALA A 395 -23.28 -25.13 11.19
CA ALA A 395 -24.56 -25.58 10.73
C ALA A 395 -25.23 -26.50 11.67
N PHE A 396 -24.47 -27.32 12.36
CA PHE A 396 -25.19 -28.08 13.37
C PHE A 396 -26.01 -27.14 14.23
N VAL A 397 -25.40 -26.09 14.80
CA VAL A 397 -26.18 -25.08 15.57
C VAL A 397 -27.33 -24.49 14.84
N GLN A 398 -27.16 -23.98 13.64
CA GLN A 398 -28.27 -23.45 12.85
C GLN A 398 -29.38 -24.36 12.48
N SER A 399 -29.23 -25.67 12.66
CA SER A 399 -30.37 -26.61 12.50
C SER A 399 -31.28 -26.75 13.71
N LEU A 400 -30.90 -26.36 14.91
CA LEU A 400 -31.59 -26.43 16.13
C LEU A 400 -32.32 -25.12 16.24
N ALA A 401 -31.85 -24.08 15.56
CA ALA A 401 -32.47 -22.75 15.60
C ALA A 401 -33.55 -22.53 14.60
N THR A 402 -33.47 -23.15 13.44
CA THR A 402 -34.52 -23.07 12.47
C THR A 402 -35.18 -24.43 12.42
N ILE A 403 -35.66 -24.95 13.54
CA ILE A 403 -36.24 -26.28 13.61
C ILE A 403 -37.70 -26.35 13.20
N GLU A 404 -38.43 -25.25 13.26
CA GLU A 404 -39.83 -25.25 12.94
C GLU A 404 -40.08 -25.16 11.46
N GLY A 405 -39.03 -25.07 10.66
CA GLY A 405 -39.17 -25.05 9.23
C GLY A 405 -38.46 -26.25 8.67
N ILE A 406 -37.77 -26.98 9.52
CA ILE A 406 -37.06 -28.14 9.09
C ILE A 406 -38.05 -29.20 9.40
N GLU A 407 -39.03 -28.85 10.21
CA GLU A 407 -40.06 -29.79 10.55
C GLU A 407 -41.34 -29.47 9.87
N LYS A 408 -41.26 -29.22 8.56
CA LYS A 408 -42.41 -28.95 7.76
C LYS A 408 -42.17 -29.76 6.50
N VAL A 409 -40.97 -29.65 5.93
CA VAL A 409 -40.58 -30.46 4.76
C VAL A 409 -39.95 -31.71 5.28
N ALA A 410 -40.08 -31.93 6.58
CA ALA A 410 -39.64 -33.15 7.15
C ALA A 410 -40.44 -33.23 8.41
N PRO A 411 -41.72 -33.62 8.32
CA PRO A 411 -42.52 -33.83 9.54
C PRO A 411 -42.17 -35.17 10.14
N PHE A 412 -40.92 -35.37 10.53
CA PHE A 412 -40.46 -36.69 10.97
C PHE A 412 -40.19 -36.88 12.44
N LEU A 413 -38.92 -36.99 12.80
CA LEU A 413 -38.54 -37.22 14.17
C LEU A 413 -39.27 -36.25 15.05
N LYS A 414 -38.92 -34.95 14.99
CA LYS A 414 -39.64 -33.90 15.71
C LYS A 414 -39.71 -33.87 17.26
N VAL A 415 -40.01 -32.69 17.86
CA VAL A 415 -40.16 -32.54 19.31
C VAL A 415 -41.58 -32.87 19.47
N ILE A 416 -41.95 -34.14 19.40
CA ILE A 416 -43.35 -34.50 19.40
C ILE A 416 -43.97 -33.60 18.35
N ILE A 417 -43.51 -33.72 17.10
CA ILE A 417 -43.97 -32.84 16.02
C ILE A 417 -44.06 -31.37 16.48
N GLU A 418 -42.92 -30.74 16.85
CA GLU A 418 -42.87 -29.32 17.36
C GLU A 418 -44.06 -28.73 18.15
N LYS A 419 -44.86 -29.57 18.80
CA LYS A 419 -45.94 -29.06 19.63
C LYS A 419 -45.27 -28.91 20.97
N ASP A 420 -46.02 -28.65 22.05
CA ASP A 420 -45.39 -28.33 23.33
C ASP A 420 -44.56 -27.13 22.96
N PHE A 421 -45.15 -25.96 22.81
CA PHE A 421 -44.39 -24.81 22.32
C PHE A 421 -43.40 -24.15 23.26
N ILE A 422 -43.40 -24.43 24.56
CA ILE A 422 -42.34 -23.85 25.38
C ILE A 422 -41.02 -24.48 24.91
N LYS A 423 -41.05 -25.76 24.63
CA LYS A 423 -39.87 -26.38 24.09
C LYS A 423 -39.19 -25.67 22.88
N SER A 424 -39.89 -25.16 21.88
CA SER A 424 -39.18 -24.55 20.75
C SER A 424 -38.48 -23.19 21.04
N LEU A 425 -39.01 -22.47 22.02
CA LEU A 425 -38.35 -21.26 22.42
C LEU A 425 -37.11 -21.65 23.22
N ILE A 426 -37.30 -22.69 23.99
CA ILE A 426 -36.14 -23.11 24.67
C ILE A 426 -35.11 -23.51 23.62
N GLN A 427 -35.48 -24.08 22.47
CA GLN A 427 -34.50 -24.35 21.37
C GLN A 427 -33.80 -23.11 20.84
N GLY A 428 -34.50 -22.02 20.54
CA GLY A 428 -33.75 -20.74 20.31
C GLY A 428 -32.61 -20.48 21.43
N LEU A 429 -33.00 -20.43 22.74
CA LEU A 429 -31.91 -20.38 23.83
C LEU A 429 -30.73 -21.47 23.74
N LEU A 430 -31.08 -22.71 23.46
CA LEU A 430 -30.06 -23.74 23.29
C LEU A 430 -29.11 -23.51 22.12
N ALA A 431 -29.63 -23.04 20.99
CA ALA A 431 -28.73 -22.69 19.91
C ALA A 431 -27.69 -21.69 20.41
N GLY A 432 -28.21 -20.62 21.04
CA GLY A 432 -27.20 -19.74 21.65
C GLY A 432 -26.08 -20.40 22.47
N ILE A 433 -26.48 -21.18 23.48
CA ILE A 433 -25.43 -21.91 24.25
C ILE A 433 -24.43 -22.77 23.49
N ALA A 434 -24.90 -23.54 22.52
CA ALA A 434 -23.93 -24.26 21.65
C ALA A 434 -22.84 -23.38 20.93
N LEU A 435 -23.34 -22.33 20.27
CA LEU A 435 -22.30 -21.47 19.68
C LEU A 435 -21.33 -20.96 20.78
N LYS A 436 -21.84 -20.49 21.91
CA LYS A 436 -20.90 -20.10 22.98
C LYS A 436 -19.73 -21.11 23.21
N LEU A 437 -20.13 -22.34 23.52
CA LEU A 437 -19.09 -23.36 23.67
C LEU A 437 -17.90 -23.50 22.57
N PHE A 438 -18.45 -23.67 21.36
CA PHE A 438 -17.39 -23.72 20.33
C PHE A 438 -16.39 -22.50 20.32
N LEU A 439 -17.03 -21.36 20.35
CA LEU A 439 -16.18 -20.22 20.27
C LEU A 439 -15.10 -20.04 21.43
N ILE A 440 -15.43 -20.48 22.64
CA ILE A 440 -14.33 -20.54 23.70
C ILE A 440 -12.96 -21.23 23.31
N PHE A 441 -13.27 -22.49 22.95
CA PHE A 441 -11.86 -23.01 22.59
C PHE A 441 -11.14 -22.28 21.40
N LEU A 442 -11.95 -21.74 20.47
CA LEU A 442 -11.30 -20.84 19.42
C LEU A 442 -10.33 -19.80 19.97
N PRO A 443 -10.84 -18.85 20.83
CA PRO A 443 -9.72 -18.02 21.37
C PRO A 443 -8.39 -18.67 21.73
N ALA A 444 -8.53 -19.70 22.59
CA ALA A 444 -7.10 -20.28 22.82
C ALA A 444 -6.28 -20.84 21.65
N ILE A 445 -6.92 -21.60 20.77
CA ILE A 445 -6.18 -22.04 19.55
C ILE A 445 -5.54 -20.94 18.77
N LEU A 446 -6.24 -19.88 18.55
CA LEU A 446 -5.66 -18.84 17.76
C LEU A 446 -4.44 -18.24 18.45
N MET A 447 -4.49 -18.04 19.77
CA MET A 447 -3.18 -17.65 20.41
C MET A 447 -2.05 -18.60 20.22
N THR A 448 -2.29 -19.89 20.40
CA THR A 448 -1.21 -20.83 20.04
C THR A 448 -0.72 -20.68 18.62
N MET A 449 -1.54 -20.53 17.62
CA MET A 449 -1.01 -20.25 16.27
C MET A 449 -0.30 -18.98 16.07
N SER A 450 -0.53 -17.96 16.86
CA SER A 450 0.27 -16.74 16.77
C SER A 450 1.58 -16.86 17.42
N LYS A 451 1.69 -17.70 18.43
CA LYS A 451 3.02 -17.89 18.96
C LYS A 451 3.94 -18.80 18.16
N PHE A 452 3.61 -19.29 16.97
CA PHE A 452 4.38 -20.18 16.09
C PHE A 452 4.94 -19.40 14.96
N GLU A 453 4.18 -18.56 14.31
CA GLU A 453 4.65 -17.68 13.34
C GLU A 453 5.74 -16.76 13.79
N GLY A 454 6.19 -16.81 15.01
CA GLY A 454 7.33 -16.06 15.48
C GLY A 454 7.44 -14.70 16.07
N PHE A 455 6.44 -14.14 16.71
CA PHE A 455 6.48 -12.78 17.18
C PHE A 455 7.14 -12.76 18.51
N THR A 456 7.61 -11.64 19.00
CA THR A 456 8.40 -11.58 20.20
C THR A 456 7.98 -10.59 21.25
N SER A 457 6.75 -10.08 21.24
CA SER A 457 6.27 -9.11 22.14
C SER A 457 5.03 -9.72 22.45
N VAL A 458 4.47 -9.49 23.60
CA VAL A 458 3.31 -10.15 24.04
C VAL A 458 2.16 -9.32 23.68
N SER A 459 2.39 -8.15 23.17
CA SER A 459 1.39 -7.25 22.76
C SER A 459 1.05 -7.34 21.37
N PHE A 460 1.92 -7.82 20.54
CA PHE A 460 1.64 -8.08 19.17
C PHE A 460 1.06 -9.43 18.98
N LEU A 461 1.40 -10.39 19.79
CA LEU A 461 0.76 -11.66 19.72
C LEU A 461 -0.71 -11.44 19.99
N GLU A 462 -1.13 -10.68 20.98
CA GLU A 462 -2.52 -10.34 21.18
C GLU A 462 -3.22 -9.61 20.06
N ARG A 463 -2.59 -8.64 19.47
CA ARG A 463 -3.15 -7.94 18.40
C ARG A 463 -3.40 -8.86 17.24
N ARG A 464 -2.49 -9.79 16.98
CA ARG A 464 -2.64 -10.71 15.88
C ARG A 464 -3.72 -11.66 16.11
N SER A 465 -3.80 -12.16 17.31
CA SER A 465 -4.86 -13.02 17.64
C SER A 465 -6.20 -12.39 17.48
N ALA A 466 -6.41 -11.15 17.87
CA ALA A 466 -7.64 -10.43 17.63
C ALA A 466 -7.98 -10.22 16.20
N SER A 467 -7.03 -9.88 15.38
CA SER A 467 -7.34 -9.84 13.97
C SER A 467 -7.78 -11.13 13.35
N ARG A 468 -7.16 -12.21 13.74
CA ARG A 468 -7.61 -13.46 13.24
C ARG A 468 -8.95 -13.85 13.73
N TYR A 469 -9.28 -13.54 14.96
CA TYR A 469 -10.59 -13.83 15.39
C TYR A 469 -11.51 -13.10 14.63
N TYR A 470 -11.29 -11.86 14.30
CA TYR A 470 -12.19 -11.14 13.45
C TYR A 470 -12.44 -11.85 12.24
N ILE A 471 -11.45 -12.13 11.44
CA ILE A 471 -11.80 -12.90 10.23
C ILE A 471 -12.64 -14.14 10.47
N PHE A 472 -12.22 -15.02 11.36
CA PHE A 472 -12.99 -16.20 11.67
C PHE A 472 -14.35 -15.78 11.93
N ASN A 473 -14.67 -15.00 12.97
CA ASN A 473 -16.03 -14.49 13.36
C ASN A 473 -16.64 -14.10 12.16
N LEU A 474 -16.32 -13.02 11.46
CA LEU A 474 -16.96 -12.67 10.17
C LEU A 474 -17.36 -13.87 9.47
N VAL A 475 -16.47 -14.47 8.70
CA VAL A 475 -16.90 -15.59 7.88
C VAL A 475 -17.76 -16.50 8.61
N ASN A 476 -17.20 -17.29 9.44
CA ASN A 476 -18.04 -18.28 10.04
C ASN A 476 -19.29 -17.78 10.65
N VAL A 477 -19.24 -17.03 11.67
CA VAL A 477 -20.47 -16.78 12.35
C VAL A 477 -21.41 -16.11 11.48
N PHE A 478 -21.00 -15.03 10.91
CA PHE A 478 -21.97 -14.27 10.24
C PHE A 478 -22.48 -14.94 9.06
N LEU A 479 -21.59 -15.31 8.21
CA LEU A 479 -22.06 -15.76 6.97
C LEU A 479 -22.47 -17.15 6.94
N GLY A 480 -22.07 -17.91 7.90
CA GLY A 480 -22.31 -19.30 7.85
C GLY A 480 -23.65 -19.37 8.39
N SER A 481 -23.93 -18.54 9.36
CA SER A 481 -25.17 -18.67 9.97
C SER A 481 -26.12 -18.24 8.96
N VAL A 482 -25.83 -17.17 8.27
CA VAL A 482 -26.80 -16.66 7.36
C VAL A 482 -27.11 -17.74 6.38
N ILE A 483 -26.12 -18.27 5.69
CA ILE A 483 -26.33 -19.28 4.70
C ILE A 483 -27.07 -20.48 5.18
N ALA A 484 -26.67 -21.10 6.24
CA ALA A 484 -27.32 -22.29 6.67
C ALA A 484 -28.73 -22.06 7.18
N GLY A 485 -28.95 -20.98 7.84
CA GLY A 485 -30.24 -20.79 8.38
C GLY A 485 -31.12 -20.61 7.22
N ALA A 486 -30.67 -19.80 6.28
CA ALA A 486 -31.44 -19.52 5.10
C ALA A 486 -31.85 -20.83 4.60
N ALA A 487 -30.88 -21.63 4.16
CA ALA A 487 -31.17 -22.97 3.73
C ALA A 487 -32.29 -23.57 4.50
N PHE A 488 -32.11 -24.14 5.65
CA PHE A 488 -33.20 -24.83 6.34
C PHE A 488 -34.74 -24.39 6.23
N GLU A 489 -35.11 -23.19 6.69
CA GLU A 489 -36.52 -22.70 6.56
C GLU A 489 -37.02 -22.45 5.13
N GLN A 490 -36.25 -21.63 4.52
CA GLN A 490 -36.70 -21.47 3.23
C GLN A 490 -36.27 -22.67 2.39
N LEU A 491 -35.79 -23.81 2.92
CA LEU A 491 -35.40 -25.06 2.20
C LEU A 491 -36.66 -25.67 2.08
N ASN A 492 -37.34 -25.67 3.21
CA ASN A 492 -38.72 -26.09 3.00
C ASN A 492 -39.24 -25.34 1.76
N SER A 493 -39.23 -24.00 1.82
CA SER A 493 -39.86 -23.35 0.59
C SER A 493 -39.22 -23.62 -0.74
N PHE A 494 -37.91 -23.84 -0.81
CA PHE A 494 -37.13 -24.13 -2.00
C PHE A 494 -37.44 -25.45 -2.63
N LEU A 495 -37.73 -26.46 -1.84
CA LEU A 495 -38.09 -27.68 -2.52
C LEU A 495 -39.35 -27.49 -3.42
N ASN A 496 -40.51 -27.18 -2.92
CA ASN A 496 -41.79 -27.01 -3.58
C ASN A 496 -41.95 -25.77 -4.43
N GLN A 497 -40.88 -25.25 -5.02
CA GLN A 497 -40.97 -24.14 -5.95
C GLN A 497 -39.94 -24.41 -7.01
N SER A 498 -39.43 -23.39 -7.69
CA SER A 498 -38.47 -23.58 -8.78
C SER A 498 -37.21 -22.78 -8.56
N PRO A 499 -36.06 -23.23 -9.11
CA PRO A 499 -34.77 -22.52 -8.97
C PRO A 499 -34.66 -21.10 -9.51
N ASN A 500 -35.65 -20.20 -9.39
CA ASN A 500 -35.45 -18.71 -9.62
C ASN A 500 -35.78 -18.01 -8.24
N GLN A 501 -36.72 -18.68 -7.69
CA GLN A 501 -37.05 -18.16 -6.45
C GLN A 501 -35.92 -18.43 -5.53
N ILE A 502 -34.81 -18.97 -5.94
CA ILE A 502 -33.72 -19.04 -4.97
C ILE A 502 -33.39 -17.59 -4.42
N PRO A 503 -33.02 -16.61 -5.27
CA PRO A 503 -32.81 -15.24 -4.78
C PRO A 503 -33.80 -14.47 -3.84
N LYS A 504 -35.04 -14.38 -4.23
CA LYS A 504 -35.97 -13.75 -3.35
C LYS A 504 -36.06 -14.41 -1.94
N THR A 505 -36.02 -15.72 -1.97
CA THR A 505 -36.11 -16.38 -0.71
C THR A 505 -34.84 -16.03 0.06
N ILE A 506 -33.67 -16.11 -0.53
CA ILE A 506 -32.48 -15.60 0.13
C ILE A 506 -32.67 -14.20 0.82
N GLY A 507 -33.16 -13.16 0.13
CA GLY A 507 -33.46 -11.88 0.81
C GLY A 507 -34.30 -11.99 2.12
N MET A 508 -35.47 -12.58 1.93
CA MET A 508 -36.16 -12.68 3.24
C MET A 508 -35.42 -13.52 4.40
N ALA A 509 -34.78 -14.57 4.00
CA ALA A 509 -34.08 -15.28 5.04
C ALA A 509 -32.96 -14.46 5.73
N ILE A 510 -32.22 -13.62 5.01
CA ILE A 510 -31.30 -12.67 5.73
C ILE A 510 -32.01 -11.86 6.87
N PRO A 511 -33.06 -11.13 6.43
CA PRO A 511 -33.68 -10.59 7.68
C PRO A 511 -34.12 -11.56 8.98
N MET A 512 -34.55 -12.76 8.63
CA MET A 512 -34.77 -13.70 9.83
C MET A 512 -33.51 -14.15 10.66
N LYS A 513 -32.43 -14.30 9.93
CA LYS A 513 -31.24 -14.60 10.68
C LYS A 513 -30.99 -13.48 11.65
N ALA A 514 -31.35 -12.25 11.27
CA ALA A 514 -31.30 -11.16 12.34
C ALA A 514 -31.95 -11.50 13.57
N THR A 515 -33.20 -11.78 13.43
CA THR A 515 -33.77 -12.32 14.76
C THR A 515 -32.93 -13.40 15.62
N PHE A 516 -32.42 -14.43 14.97
CA PHE A 516 -31.46 -15.33 15.78
C PHE A 516 -30.27 -14.61 16.42
N PHE A 517 -29.63 -13.73 15.65
CA PHE A 517 -28.55 -12.91 16.22
C PHE A 517 -29.01 -12.21 17.45
N ILE A 518 -30.16 -11.58 17.46
CA ILE A 518 -30.75 -10.99 18.72
C ILE A 518 -30.67 -11.93 19.82
N THR A 519 -31.28 -13.08 19.68
CA THR A 519 -31.07 -14.04 20.85
C THR A 519 -29.66 -14.35 21.31
N TYR A 520 -28.77 -14.70 20.39
CA TYR A 520 -27.35 -14.85 20.79
C TYR A 520 -26.81 -13.70 21.53
N ILE A 521 -26.91 -12.47 21.03
CA ILE A 521 -26.50 -11.26 21.81
C ILE A 521 -27.04 -11.40 23.10
N MET A 522 -28.33 -11.35 23.32
CA MET A 522 -28.79 -11.56 24.69
C MET A 522 -27.97 -12.57 25.45
N VAL A 523 -28.07 -13.88 25.23
CA VAL A 523 -27.17 -14.83 26.02
C VAL A 523 -25.80 -14.27 26.18
N ASP A 524 -24.95 -14.37 25.16
CA ASP A 524 -23.57 -13.94 25.31
C ASP A 524 -23.45 -12.67 26.03
N GLY A 525 -23.90 -11.60 25.47
CA GLY A 525 -23.66 -10.31 26.01
C GLY A 525 -24.07 -10.14 27.36
N TRP A 526 -25.31 -10.31 27.56
CA TRP A 526 -25.76 -9.96 28.82
C TRP A 526 -25.26 -10.85 29.88
N ALA A 527 -25.35 -12.13 29.65
CA ALA A 527 -25.08 -12.98 30.75
C ALA A 527 -23.68 -13.15 31.00
N GLY A 528 -22.87 -12.88 30.01
CA GLY A 528 -21.47 -13.11 30.11
C GLY A 528 -20.83 -11.94 30.73
N VAL A 529 -21.33 -10.76 30.43
CA VAL A 529 -20.76 -9.67 31.08
C VAL A 529 -21.17 -9.79 32.51
N ALA A 530 -22.35 -10.24 32.79
CA ALA A 530 -22.68 -10.31 34.19
C ALA A 530 -22.08 -11.45 35.00
N GLY A 531 -21.54 -12.45 34.35
CA GLY A 531 -20.95 -13.56 35.04
C GLY A 531 -19.51 -13.37 35.08
N GLU A 532 -19.02 -12.39 34.37
CA GLU A 532 -17.62 -12.06 34.47
C GLU A 532 -17.30 -11.37 35.74
N ILE A 533 -18.24 -10.70 36.35
CA ILE A 533 -18.00 -10.05 37.58
C ILE A 533 -17.68 -10.98 38.70
N LEU A 534 -17.85 -12.27 38.56
CA LEU A 534 -17.72 -13.15 39.69
C LEU A 534 -16.43 -13.81 39.84
N MET A 535 -15.59 -13.74 38.84
CA MET A 535 -14.26 -14.36 38.84
C MET A 535 -14.22 -15.72 39.48
N LEU A 536 -14.82 -16.71 38.84
CA LEU A 536 -14.95 -18.01 39.43
C LEU A 536 -13.82 -18.98 39.19
N LYS A 537 -13.20 -19.02 38.04
CA LYS A 537 -11.99 -19.83 37.91
C LYS A 537 -10.91 -19.22 38.79
N PRO A 538 -10.65 -17.90 38.70
CA PRO A 538 -9.74 -17.31 39.65
C PRO A 538 -10.11 -17.40 41.16
N LEU A 539 -11.34 -17.62 41.59
CA LEU A 539 -11.67 -17.85 43.01
C LEU A 539 -11.43 -19.31 43.46
N ILE A 540 -11.83 -20.30 42.68
CA ILE A 540 -11.56 -21.68 43.03
C ILE A 540 -10.10 -21.73 43.03
N ILE A 541 -9.46 -21.40 41.93
CA ILE A 541 -8.02 -21.50 41.85
C ILE A 541 -7.26 -21.06 43.09
N TYR A 542 -7.66 -20.00 43.79
CA TYR A 542 -6.90 -19.55 44.90
C TYR A 542 -7.17 -20.42 46.04
N HIS A 543 -8.42 -20.75 46.29
CA HIS A 543 -8.78 -21.52 47.50
C HIS A 543 -8.24 -22.90 47.51
N LEU A 544 -8.22 -23.55 46.36
CA LEU A 544 -7.59 -24.83 46.27
C LEU A 544 -6.16 -24.56 46.60
N LYS A 545 -5.47 -23.81 45.77
CA LYS A 545 -4.09 -23.44 46.04
C LYS A 545 -3.78 -23.23 47.49
N ASN A 546 -4.50 -22.40 48.19
CA ASN A 546 -4.12 -22.09 49.55
C ASN A 546 -4.41 -23.16 50.61
N ALA A 547 -5.12 -24.21 50.29
CA ALA A 547 -5.36 -25.29 51.25
C ALA A 547 -4.77 -26.53 50.70
N PHE A 548 -3.68 -26.41 49.98
CA PHE A 548 -3.10 -27.52 49.33
C PHE A 548 -1.68 -27.04 49.28
N LEU A 549 -1.29 -26.39 48.20
CA LEU A 549 0.10 -25.98 48.07
C LEU A 549 0.28 -24.64 48.70
N VAL A 550 0.27 -24.62 50.00
CA VAL A 550 0.46 -23.38 50.70
C VAL A 550 1.77 -23.43 51.47
N LYS A 551 1.77 -23.88 52.73
CA LYS A 551 2.96 -23.85 53.60
C LYS A 551 3.63 -22.54 53.35
N THR A 552 2.91 -21.46 53.61
CA THR A 552 3.46 -20.17 53.29
C THR A 552 4.36 -19.70 54.35
N GLU A 553 5.44 -19.06 53.94
CA GLU A 553 6.40 -18.61 54.91
C GLU A 553 5.69 -17.63 55.79
N LYS A 554 4.70 -16.96 55.22
CA LYS A 554 3.98 -15.95 55.94
C LYS A 554 2.70 -15.73 55.19
N ASP A 555 2.75 -14.85 54.20
CA ASP A 555 1.59 -14.50 53.45
C ASP A 555 2.29 -13.86 52.31
N ARG A 556 3.59 -13.73 52.43
CA ARG A 556 4.39 -13.18 51.37
C ARG A 556 4.34 -14.09 50.18
N GLU A 557 4.07 -15.37 50.42
CA GLU A 557 3.89 -16.27 49.30
C GLU A 557 2.58 -15.94 48.59
N GLU A 558 2.64 -15.12 47.53
CA GLU A 558 1.39 -14.72 46.87
C GLU A 558 1.02 -15.42 45.57
N ALA A 559 -0.25 -15.84 45.50
CA ALA A 559 -0.74 -16.58 44.34
C ALA A 559 -2.08 -16.02 44.00
N MET A 560 -2.23 -14.69 44.16
CA MET A 560 -3.48 -14.02 43.85
C MET A 560 -3.52 -13.56 42.42
N ASN A 561 -2.38 -13.29 41.77
CA ASN A 561 -2.31 -12.74 40.39
C ASN A 561 -3.58 -12.61 39.58
N PRO A 562 -3.97 -11.39 39.30
CA PRO A 562 -5.26 -11.24 38.68
C PRO A 562 -5.39 -11.56 37.23
N GLY A 563 -4.90 -10.74 36.32
CA GLY A 563 -4.94 -11.13 34.95
C GLY A 563 -4.79 -9.96 34.08
N SER A 564 -5.71 -9.74 33.17
CA SER A 564 -5.71 -8.60 32.39
C SER A 564 -6.78 -8.71 31.41
N ILE A 565 -7.34 -7.61 31.00
CA ILE A 565 -8.48 -7.55 30.13
C ILE A 565 -8.66 -8.53 29.03
N GLY A 566 -7.60 -9.06 28.46
CA GLY A 566 -7.70 -9.88 27.27
C GLY A 566 -7.28 -8.78 26.36
N PHE A 567 -7.77 -8.70 25.17
CA PHE A 567 -7.55 -7.56 24.33
C PHE A 567 -8.20 -8.58 23.58
N ASN A 568 -7.49 -9.58 23.10
CA ASN A 568 -8.12 -10.75 22.48
C ASN A 568 -9.63 -11.01 22.59
N THR A 569 -10.08 -11.87 23.46
CA THR A 569 -11.49 -12.03 23.64
C THR A 569 -12.39 -10.77 23.55
N GLY A 570 -12.17 -9.83 24.43
CA GLY A 570 -12.97 -8.63 24.40
C GLY A 570 -13.08 -7.82 23.15
N GLU A 571 -11.97 -7.55 22.51
CA GLU A 571 -12.18 -6.80 21.33
C GLU A 571 -12.88 -7.62 20.30
N PRO A 572 -12.41 -8.88 20.10
CA PRO A 572 -13.27 -9.58 19.22
C PRO A 572 -14.83 -9.45 19.43
N GLN A 573 -15.34 -9.59 20.65
CA GLN A 573 -16.77 -9.36 20.88
C GLN A 573 -17.30 -8.05 20.53
N ILE A 574 -16.70 -6.98 21.05
CA ILE A 574 -17.21 -5.65 20.60
C ILE A 574 -17.33 -5.55 19.09
N GLN A 575 -16.35 -6.01 18.36
CA GLN A 575 -16.48 -5.92 16.94
C GLN A 575 -17.55 -6.74 16.29
N LEU A 576 -17.72 -7.98 16.67
CA LEU A 576 -18.87 -8.70 16.17
C LEU A 576 -20.14 -7.88 16.39
N TYR A 577 -20.39 -7.43 17.61
CA TYR A 577 -21.57 -6.62 17.78
C TYR A 577 -21.67 -5.36 16.95
N PHE A 578 -20.63 -4.59 16.74
CA PHE A 578 -20.69 -3.46 15.81
C PHE A 578 -21.10 -3.87 14.41
N LEU A 579 -20.49 -4.89 13.84
CA LEU A 579 -20.94 -5.43 12.56
C LEU A 579 -22.39 -5.68 12.52
N LEU A 580 -22.84 -6.51 13.45
CA LEU A 580 -24.22 -6.84 13.48
C LEU A 580 -25.03 -5.59 13.47
N GLY A 581 -24.83 -4.72 14.38
CA GLY A 581 -25.53 -3.47 14.36
C GLY A 581 -25.60 -2.67 13.11
N LEU A 582 -24.52 -2.33 12.48
CA LEU A 582 -24.61 -1.63 11.21
C LEU A 582 -25.45 -2.32 10.14
N VAL A 583 -25.10 -3.60 9.95
CA VAL A 583 -25.87 -4.37 8.98
C VAL A 583 -27.35 -4.31 9.26
N TYR A 584 -27.73 -4.59 10.46
CA TYR A 584 -29.12 -4.67 10.68
C TYR A 584 -29.82 -3.42 10.85
N ALA A 585 -29.14 -2.36 11.06
CA ALA A 585 -29.74 -1.08 11.06
C ALA A 585 -30.34 -0.73 9.75
N PRO A 586 -29.48 -0.85 8.67
CA PRO A 586 -30.44 -0.53 7.56
C PRO A 586 -31.51 -1.55 7.02
N VAL A 587 -31.98 -2.73 7.50
CA VAL A 587 -32.81 -3.88 7.34
C VAL A 587 -33.71 -4.05 8.50
N THR A 588 -33.44 -4.92 9.45
CA THR A 588 -34.23 -5.11 10.71
C THR A 588 -33.84 -4.17 11.82
N PRO A 589 -34.63 -3.15 12.08
CA PRO A 589 -34.24 -2.15 13.04
C PRO A 589 -34.43 -2.54 14.46
N MET A 590 -34.49 -3.81 14.81
CA MET A 590 -34.79 -4.24 16.17
C MET A 590 -33.69 -4.95 16.88
N LEU A 591 -32.48 -5.05 16.39
CA LEU A 591 -31.37 -5.62 17.11
C LEU A 591 -30.72 -4.54 17.96
N LEU A 592 -30.99 -3.31 17.59
CA LEU A 592 -30.39 -2.18 18.27
C LEU A 592 -30.61 -1.98 19.74
N PRO A 593 -31.84 -2.02 20.21
CA PRO A 593 -31.95 -1.95 21.67
C PRO A 593 -31.06 -2.99 22.49
N PHE A 594 -30.92 -4.20 22.03
CA PHE A 594 -30.12 -5.22 22.67
C PHE A 594 -28.63 -4.90 22.57
N ILE A 595 -28.20 -4.47 21.39
CA ILE A 595 -26.82 -4.02 21.26
C ILE A 595 -26.54 -2.96 22.31
N LEU A 596 -27.45 -2.06 22.53
CA LEU A 596 -27.18 -1.04 23.46
C LEU A 596 -27.12 -1.44 24.87
N VAL A 597 -28.02 -2.30 25.29
CA VAL A 597 -27.84 -2.76 26.65
C VAL A 597 -26.50 -3.40 26.86
N PHE A 598 -26.06 -4.23 25.93
CA PHE A 598 -24.69 -4.75 26.06
C PHE A 598 -23.71 -3.61 26.22
N PHE A 599 -23.55 -2.68 25.28
CA PHE A 599 -22.55 -1.65 25.47
C PHE A 599 -22.61 -0.99 26.87
N ALA A 600 -23.75 -0.51 27.35
CA ALA A 600 -23.79 0.02 28.71
C ALA A 600 -23.39 -0.92 29.89
N LEU A 601 -23.89 -2.16 29.95
CA LEU A 601 -23.52 -2.99 31.04
C LEU A 601 -22.11 -3.19 30.95
N ALA A 602 -21.60 -3.40 29.77
CA ALA A 602 -20.24 -3.72 29.69
C ALA A 602 -19.37 -2.65 30.21
N TYR A 603 -19.58 -1.42 29.82
CA TYR A 603 -18.82 -0.32 30.39
C TYR A 603 -18.87 -0.32 31.87
N VAL A 604 -20.04 -0.33 32.50
CA VAL A 604 -20.05 -0.47 33.99
C VAL A 604 -19.25 -1.69 34.64
N VAL A 605 -19.44 -2.92 34.16
CA VAL A 605 -18.70 -4.03 34.71
C VAL A 605 -17.26 -3.90 34.48
N TYR A 606 -16.84 -3.42 33.34
CA TYR A 606 -15.45 -3.36 33.13
C TYR A 606 -14.79 -2.25 33.84
N ARG A 607 -15.44 -1.16 34.14
CA ARG A 607 -14.77 -0.16 34.84
C ARG A 607 -14.56 -0.68 36.11
N HIS A 608 -15.53 -1.36 36.67
CA HIS A 608 -15.27 -1.99 37.99
C HIS A 608 -14.11 -2.90 38.03
N GLN A 609 -14.01 -3.81 37.12
CA GLN A 609 -12.86 -4.72 37.04
C GLN A 609 -11.52 -4.13 36.66
N ILE A 610 -11.43 -2.96 36.05
CA ILE A 610 -10.17 -2.27 35.73
C ILE A 610 -9.81 -1.48 36.99
N ILE A 611 -10.79 -1.03 37.77
CA ILE A 611 -10.50 -0.33 39.01
C ILE A 611 -10.15 -1.18 40.22
N ASN A 612 -10.77 -2.32 40.43
CA ASN A 612 -10.58 -3.18 41.61
C ASN A 612 -9.73 -4.38 41.34
N VAL A 613 -10.18 -5.29 40.54
CA VAL A 613 -9.42 -6.42 40.15
C VAL A 613 -8.62 -6.01 38.94
N TYR A 614 -8.27 -6.81 37.99
CA TYR A 614 -7.34 -6.53 36.85
C TYR A 614 -6.10 -5.74 36.97
N ASN A 615 -5.03 -6.25 36.44
CA ASN A 615 -3.71 -5.56 36.40
C ASN A 615 -3.00 -5.71 35.08
N GLN A 616 -2.43 -4.69 34.47
CA GLN A 616 -1.87 -4.78 33.16
C GLN A 616 -0.54 -5.32 33.11
N GLU A 617 -0.20 -6.13 32.11
CA GLU A 617 1.09 -6.78 31.94
C GLU A 617 2.05 -6.20 30.91
N TYR A 618 1.76 -5.05 30.32
CA TYR A 618 2.59 -4.40 29.40
C TYR A 618 1.95 -3.09 29.26
N GLU A 619 2.63 -2.07 28.77
CA GLU A 619 2.02 -0.79 28.48
C GLU A 619 2.45 -0.31 27.17
N SER A 620 1.57 -0.31 26.22
CA SER A 620 1.83 0.19 24.94
C SER A 620 0.78 1.16 24.79
N ALA A 621 0.91 2.41 25.20
CA ALA A 621 -0.11 3.39 25.17
C ALA A 621 -1.05 3.40 24.02
N ALA A 622 -2.06 2.54 23.97
CA ALA A 622 -3.01 2.50 22.96
C ALA A 622 -2.60 2.36 21.61
N ALA A 623 -1.98 1.31 21.01
CA ALA A 623 -1.77 1.11 19.49
C ALA A 623 -2.88 0.24 18.63
N PHE A 624 -3.49 -0.45 19.48
CA PHE A 624 -4.51 -1.11 18.90
C PHE A 624 -5.53 -0.16 18.36
N TRP A 625 -5.42 1.16 18.50
CA TRP A 625 -6.40 2.02 17.94
C TRP A 625 -6.44 2.05 16.47
N PRO A 626 -5.32 2.29 15.83
CA PRO A 626 -5.33 2.14 14.42
C PRO A 626 -6.01 0.80 14.06
N ASP A 627 -5.56 -0.27 14.76
CA ASP A 627 -6.33 -1.58 14.36
C ASP A 627 -7.88 -1.62 14.48
N VAL A 628 -8.43 -1.18 15.60
CA VAL A 628 -9.86 -1.06 15.81
C VAL A 628 -10.57 -0.20 14.79
N HIS A 629 -10.02 0.96 14.50
CA HIS A 629 -10.62 1.77 13.47
C HIS A 629 -10.77 1.03 12.18
N GLY A 630 -9.71 0.39 11.76
CA GLY A 630 -9.85 -0.39 10.57
C GLY A 630 -10.93 -1.38 10.55
N ARG A 631 -11.00 -2.21 11.57
CA ARG A 631 -12.17 -3.11 11.64
C ARG A 631 -13.57 -2.46 11.58
N VAL A 632 -13.82 -1.35 12.24
CA VAL A 632 -15.12 -0.63 12.03
C VAL A 632 -15.33 -0.14 10.59
N ILE A 633 -14.31 0.40 9.95
CA ILE A 633 -14.46 0.73 8.52
C ILE A 633 -14.82 -0.50 7.70
N THR A 634 -14.22 -1.65 7.94
CA THR A 634 -14.65 -2.88 7.26
C THR A 634 -16.11 -3.18 7.46
N ALA A 635 -16.56 -3.17 8.68
CA ALA A 635 -17.98 -3.33 8.87
C ALA A 635 -18.82 -2.44 8.06
N LEU A 636 -18.58 -1.14 8.08
CA LEU A 636 -19.31 -0.19 7.23
C LEU A 636 -19.36 -0.64 5.79
N ILE A 637 -18.23 -0.88 5.18
CA ILE A 637 -18.28 -1.44 3.81
C ILE A 637 -19.12 -2.73 3.59
N ILE A 638 -18.97 -3.76 4.40
CA ILE A 638 -19.83 -4.94 4.26
C ILE A 638 -21.30 -4.59 4.39
N SER A 639 -21.68 -3.79 5.36
CA SER A 639 -23.04 -3.37 5.50
C SER A 639 -23.58 -2.81 4.27
N GLN A 640 -22.87 -1.83 3.73
CA GLN A 640 -23.33 -1.18 2.50
C GLN A 640 -23.48 -2.12 1.32
N LEU A 641 -22.49 -2.97 1.09
CA LEU A 641 -22.66 -3.98 0.04
C LEU A 641 -23.89 -4.88 0.22
N LEU A 642 -24.14 -5.35 1.41
CA LEU A 642 -25.34 -6.13 1.64
C LEU A 642 -26.64 -5.39 1.42
N LEU A 643 -26.74 -4.15 1.84
CA LEU A 643 -27.98 -3.44 1.48
C LEU A 643 -28.11 -3.37 -0.01
N MET A 644 -27.06 -3.03 -0.75
CA MET A 644 -27.22 -3.10 -2.22
C MET A 644 -27.77 -4.41 -2.65
N GLY A 645 -27.16 -5.52 -2.27
CA GLY A 645 -27.74 -6.81 -2.58
C GLY A 645 -29.21 -7.05 -2.32
N LEU A 646 -29.68 -6.77 -1.14
CA LEU A 646 -31.08 -6.93 -0.85
C LEU A 646 -31.97 -6.05 -1.67
N LEU A 647 -31.54 -4.83 -1.89
CA LEU A 647 -32.35 -3.92 -2.68
C LEU A 647 -32.40 -4.44 -4.11
N GLY A 648 -31.35 -5.02 -4.62
CA GLY A 648 -31.43 -5.63 -5.93
C GLY A 648 -32.39 -6.79 -5.95
N THR A 649 -32.34 -7.67 -4.98
CA THR A 649 -33.28 -8.78 -4.90
C THR A 649 -34.71 -8.32 -4.85
N LYS A 650 -35.01 -7.13 -4.33
CA LYS A 650 -36.42 -6.67 -4.36
C LYS A 650 -36.74 -5.81 -5.55
N HIS A 651 -35.92 -5.88 -6.57
CA HIS A 651 -36.02 -5.06 -7.77
C HIS A 651 -36.24 -3.63 -7.51
N ALA A 652 -35.18 -2.92 -7.17
CA ALA A 652 -35.26 -1.50 -6.99
C ALA A 652 -34.01 -1.02 -7.64
N ALA A 653 -34.09 -0.59 -8.89
CA ALA A 653 -32.93 -0.11 -9.62
C ALA A 653 -32.97 1.37 -9.70
N SER A 654 -34.04 1.94 -9.21
CA SER A 654 -34.15 3.35 -9.18
C SER A 654 -33.57 3.90 -7.89
N ALA A 655 -32.68 3.07 -7.15
CA ALA A 655 -31.87 3.43 -5.85
C ALA A 655 -30.32 2.87 -5.49
N ALA A 656 -29.96 1.79 -6.16
CA ALA A 656 -28.57 1.26 -5.90
C ALA A 656 -27.23 2.06 -6.26
N PRO A 657 -27.32 3.02 -7.19
CA PRO A 657 -26.07 3.78 -7.40
C PRO A 657 -25.77 4.75 -6.25
N PHE A 658 -26.85 5.06 -5.58
CA PHE A 658 -26.72 5.87 -4.43
C PHE A 658 -25.96 4.98 -3.43
N LEU A 659 -26.52 3.80 -3.29
CA LEU A 659 -25.67 2.94 -2.42
C LEU A 659 -24.09 2.87 -2.79
N ILE A 660 -23.77 2.87 -4.07
CA ILE A 660 -22.30 2.97 -4.48
C ILE A 660 -21.48 4.24 -4.00
N ALA A 661 -22.09 5.38 -4.22
CA ALA A 661 -21.45 6.55 -3.62
C ALA A 661 -21.11 6.30 -2.22
N LEU A 662 -22.08 5.74 -1.48
CA LEU A 662 -21.75 5.36 -0.06
C LEU A 662 -20.40 4.66 0.09
N PRO A 663 -20.35 3.42 -0.45
CA PRO A 663 -18.93 2.98 -0.28
C PRO A 663 -17.69 3.87 -0.57
N VAL A 664 -17.72 4.57 -1.70
CA VAL A 664 -16.56 5.54 -1.90
C VAL A 664 -16.37 6.62 -0.80
N ILE A 665 -17.42 7.36 -0.43
CA ILE A 665 -17.28 8.27 0.73
C ILE A 665 -16.61 7.57 1.96
N THR A 666 -17.07 6.35 2.30
CA THR A 666 -16.36 5.64 3.41
C THR A 666 -14.86 5.51 3.21
N ILE A 667 -14.45 4.91 2.11
CA ILE A 667 -12.96 4.89 1.93
C ILE A 667 -12.24 6.24 1.96
N GLY A 668 -12.81 7.30 1.43
CA GLY A 668 -12.18 8.58 1.59
C GLY A 668 -11.97 9.06 2.99
N PHE A 669 -13.00 8.97 3.81
CA PHE A 669 -12.76 9.30 5.24
C PHE A 669 -11.71 8.41 5.87
N HIS A 670 -11.75 7.12 5.60
CA HIS A 670 -10.66 6.30 6.10
C HIS A 670 -9.38 6.90 5.79
N ARG A 671 -9.07 7.15 4.54
CA ARG A 671 -7.77 7.75 4.16
C ARG A 671 -7.39 9.03 4.86
N PHE A 672 -8.28 9.99 4.94
CA PHE A 672 -7.95 11.15 5.79
C PHE A 672 -7.48 10.79 7.21
N CYS A 673 -8.35 10.05 7.89
CA CYS A 673 -8.03 9.72 9.25
C CYS A 673 -6.72 9.15 9.27
N LYS A 674 -6.51 8.12 8.47
CA LYS A 674 -5.24 7.43 8.42
C LYS A 674 -4.25 8.40 8.45
N GLY A 675 -3.95 9.04 7.34
CA GLY A 675 -2.94 10.12 7.37
C GLY A 675 -2.74 10.77 8.72
N ARG A 676 -3.59 11.75 9.02
CA ARG A 676 -3.28 12.34 10.34
C ARG A 676 -2.97 11.49 11.66
N PHE A 677 -3.96 10.70 12.00
CA PHE A 677 -3.70 10.11 13.25
C PHE A 677 -2.84 8.85 13.32
N GLU A 678 -2.60 8.32 12.18
CA GLU A 678 -1.85 7.14 12.27
C GLU A 678 -0.46 7.58 12.37
N PRO A 679 -0.13 8.65 11.60
CA PRO A 679 1.16 9.13 11.97
C PRO A 679 1.33 9.17 13.44
N ALA A 680 0.47 9.91 14.16
CA ALA A 680 0.63 9.79 15.69
C ALA A 680 0.96 8.50 16.33
N PHE A 681 0.20 7.46 16.05
CA PHE A 681 0.46 6.08 16.60
C PHE A 681 1.58 5.20 16.12
N VAL A 682 2.18 5.47 14.96
CA VAL A 682 3.31 4.67 14.38
C VAL A 682 4.73 5.24 14.18
N ARG A 683 5.07 6.47 14.55
CA ARG A 683 6.34 7.18 14.35
C ARG A 683 6.58 8.18 15.43
N TYR A 684 7.69 8.12 16.17
CA TYR A 684 8.01 9.03 17.26
C TYR A 684 8.70 10.23 16.81
N PRO A 685 8.06 11.38 16.91
CA PRO A 685 8.63 12.60 16.46
C PRO A 685 9.95 12.89 17.12
N LEU A 686 10.85 13.67 16.55
CA LEU A 686 12.17 13.94 17.08
C LEU A 686 12.20 15.16 17.89
N GLN A 687 11.16 15.97 17.88
CA GLN A 687 11.07 17.10 18.72
C GLN A 687 10.54 16.70 19.99
N GLU A 688 9.86 15.59 20.09
CA GLU A 688 9.31 15.08 21.27
C GLU A 688 10.32 14.38 22.09
N ALA A 689 11.27 13.70 21.49
CA ALA A 689 12.36 13.04 22.12
C ALA A 689 13.39 13.96 22.58
N MET A 690 13.62 15.09 21.97
CA MET A 690 14.50 16.09 22.48
C MET A 690 13.93 16.89 23.62
N MET A 691 12.66 17.15 23.71
CA MET A 691 12.10 17.81 24.85
C MET A 691 12.02 17.00 26.08
N LYS A 692 11.94 15.68 26.02
CA LYS A 692 11.86 14.82 27.14
C LYS A 692 13.19 14.65 27.64
N ASP A 693 14.16 14.76 26.80
CA ASP A 693 15.52 14.53 27.15
C ASP A 693 16.20 15.69 27.69
N THR A 694 15.74 16.88 27.42
CA THR A 694 16.32 18.08 27.95
C THR A 694 15.68 18.56 29.16
N LEU A 695 14.58 17.98 29.56
CA LEU A 695 13.92 18.31 30.78
C LEU A 695 14.27 17.34 31.85
N GLU A 696 14.98 16.27 31.55
CA GLU A 696 15.36 15.25 32.48
C GLU A 696 16.81 15.37 32.73
N ARG A 697 17.47 16.32 32.10
CA ARG A 697 18.86 16.56 32.31
C ARG A 697 18.95 17.89 32.90
N ALA A 698 17.91 18.31 33.57
CA ALA A 698 17.89 19.57 34.18
C ALA A 698 17.29 19.29 35.49
N ARG A 699 16.61 18.17 35.61
CA ARG A 699 15.98 17.77 36.84
C ARG A 699 16.90 16.81 37.53
N GLU A 700 17.41 15.82 36.82
CA GLU A 700 18.38 14.89 37.36
C GLU A 700 19.62 15.17 36.64
N PRO A 701 20.36 16.17 37.07
CA PRO A 701 21.54 16.57 36.36
C PRO A 701 22.69 15.59 36.40
N ASN A 702 22.65 14.60 37.28
CA ASN A 702 23.71 13.61 37.41
C ASN A 702 23.49 12.34 36.56
N LEU A 703 22.51 11.49 36.87
CA LEU A 703 22.17 10.28 36.09
C LEU A 703 23.18 9.44 35.29
N ASN A 704 23.44 8.19 35.72
CA ASN A 704 24.29 7.32 34.90
C ASN A 704 23.38 6.36 34.24
N LEU A 705 23.36 6.32 32.93
CA LEU A 705 22.43 5.49 32.25
C LEU A 705 22.97 4.15 31.94
N LYS A 706 24.25 3.93 32.06
CA LYS A 706 24.82 2.68 31.69
C LYS A 706 24.69 1.72 32.80
N GLY A 707 24.34 2.18 33.99
CA GLY A 707 24.06 1.28 35.06
C GLY A 707 22.72 0.68 34.77
N TYR A 708 21.71 1.51 34.69
CA TYR A 708 20.36 1.10 34.40
C TYR A 708 20.11 0.33 33.18
N LEU A 709 20.74 0.66 32.06
CA LEU A 709 20.41 0.09 30.76
C LEU A 709 21.17 -1.06 30.36
N GLN A 710 22.28 -1.32 31.00
CA GLN A 710 23.13 -2.46 30.68
C GLN A 710 22.49 -3.81 30.77
N ASP A 711 22.02 -4.17 31.95
CA ASP A 711 21.48 -5.44 32.18
C ASP A 711 20.02 -5.62 32.18
N ALA A 712 19.28 -4.92 31.38
CA ALA A 712 17.88 -5.00 31.45
C ALA A 712 17.37 -5.94 30.50
N TYR A 713 18.18 -6.34 29.57
CA TYR A 713 17.82 -7.24 28.52
C TYR A 713 18.65 -8.52 28.54
N ILE A 714 18.77 -9.19 29.70
CA ILE A 714 19.48 -10.46 29.85
C ILE A 714 18.68 -11.82 29.76
N HIS A 715 17.69 -12.21 30.62
CA HIS A 715 16.85 -13.47 30.62
C HIS A 715 16.43 -14.23 32.01
N PRO A 716 16.95 -15.53 32.42
CA PRO A 716 16.74 -16.33 33.66
C PRO A 716 18.12 -16.58 34.11
N VAL A 717 18.96 -15.57 34.05
CA VAL A 717 20.32 -15.70 34.36
C VAL A 717 20.49 -14.55 35.32
N ALA B 2 -4.00 -7.46 -46.60
CA ALA B 2 -3.05 -6.87 -45.69
C ALA B 2 -2.15 -7.97 -45.80
N THR B 3 -2.45 -8.98 -46.48
CA THR B 3 -1.39 -9.96 -46.59
C THR B 3 0.06 -9.55 -46.98
N LEU B 4 0.78 -10.56 -47.30
CA LEU B 4 2.07 -10.22 -47.76
C LEU B 4 2.09 -8.89 -48.61
N LYS B 5 1.08 -8.55 -49.39
CA LYS B 5 1.13 -7.33 -50.18
C LYS B 5 1.30 -6.07 -49.40
N ASP B 6 0.33 -5.67 -48.63
CA ASP B 6 0.53 -4.52 -47.80
C ASP B 6 1.75 -4.61 -46.90
N ILE B 7 2.08 -5.80 -46.37
CA ILE B 7 3.23 -5.75 -45.46
C ILE B 7 4.46 -5.40 -46.27
N GLY B 8 4.65 -6.00 -47.41
CA GLY B 8 5.74 -5.68 -48.25
C GLY B 8 5.77 -4.27 -48.75
N VAL B 9 4.65 -3.68 -49.09
CA VAL B 9 4.76 -2.34 -49.53
C VAL B 9 5.20 -1.47 -48.40
N SER B 10 4.60 -1.62 -47.23
CA SER B 10 5.07 -0.73 -46.22
C SER B 10 6.52 -0.94 -46.00
N ALA B 11 6.99 -2.18 -46.00
CA ALA B 11 8.35 -2.43 -45.65
C ALA B 11 9.29 -1.88 -46.63
N GLY B 12 9.02 -2.00 -47.89
CA GLY B 12 9.86 -1.39 -48.90
C GLY B 12 9.88 0.09 -48.71
N ILE B 13 8.73 0.72 -48.67
CA ILE B 13 8.78 2.15 -48.57
C ILE B 13 9.57 2.55 -47.34
N ASN B 14 9.45 1.84 -46.23
CA ASN B 14 10.10 2.27 -45.00
C ASN B 14 11.58 2.01 -44.99
N ILE B 15 12.01 0.92 -45.54
CA ILE B 15 13.39 0.72 -45.60
C ILE B 15 13.98 1.77 -46.49
N LEU B 16 13.32 2.09 -47.58
CA LEU B 16 13.83 3.16 -48.42
C LEU B 16 13.93 4.50 -47.72
N THR B 17 12.90 4.92 -47.03
CA THR B 17 13.01 6.11 -46.28
C THR B 17 14.19 6.09 -45.33
N ALA B 18 14.35 5.07 -44.51
CA ALA B 18 15.53 5.02 -43.69
C ALA B 18 16.86 5.10 -44.43
N PHE B 19 17.07 4.38 -45.50
CA PHE B 19 18.29 4.57 -46.28
C PHE B 19 18.49 5.99 -46.86
N ILE B 20 17.46 6.65 -47.35
CA ILE B 20 17.59 8.01 -47.81
C ILE B 20 17.98 8.87 -46.66
N PHE B 21 17.39 8.67 -45.51
CA PHE B 21 17.80 9.43 -44.36
C PHE B 21 19.23 9.28 -44.05
N PHE B 22 19.70 8.06 -43.96
CA PHE B 22 21.09 7.82 -43.64
C PHE B 22 22.01 8.48 -44.65
N ILE B 23 21.68 8.43 -45.91
CA ILE B 23 22.48 9.20 -46.93
C ILE B 23 22.51 10.74 -46.74
N ILE B 24 21.36 11.37 -46.65
CA ILE B 24 21.40 12.77 -46.36
C ILE B 24 22.19 13.05 -45.06
N PHE B 25 22.12 12.21 -44.02
CA PHE B 25 22.90 12.43 -42.80
C PHE B 25 24.34 12.37 -43.13
N ALA B 26 24.86 11.34 -43.75
CA ALA B 26 26.24 11.40 -44.17
C ALA B 26 26.58 12.76 -44.75
N PHE B 27 25.84 13.16 -45.77
CA PHE B 27 26.19 14.44 -46.39
C PHE B 27 26.33 15.51 -45.43
N LEU B 28 25.27 15.81 -44.71
CA LEU B 28 25.27 16.88 -43.72
C LEU B 28 26.27 16.79 -42.57
N ARG B 29 26.63 15.62 -42.06
CA ARG B 29 27.68 15.50 -41.06
C ARG B 29 29.11 15.64 -41.63
N LEU B 30 29.30 15.50 -42.94
CA LEU B 30 30.65 15.78 -43.53
C LEU B 30 30.98 17.25 -43.90
N GLN B 31 30.07 18.21 -43.76
CA GLN B 31 30.24 19.58 -44.07
C GLN B 31 30.61 20.23 -42.79
N PRO B 32 31.67 21.03 -42.76
CA PRO B 32 32.16 21.65 -41.53
C PRO B 32 31.55 22.98 -41.09
N PHE B 33 30.30 23.26 -41.45
CA PHE B 33 29.61 24.45 -40.96
C PHE B 33 28.58 24.04 -39.91
N ASN B 34 28.17 22.77 -39.93
CA ASN B 34 27.29 22.25 -38.91
C ASN B 34 28.21 21.93 -37.78
N ASP B 35 28.81 20.75 -37.67
CA ASP B 35 29.83 20.41 -36.63
C ASP B 35 29.48 20.65 -35.19
N ARG B 36 28.89 21.77 -34.87
CA ARG B 36 28.58 22.08 -33.53
C ARG B 36 27.20 21.71 -33.32
N VAL B 37 26.55 21.19 -34.35
CA VAL B 37 25.22 20.69 -34.20
C VAL B 37 25.31 19.21 -34.14
N TYR B 38 26.30 18.61 -34.77
CA TYR B 38 26.31 17.17 -34.78
C TYR B 38 27.30 16.51 -33.90
N PHE B 39 28.20 17.24 -33.25
CA PHE B 39 29.22 16.74 -32.36
C PHE B 39 29.31 17.66 -31.20
N SER B 40 28.21 18.05 -30.58
CA SER B 40 28.17 18.96 -29.44
C SER B 40 28.60 18.56 -28.01
N LYS B 41 28.51 17.31 -27.60
CA LYS B 41 29.03 16.88 -26.34
C LYS B 41 30.52 16.63 -26.44
N TRP B 42 31.17 16.96 -27.54
CA TRP B 42 32.57 16.77 -27.68
C TRP B 42 33.09 18.13 -27.66
N TYR B 43 32.22 19.15 -27.63
CA TYR B 43 32.62 20.52 -27.68
C TYR B 43 32.25 21.01 -26.42
N LEU B 44 31.22 20.45 -25.81
CA LEU B 44 30.76 20.89 -24.49
C LEU B 44 31.29 20.04 -23.47
N ARG B 45 32.55 19.71 -23.55
CA ARG B 45 33.18 18.87 -22.59
C ARG B 45 34.57 19.37 -22.72
N GLY B 46 34.76 20.36 -23.57
CA GLY B 46 36.07 20.91 -23.83
C GLY B 46 37.01 19.95 -24.50
N LEU B 47 36.61 19.38 -25.59
CA LEU B 47 37.42 18.38 -26.19
C LEU B 47 37.46 18.48 -27.69
N ARG B 48 36.71 19.38 -28.30
CA ARG B 48 36.82 19.61 -29.72
C ARG B 48 36.86 21.07 -29.89
N SER B 49 37.50 21.56 -30.93
CA SER B 49 37.76 23.00 -31.06
C SER B 49 36.97 23.85 -32.00
N SER B 50 37.13 23.63 -33.31
CA SER B 50 36.36 24.35 -34.30
C SER B 50 36.41 23.61 -35.62
N PRO B 51 35.49 23.89 -36.59
CA PRO B 51 35.39 23.16 -37.86
C PRO B 51 36.35 22.11 -38.20
N ALA B 52 37.36 22.49 -38.98
CA ALA B 52 38.36 21.51 -39.41
C ALA B 52 39.53 21.40 -38.44
N SER B 53 39.33 20.66 -37.35
CA SER B 53 40.37 20.49 -36.32
C SER B 53 40.92 21.83 -35.87
N GLY B 54 40.07 22.67 -35.30
CA GLY B 54 40.50 24.00 -34.92
C GLY B 54 39.80 25.03 -35.80
N GLY B 55 39.24 24.57 -36.92
CA GLY B 55 38.51 25.46 -37.79
C GLY B 55 39.19 26.54 -38.58
N GLY B 56 38.43 27.26 -39.39
CA GLY B 56 38.99 28.29 -40.24
C GLY B 56 39.00 27.68 -41.60
N PHE B 57 38.72 26.38 -41.67
CA PHE B 57 38.80 25.67 -42.94
C PHE B 57 37.49 25.02 -43.38
N ALA B 58 37.52 24.37 -44.53
CA ALA B 58 36.32 23.73 -45.06
C ALA B 58 36.29 22.19 -45.24
N GLY B 59 35.50 21.70 -46.18
CA GLY B 59 35.35 20.27 -46.41
C GLY B 59 33.94 20.23 -46.97
N ARG B 60 33.51 21.33 -47.57
CA ARG B 60 32.14 21.46 -48.06
C ARG B 60 31.78 20.87 -49.37
N PHE B 61 31.04 21.63 -50.13
CA PHE B 61 30.58 21.10 -51.38
C PHE B 61 31.36 21.55 -52.60
N VAL B 62 32.11 20.64 -53.22
CA VAL B 62 32.83 20.94 -54.45
C VAL B 62 33.07 19.56 -55.02
N ASN B 63 33.57 18.66 -54.19
CA ASN B 63 33.78 17.29 -54.59
C ASN B 63 32.97 16.71 -53.47
N LEU B 64 32.87 17.44 -52.37
CA LEU B 64 32.11 16.96 -51.21
C LEU B 64 32.36 15.48 -50.89
N GLU B 65 31.62 14.55 -51.50
CA GLU B 65 31.90 13.11 -51.29
C GLU B 65 32.02 12.12 -52.47
N LEU B 66 33.21 11.56 -52.67
CA LEU B 66 33.35 10.50 -53.68
C LEU B 66 32.50 9.38 -53.09
N ARG B 67 31.90 8.53 -53.92
CA ARG B 67 30.99 7.53 -53.36
C ARG B 67 31.58 6.72 -52.21
N SER B 68 30.73 6.34 -51.25
CA SER B 68 31.22 5.61 -50.10
C SER B 68 30.28 4.54 -49.56
N TYR B 69 30.80 3.43 -49.02
CA TYR B 69 29.95 2.43 -48.33
C TYR B 69 30.28 2.77 -46.94
N LEU B 70 31.12 3.75 -46.81
CA LEU B 70 31.43 4.24 -45.52
C LEU B 70 30.40 5.33 -45.46
N LYS B 71 29.14 5.00 -45.66
CA LYS B 71 28.11 5.98 -45.71
C LYS B 71 27.21 5.63 -44.65
N PHE B 72 27.65 4.82 -43.74
CA PHE B 72 26.70 4.33 -42.84
C PHE B 72 27.45 3.62 -41.90
N LEU B 73 27.76 2.46 -42.31
CA LEU B 73 28.37 1.51 -41.45
C LEU B 73 29.31 2.05 -40.44
N HIS B 74 29.99 3.09 -40.77
CA HIS B 74 30.95 3.40 -39.82
C HIS B 74 30.37 3.95 -38.57
N TRP B 75 29.55 4.96 -38.69
CA TRP B 75 28.85 5.44 -37.54
C TRP B 75 28.43 4.23 -36.75
N MET B 76 27.77 3.28 -37.41
CA MET B 76 27.35 2.04 -36.74
C MET B 76 28.42 1.31 -35.86
N PRO B 77 29.39 0.59 -36.50
CA PRO B 77 30.42 0.06 -35.61
C PRO B 77 31.12 0.93 -34.53
N GLU B 78 31.30 2.18 -34.84
CA GLU B 78 32.00 2.97 -33.88
C GLU B 78 31.21 3.31 -32.70
N ALA B 79 29.90 3.55 -32.86
CA ALA B 79 29.02 3.82 -31.73
C ALA B 79 29.11 2.64 -30.95
N LEU B 80 29.11 1.50 -31.60
CA LEU B 80 29.28 0.27 -30.77
C LEU B 80 30.51 0.16 -29.91
N LYS B 81 31.71 0.54 -30.32
CA LYS B 81 33.02 0.38 -29.47
C LYS B 81 33.64 1.14 -28.22
N MET B 82 33.01 1.93 -27.34
CA MET B 82 33.37 2.64 -26.12
C MET B 82 32.85 1.74 -25.07
N PRO B 83 33.66 1.35 -24.11
CA PRO B 83 33.22 0.50 -23.06
C PRO B 83 32.11 1.13 -22.33
N GLU B 84 31.37 0.42 -21.53
CA GLU B 84 30.23 1.01 -20.87
C GLU B 84 30.58 1.65 -19.61
N ARG B 85 31.84 1.79 -19.28
CA ARG B 85 32.24 2.51 -18.11
C ARG B 85 32.96 3.73 -18.42
N GLU B 86 33.09 4.08 -19.67
CA GLU B 86 33.80 5.20 -20.08
C GLU B 86 32.68 5.95 -20.62
N LEU B 87 31.53 5.32 -20.73
CA LEU B 87 30.36 6.03 -21.11
C LEU B 87 29.66 6.55 -19.89
N ILE B 88 29.74 5.93 -18.72
CA ILE B 88 29.19 6.50 -17.51
C ILE B 88 29.86 7.82 -17.22
N ASP B 89 31.11 8.02 -17.49
CA ASP B 89 31.69 9.30 -17.26
C ASP B 89 31.76 10.35 -18.36
N HIS B 90 31.45 10.01 -19.60
CA HIS B 90 31.42 10.93 -20.70
C HIS B 90 30.05 11.41 -20.60
N ALA B 91 29.11 10.50 -20.52
CA ALA B 91 27.73 10.83 -20.43
C ALA B 91 26.98 10.90 -19.10
N GLY B 92 26.93 9.85 -18.31
CA GLY B 92 26.20 9.82 -17.08
C GLY B 92 25.57 8.51 -16.86
N LEU B 93 25.05 8.19 -15.70
CA LEU B 93 24.36 6.96 -15.48
C LEU B 93 23.02 6.82 -16.12
N ASP B 94 22.19 7.79 -16.08
CA ASP B 94 20.95 7.72 -16.70
C ASP B 94 20.94 7.26 -18.13
N SER B 95 21.75 7.84 -18.98
CA SER B 95 21.83 7.49 -20.37
C SER B 95 22.19 6.06 -20.60
N VAL B 96 23.17 5.58 -19.88
CA VAL B 96 23.56 4.19 -19.88
C VAL B 96 22.41 3.24 -19.46
N VAL B 97 21.70 3.55 -18.39
CA VAL B 97 20.51 2.77 -18.04
C VAL B 97 19.35 2.81 -19.09
N TYR B 98 19.17 3.90 -19.81
CA TYR B 98 18.24 3.89 -20.93
C TYR B 98 18.64 2.91 -22.14
N LEU B 99 19.91 2.93 -22.44
CA LEU B 99 20.28 2.04 -23.46
C LEU B 99 20.08 0.61 -22.97
N ARG B 100 20.24 0.41 -21.69
CA ARG B 100 19.97 -0.90 -21.14
C ARG B 100 18.56 -1.33 -21.34
N ILE B 101 17.58 -0.50 -21.11
CA ILE B 101 16.17 -0.83 -21.53
C ILE B 101 16.06 -1.38 -22.91
N TYR B 102 16.62 -0.67 -23.87
CA TYR B 102 16.61 -1.37 -25.23
C TYR B 102 17.22 -2.77 -25.30
N TRP B 103 18.41 -2.93 -24.78
CA TRP B 103 18.93 -4.34 -24.66
C TRP B 103 18.10 -5.39 -23.88
N LEU B 104 17.42 -5.08 -22.77
CA LEU B 104 16.52 -6.00 -22.10
C LEU B 104 15.44 -6.37 -23.04
N GLY B 105 14.86 -5.40 -23.72
CA GLY B 105 13.91 -5.77 -24.71
C GLY B 105 14.40 -6.87 -25.57
N LEU B 106 15.54 -6.64 -26.16
CA LEU B 106 16.04 -7.64 -27.07
C LEU B 106 16.11 -8.89 -26.45
N LYS B 107 16.81 -9.04 -25.34
CA LYS B 107 16.81 -10.32 -24.61
C LYS B 107 15.50 -11.11 -24.48
N ILE B 108 14.58 -10.50 -23.76
CA ILE B 108 13.29 -11.15 -23.69
C ILE B 108 12.76 -11.62 -25.03
N PHE B 109 12.59 -10.67 -25.91
CA PHE B 109 11.95 -11.06 -27.15
C PHE B 109 12.65 -11.96 -28.05
N ALA B 110 13.94 -11.97 -28.10
CA ALA B 110 14.56 -12.82 -29.01
C ALA B 110 14.30 -14.20 -28.60
N PRO B 111 14.62 -14.49 -27.27
CA PRO B 111 14.19 -15.88 -27.07
C PRO B 111 12.71 -16.28 -27.32
N ILE B 112 11.81 -15.41 -26.84
CA ILE B 112 10.41 -15.72 -27.06
C ILE B 112 10.05 -15.92 -28.50
N ALA B 113 10.56 -15.13 -29.41
CA ALA B 113 10.32 -15.24 -30.84
C ALA B 113 10.76 -16.49 -31.38
N MET B 114 12.00 -16.85 -31.20
CA MET B 114 12.32 -18.16 -31.76
C MET B 114 11.33 -19.22 -31.34
N LEU B 115 11.13 -19.33 -30.02
CA LEU B 115 10.26 -20.44 -29.64
C LEU B 115 8.91 -20.38 -30.27
N ALA B 116 8.26 -19.22 -30.15
CA ALA B 116 6.94 -19.01 -30.67
C ALA B 116 6.98 -19.49 -31.96
N TRP B 117 7.68 -18.83 -32.83
CA TRP B 117 7.65 -19.23 -34.21
C TRP B 117 7.64 -20.64 -34.32
N ALA B 118 8.75 -21.30 -34.11
CA ALA B 118 8.61 -22.75 -34.30
C ALA B 118 7.26 -23.40 -33.82
N VAL B 119 7.19 -23.61 -32.52
CA VAL B 119 5.99 -24.32 -32.11
C VAL B 119 4.68 -23.80 -32.67
N LEU B 120 4.41 -22.55 -32.41
CA LEU B 120 3.10 -22.08 -32.72
C LEU B 120 2.79 -21.86 -34.14
N VAL B 121 3.73 -21.46 -34.94
CA VAL B 121 3.30 -21.28 -36.29
C VAL B 121 2.96 -22.67 -36.79
N PRO B 122 3.91 -23.65 -36.65
CA PRO B 122 3.37 -24.93 -37.11
C PRO B 122 1.97 -25.37 -36.64
N VAL B 123 1.77 -25.40 -35.32
CA VAL B 123 0.47 -25.77 -34.81
C VAL B 123 -0.62 -24.97 -35.50
N ASN B 124 -0.66 -23.65 -35.39
CA ASN B 124 -1.72 -22.86 -35.95
C ASN B 124 -1.97 -23.03 -37.39
N TRP B 125 -0.95 -23.22 -38.18
CA TRP B 125 -1.13 -23.33 -39.61
C TRP B 125 -1.75 -24.60 -40.04
N THR B 126 -1.40 -25.72 -39.43
CA THR B 126 -2.13 -26.94 -39.95
C THR B 126 -3.58 -27.17 -39.41
N ASN B 127 -4.62 -26.40 -39.79
CA ASN B 127 -5.84 -26.38 -38.99
C ASN B 127 -7.17 -25.79 -39.53
N ASN B 128 -7.37 -25.47 -40.81
CA ASN B 128 -8.73 -25.07 -41.38
C ASN B 128 -9.89 -24.11 -40.96
N GLU B 129 -10.07 -23.71 -39.70
CA GLU B 129 -11.22 -22.92 -39.28
C GLU B 129 -11.37 -21.47 -39.54
N LEU B 130 -10.73 -20.96 -40.55
CA LEU B 130 -10.95 -19.58 -40.86
C LEU B 130 -11.61 -19.58 -42.23
N GLU B 131 -11.38 -20.61 -43.04
CA GLU B 131 -12.05 -20.75 -44.33
C GLU B 131 -13.47 -21.17 -44.18
N LEU B 132 -13.81 -21.75 -43.05
CA LEU B 132 -15.13 -22.25 -42.89
C LEU B 132 -16.00 -21.14 -42.38
N ALA B 133 -15.46 -20.21 -41.64
CA ALA B 133 -16.26 -19.07 -41.18
C ALA B 133 -16.46 -17.98 -42.17
N LYS B 134 -15.72 -17.96 -43.24
CA LYS B 134 -15.96 -16.95 -44.23
C LYS B 134 -17.02 -17.51 -45.10
N HIS B 135 -17.17 -18.82 -45.06
CA HIS B 135 -18.13 -19.47 -45.93
C HIS B 135 -19.43 -19.76 -45.19
N PHE B 136 -19.50 -19.49 -43.89
CA PHE B 136 -20.68 -19.79 -43.11
C PHE B 136 -20.93 -18.87 -41.96
N LYS B 137 -20.39 -17.65 -41.99
CA LYS B 137 -20.58 -16.68 -40.92
C LYS B 137 -20.00 -15.37 -41.33
N ASN B 138 -19.57 -15.25 -42.58
CA ASN B 138 -19.07 -14.00 -43.12
C ASN B 138 -17.94 -13.26 -42.40
N VAL B 139 -16.94 -13.97 -41.85
CA VAL B 139 -15.81 -13.33 -41.20
C VAL B 139 -14.73 -13.13 -42.21
N THR B 140 -14.40 -11.90 -42.54
CA THR B 140 -13.36 -11.58 -43.52
C THR B 140 -12.00 -11.89 -42.99
N SER B 141 -11.08 -12.30 -43.86
CA SER B 141 -9.76 -12.70 -43.41
C SER B 141 -8.84 -12.89 -44.58
N SER B 142 -7.59 -13.22 -44.34
CA SER B 142 -6.62 -13.30 -45.41
C SER B 142 -5.86 -14.57 -45.25
N ASP B 143 -4.60 -14.61 -45.69
CA ASP B 143 -3.76 -15.78 -45.54
C ASP B 143 -2.62 -15.55 -44.58
N ILE B 144 -2.59 -14.38 -43.96
CA ILE B 144 -1.57 -14.05 -43.00
C ILE B 144 -2.22 -14.42 -41.73
N ASP B 145 -3.48 -14.79 -41.79
CA ASP B 145 -4.22 -15.04 -40.59
C ASP B 145 -4.27 -16.48 -40.26
N LYS B 146 -3.58 -17.26 -41.01
CA LYS B 146 -3.54 -18.63 -40.72
C LYS B 146 -2.28 -19.00 -40.02
N LEU B 147 -1.61 -18.10 -39.30
CA LEU B 147 -0.44 -18.43 -38.53
C LEU B 147 -0.84 -17.84 -37.23
N THR B 148 -2.06 -17.34 -37.11
CA THR B 148 -2.61 -16.80 -35.85
C THR B 148 -3.47 -17.80 -35.00
N ILE B 149 -3.89 -17.46 -33.77
CA ILE B 149 -4.66 -18.32 -32.90
C ILE B 149 -6.01 -18.49 -33.39
N SER B 150 -6.29 -18.01 -34.56
CA SER B 150 -7.64 -18.02 -35.08
C SER B 150 -7.89 -18.90 -36.29
N ASN B 151 -6.97 -19.77 -36.67
CA ASN B 151 -7.19 -20.69 -37.74
C ASN B 151 -7.34 -21.88 -36.95
N ILE B 152 -7.54 -21.80 -35.66
CA ILE B 152 -7.59 -23.01 -34.86
C ILE B 152 -9.01 -23.29 -34.43
N PRO B 153 -9.51 -24.52 -34.65
CA PRO B 153 -10.89 -24.85 -34.37
C PRO B 153 -11.33 -24.78 -32.94
N GLU B 154 -12.59 -24.53 -32.67
CA GLU B 154 -13.07 -24.43 -31.33
C GLU B 154 -12.96 -25.80 -30.90
N GLY B 155 -12.53 -26.02 -29.68
CA GLY B 155 -12.24 -27.37 -29.31
C GLY B 155 -10.73 -27.53 -29.35
N SER B 156 -10.17 -27.62 -28.20
CA SER B 156 -8.74 -27.68 -28.08
C SER B 156 -7.87 -28.74 -28.55
N ASN B 157 -7.01 -29.15 -27.66
CA ASN B 157 -6.04 -30.14 -27.95
C ASN B 157 -4.99 -29.56 -28.82
N ARG B 158 -5.00 -28.26 -29.00
CA ARG B 158 -4.01 -27.64 -29.78
C ARG B 158 -4.03 -26.29 -29.23
N PHE B 159 -4.57 -26.13 -28.04
CA PHE B 159 -4.58 -24.85 -27.38
C PHE B 159 -3.66 -24.96 -26.21
N TRP B 160 -3.30 -26.18 -25.96
CA TRP B 160 -2.41 -26.40 -24.88
C TRP B 160 -1.08 -25.87 -25.24
N ALA B 161 -0.67 -25.93 -26.49
CA ALA B 161 0.55 -25.32 -26.89
C ALA B 161 0.56 -23.89 -26.48
N HIS B 162 -0.41 -23.10 -26.89
CA HIS B 162 -0.55 -21.73 -26.47
C HIS B 162 -0.40 -21.57 -25.00
N ILE B 163 -1.14 -22.28 -24.17
CA ILE B 163 -0.86 -22.21 -22.69
C ILE B 163 0.58 -22.54 -22.18
N ILE B 164 1.17 -23.63 -22.59
CA ILE B 164 2.54 -23.87 -22.22
C ILE B 164 3.46 -22.75 -22.64
N MET B 165 3.29 -22.23 -23.85
CA MET B 165 4.17 -21.23 -24.31
C MET B 165 3.96 -20.04 -23.48
N ALA B 166 2.78 -19.64 -23.23
CA ALA B 166 2.58 -18.55 -22.32
C ALA B 166 3.31 -18.68 -21.07
N TYR B 167 3.20 -19.76 -20.35
CA TYR B 167 4.03 -19.95 -19.14
C TYR B 167 5.51 -19.74 -19.36
N ALA B 168 6.09 -20.49 -20.27
CA ALA B 168 7.47 -20.20 -20.60
C ALA B 168 7.75 -18.72 -20.78
N PHE B 169 7.05 -18.03 -21.65
CA PHE B 169 7.21 -16.63 -21.85
C PHE B 169 7.13 -15.79 -20.61
N THR B 170 6.12 -15.90 -19.77
CA THR B 170 6.15 -15.15 -18.51
C THR B 170 7.31 -15.42 -17.63
N ILE B 171 7.67 -16.67 -17.43
CA ILE B 171 8.86 -16.93 -16.65
C ILE B 171 10.10 -16.29 -17.20
N TRP B 172 10.35 -16.43 -18.48
CA TRP B 172 11.50 -15.75 -19.01
C TRP B 172 11.45 -14.24 -18.81
N THR B 173 10.38 -13.58 -19.18
CA THR B 173 10.32 -12.19 -18.92
C THR B 173 10.67 -11.86 -17.49
N CYS B 174 10.03 -12.46 -16.51
CA CYS B 174 10.31 -12.16 -15.13
C CYS B 174 11.75 -12.42 -14.67
N TYR B 175 12.35 -13.52 -15.04
CA TYR B 175 13.74 -13.73 -14.74
C TYR B 175 14.63 -12.63 -15.27
N MET B 176 14.46 -12.32 -16.55
CA MET B 176 15.25 -11.25 -17.14
C MET B 176 15.07 -9.93 -16.44
N LEU B 177 13.85 -9.60 -16.14
CA LEU B 177 13.58 -8.38 -15.41
C LEU B 177 14.23 -8.32 -14.02
N MET B 178 14.23 -9.37 -13.22
CA MET B 178 14.95 -9.36 -11.96
C MET B 178 16.45 -9.28 -12.06
N LYS B 179 17.02 -9.91 -13.05
CA LYS B 179 18.43 -9.71 -13.26
C LYS B 179 18.79 -8.26 -13.63
N GLU B 180 17.95 -7.58 -14.41
CA GLU B 180 18.23 -6.20 -14.67
C GLU B 180 18.06 -5.38 -13.49
N TYR B 181 17.11 -5.67 -12.64
CA TYR B 181 17.00 -4.92 -11.42
C TYR B 181 18.22 -4.98 -10.67
N GLU B 182 18.77 -6.14 -10.46
CA GLU B 182 20.01 -6.10 -9.74
C GLU B 182 21.12 -5.40 -10.33
N THR B 183 21.38 -5.57 -11.61
CA THR B 183 22.43 -4.77 -12.19
C THR B 183 22.23 -3.29 -12.00
N VAL B 184 21.07 -2.78 -12.34
CA VAL B 184 20.87 -1.36 -12.24
C VAL B 184 21.09 -0.92 -10.79
N ALA B 185 20.61 -1.63 -9.77
CA ALA B 185 20.87 -1.27 -8.41
C ALA B 185 22.32 -1.23 -8.02
N ASN B 186 23.06 -2.25 -8.30
CA ASN B 186 24.47 -2.20 -8.03
C ASN B 186 25.15 -1.06 -8.66
N MET B 187 24.82 -0.75 -9.89
CA MET B 187 25.39 0.38 -10.57
C MET B 187 25.09 1.66 -9.94
N ARG B 188 23.85 1.96 -9.64
CA ARG B 188 23.49 3.13 -8.89
C ARG B 188 24.30 3.26 -7.65
N LEU B 189 24.45 2.22 -6.86
CA LEU B 189 25.15 2.38 -5.63
C LEU B 189 26.61 2.63 -5.81
N GLN B 190 27.25 1.94 -6.70
CA GLN B 190 28.61 2.29 -7.00
C GLN B 190 28.81 3.70 -7.52
N PHE B 191 27.95 4.23 -8.36
CA PHE B 191 28.05 5.61 -8.81
C PHE B 191 27.94 6.50 -7.70
N LEU B 192 26.94 6.31 -6.88
CA LEU B 192 26.70 7.21 -5.81
C LEU B 192 27.83 7.27 -4.89
N ALA B 193 28.58 6.21 -4.74
CA ALA B 193 29.77 6.23 -3.89
C ALA B 193 31.00 6.85 -4.33
N SER B 194 31.05 7.43 -5.50
CA SER B 194 32.24 7.96 -6.11
C SER B 194 32.05 9.34 -6.73
N GLU B 195 30.83 9.84 -6.86
CA GLU B 195 30.56 11.16 -7.38
C GLU B 195 31.02 12.29 -6.48
N GLY B 196 31.59 13.35 -7.00
CA GLY B 196 32.14 14.40 -6.16
C GLY B 196 31.15 15.33 -5.58
N ARG B 197 31.52 16.19 -4.66
CA ARG B 197 30.57 17.01 -3.97
C ARG B 197 29.60 17.70 -4.85
N ARG B 198 28.35 17.73 -4.47
CA ARG B 198 27.34 18.36 -5.22
C ARG B 198 26.78 18.94 -4.00
N PRO B 199 26.06 20.05 -4.06
CA PRO B 199 25.49 20.71 -2.89
C PRO B 199 24.29 20.06 -2.25
N ASP B 200 23.70 19.04 -2.82
CA ASP B 200 22.53 18.38 -2.34
C ASP B 200 22.71 17.11 -1.66
N GLN B 201 23.93 16.82 -1.25
CA GLN B 201 24.25 15.61 -0.60
C GLN B 201 24.28 16.03 0.79
N PHE B 202 24.15 17.31 1.06
CA PHE B 202 24.12 17.85 2.35
C PHE B 202 22.87 18.64 2.69
N THR B 203 21.93 18.90 1.80
CA THR B 203 20.70 19.67 2.00
C THR B 203 19.34 19.05 1.88
N VAL B 204 18.33 19.56 2.58
CA VAL B 204 16.95 19.13 2.58
C VAL B 204 15.97 20.31 2.30
N LEU B 205 14.76 20.12 1.82
CA LEU B 205 13.78 21.16 1.66
C LEU B 205 12.72 21.00 2.72
N VAL B 206 12.59 21.93 3.66
CA VAL B 206 11.54 21.93 4.65
C VAL B 206 10.37 22.74 4.19
N ARG B 207 9.21 22.14 4.04
CA ARG B 207 8.10 22.76 3.51
C ARG B 207 7.13 22.77 4.57
N ASN B 208 6.39 23.85 4.75
CA ASN B 208 5.37 24.01 5.73
C ASN B 208 5.79 24.49 7.08
N VAL B 209 6.72 25.41 7.14
CA VAL B 209 7.14 25.99 8.35
C VAL B 209 5.93 26.69 8.89
N PRO B 210 5.47 26.37 10.10
CA PRO B 210 4.26 26.94 10.70
C PRO B 210 4.27 28.40 11.06
N PRO B 211 3.29 29.22 10.62
CA PRO B 211 3.28 30.69 10.81
C PRO B 211 3.29 31.26 12.20
N ASP B 212 3.67 32.51 12.37
CA ASP B 212 3.73 33.15 13.67
C ASP B 212 3.36 34.61 13.51
N PRO B 213 3.43 35.39 14.58
CA PRO B 213 3.14 36.79 14.32
C PRO B 213 4.22 37.73 14.83
N ASP B 214 5.44 37.24 15.10
CA ASP B 214 6.48 38.06 15.69
C ASP B 214 7.86 37.56 15.34
N GLU B 215 7.97 36.55 14.50
CA GLU B 215 9.23 35.96 14.15
C GLU B 215 9.12 35.77 12.66
N THR B 216 10.22 35.79 11.93
CA THR B 216 10.20 35.75 10.53
C THR B 216 10.24 34.32 10.18
N VAL B 217 10.32 33.93 8.92
CA VAL B 217 10.44 32.54 8.57
C VAL B 217 11.81 32.04 8.87
N SER B 218 12.82 32.89 8.82
CA SER B 218 14.18 32.51 9.08
C SER B 218 14.66 32.49 10.46
N GLU B 219 13.87 32.89 11.40
CA GLU B 219 14.23 32.96 12.77
C GLU B 219 13.46 31.92 13.41
N LEU B 220 12.83 31.06 12.66
CA LEU B 220 12.00 30.09 13.15
C LEU B 220 12.58 28.84 12.60
N VAL B 221 13.34 28.90 11.52
CA VAL B 221 13.98 27.76 10.92
C VAL B 221 15.33 27.57 11.58
N GLU B 222 15.89 28.57 12.21
CA GLU B 222 17.14 28.46 12.83
C GLU B 222 16.95 27.96 14.14
N HIS B 223 16.01 28.45 14.86
CA HIS B 223 15.67 27.94 16.14
C HIS B 223 15.15 26.52 16.16
N PHE B 224 14.50 26.01 15.15
CA PHE B 224 14.08 24.66 15.20
C PHE B 224 15.22 23.78 15.01
N PHE B 225 16.14 24.06 14.11
CA PHE B 225 17.16 23.11 13.83
C PHE B 225 18.34 23.25 14.67
N LEU B 226 18.47 24.28 15.44
CA LEU B 226 19.54 24.42 16.34
C LEU B 226 19.22 23.82 17.65
N VAL B 227 17.96 23.53 17.93
CA VAL B 227 17.54 22.87 19.15
C VAL B 227 17.27 21.46 18.88
N ASN B 228 16.86 21.09 17.68
CA ASN B 228 16.47 19.72 17.37
C ASN B 228 17.43 18.89 16.59
N HIS B 229 18.42 19.43 15.91
CA HIS B 229 19.45 18.73 15.16
C HIS B 229 20.58 19.54 15.56
N PRO B 230 21.00 19.46 16.82
CA PRO B 230 21.97 20.39 17.38
C PRO B 230 23.42 20.49 16.91
N ASP B 231 24.11 19.39 16.67
CA ASP B 231 25.50 19.39 16.27
C ASP B 231 25.81 19.53 14.80
N ASN B 232 24.99 19.02 13.92
CA ASN B 232 25.19 19.21 12.54
C ASN B 232 24.11 20.06 12.02
N TYR B 233 24.29 21.34 11.83
CA TYR B 233 23.32 22.15 11.21
C TYR B 233 24.32 23.16 10.86
N LEU B 234 24.27 23.73 9.68
CA LEU B 234 25.16 24.75 9.29
C LEU B 234 24.46 25.98 8.80
N THR B 235 23.49 25.88 7.93
CA THR B 235 22.94 27.03 7.28
C THR B 235 21.59 26.80 6.72
N HIS B 236 20.86 27.82 6.30
CA HIS B 236 19.60 27.71 5.63
C HIS B 236 19.45 28.80 4.63
N GLN B 237 18.56 28.70 3.66
CA GLN B 237 18.26 29.73 2.69
C GLN B 237 16.83 29.67 2.43
N VAL B 238 16.06 30.73 2.68
CA VAL B 238 14.62 30.73 2.54
C VAL B 238 14.04 30.68 1.15
N VAL B 239 12.75 30.48 0.98
CA VAL B 239 12.11 30.52 -0.33
C VAL B 239 11.29 31.76 -0.49
N CYS B 240 11.54 32.55 -1.49
CA CYS B 240 10.79 33.74 -1.78
C CYS B 240 10.13 33.68 -3.15
N ASN B 241 8.97 34.28 -3.35
CA ASN B 241 8.33 34.35 -4.65
C ASN B 241 9.04 35.40 -5.44
N ALA B 242 9.87 35.02 -6.38
CA ALA B 242 10.47 35.99 -7.24
C ALA B 242 9.97 35.59 -8.52
N ASN B 243 8.69 35.36 -8.66
CA ASN B 243 8.11 34.97 -9.90
C ASN B 243 8.02 36.19 -10.79
N LYS B 244 7.52 37.33 -10.33
CA LYS B 244 7.55 38.52 -11.20
C LYS B 244 8.86 39.10 -11.72
N LEU B 245 9.92 39.20 -10.97
CA LEU B 245 11.16 39.68 -11.47
C LEU B 245 11.67 38.75 -12.45
N ALA B 246 11.42 37.50 -12.26
CA ALA B 246 11.98 36.53 -13.11
C ALA B 246 11.31 36.74 -14.40
N ASP B 247 9.99 36.90 -14.37
CA ASP B 247 9.28 37.23 -15.58
C ASP B 247 9.71 38.50 -16.28
N LEU B 248 9.96 39.58 -15.59
CA LEU B 248 10.46 40.73 -16.31
C LEU B 248 11.87 40.57 -16.87
N VAL B 249 12.77 39.87 -16.23
CA VAL B 249 14.07 39.68 -16.83
C VAL B 249 13.84 38.92 -18.09
N SER B 250 12.96 37.92 -18.05
CA SER B 250 12.61 37.23 -19.28
C SER B 250 12.06 38.16 -20.39
N LYS B 251 11.12 39.05 -20.08
CA LYS B 251 10.60 39.92 -21.10
C LYS B 251 11.64 40.79 -21.60
N LYS B 252 12.56 41.22 -20.77
CA LYS B 252 13.65 42.03 -21.29
C LYS B 252 14.53 41.30 -22.25
N THR B 253 14.95 40.12 -21.91
CA THR B 253 15.75 39.47 -22.89
C THR B 253 14.94 39.32 -24.15
N LYS B 254 13.66 39.02 -24.09
CA LYS B 254 12.95 38.83 -25.35
C LYS B 254 12.99 40.07 -26.15
N LEU B 255 12.65 41.21 -25.55
CA LEU B 255 12.75 42.45 -26.29
C LEU B 255 14.12 42.65 -26.86
N GLN B 256 15.19 42.60 -26.11
CA GLN B 256 16.46 42.85 -26.78
C GLN B 256 16.78 41.88 -27.88
N ASN B 257 16.72 40.60 -27.68
CA ASN B 257 16.98 39.69 -28.76
C ASN B 257 16.18 40.12 -29.90
N TRP B 258 14.86 40.09 -29.66
CA TRP B 258 13.93 40.39 -30.73
C TRP B 258 14.36 41.53 -31.43
N LEU B 259 14.53 42.61 -30.75
CA LEU B 259 14.86 43.67 -31.59
C LEU B 259 16.26 44.23 -31.85
N ASP B 260 17.28 43.63 -31.32
CA ASP B 260 18.62 43.99 -31.68
C ASP B 260 18.56 43.32 -33.01
N TYR B 261 17.69 42.33 -33.19
CA TYR B 261 17.50 41.82 -34.55
C TYR B 261 17.01 42.94 -35.47
N TYR B 262 15.82 43.50 -35.23
CA TYR B 262 15.24 44.53 -36.19
C TYR B 262 16.05 45.76 -36.23
N GLN B 263 17.20 45.74 -35.59
CA GLN B 263 18.10 46.86 -35.62
C GLN B 263 19.26 46.70 -36.56
N LEU B 264 20.04 45.65 -36.44
CA LEU B 264 21.17 45.67 -37.41
C LEU B 264 20.72 44.99 -38.66
N LYS B 265 19.65 45.47 -39.25
CA LYS B 265 19.00 44.65 -40.24
C LYS B 265 19.96 44.75 -41.38
N TYR B 266 20.51 45.95 -41.58
CA TYR B 266 21.47 46.19 -42.66
C TYR B 266 22.09 47.43 -42.07
N THR B 267 21.84 47.64 -40.77
CA THR B 267 22.30 48.83 -40.04
C THR B 267 21.35 50.01 -40.33
N ARG B 268 21.70 51.23 -39.92
CA ARG B 268 20.90 52.43 -40.24
C ARG B 268 19.50 52.53 -39.67
N ASN B 269 18.72 53.50 -40.14
CA ASN B 269 17.34 53.63 -39.69
C ASN B 269 16.53 52.51 -40.30
N ASN B 270 15.53 52.01 -39.58
CA ASN B 270 14.83 50.82 -40.05
C ASN B 270 13.37 50.75 -40.25
N SER B 271 12.86 49.53 -40.22
CA SER B 271 11.50 49.36 -40.62
C SER B 271 10.45 49.41 -39.60
N GLN B 272 9.48 48.51 -39.73
CA GLN B 272 8.37 48.55 -38.84
C GLN B 272 7.68 47.23 -38.83
N ILE B 273 6.78 47.04 -37.88
CA ILE B 273 5.97 45.84 -37.84
C ILE B 273 4.90 46.21 -36.92
N ARG B 274 3.92 45.33 -36.75
CA ARG B 274 2.84 45.56 -35.80
C ARG B 274 1.94 44.35 -35.58
N PRO B 275 2.51 43.17 -35.35
CA PRO B 275 1.63 42.01 -35.25
C PRO B 275 0.60 42.10 -34.16
N ILE B 276 -0.46 41.32 -34.28
CA ILE B 276 -1.42 41.29 -33.21
C ILE B 276 -0.66 40.54 -32.13
N THR B 277 -0.59 41.12 -30.95
CA THR B 277 0.14 40.48 -29.86
C THR B 277 -0.80 40.14 -28.72
N LYS B 278 -1.34 38.92 -28.74
CA LYS B 278 -2.23 38.49 -27.68
C LYS B 278 -2.21 36.97 -27.51
N LEU B 279 -1.95 36.25 -28.60
CA LEU B 279 -1.98 34.80 -28.54
C LEU B 279 -0.68 34.16 -29.04
N GLY B 280 -0.30 34.43 -30.29
CA GLY B 280 0.90 33.84 -30.87
C GLY B 280 1.06 34.15 -32.35
N CYS B 281 2.20 33.84 -32.94
CA CYS B 281 2.48 34.12 -34.37
C CYS B 281 2.31 35.56 -34.80
N LEU B 282 1.61 35.81 -35.90
CA LEU B 282 1.29 37.18 -36.34
C LEU B 282 2.38 38.13 -36.84
N GLY B 283 1.99 39.15 -37.59
CA GLY B 283 2.94 40.11 -38.14
C GLY B 283 2.25 41.09 -39.08
N LEU B 284 2.48 42.38 -38.92
CA LEU B 284 1.89 43.42 -39.79
C LEU B 284 0.38 43.66 -39.75
N CYS B 285 -0.35 42.86 -38.98
CA CYS B 285 -1.76 43.12 -38.83
C CYS B 285 -1.95 44.06 -37.64
N GLY B 286 -1.74 45.36 -37.81
CA GLY B 286 -1.83 46.24 -36.66
C GLY B 286 -1.39 47.68 -36.78
N GLN B 287 -1.04 48.30 -35.65
CA GLN B 287 -0.69 49.73 -35.67
C GLN B 287 0.65 50.10 -35.05
N LYS B 288 1.26 49.22 -34.25
CA LYS B 288 2.52 49.53 -33.55
C LYS B 288 3.77 49.68 -34.44
N VAL B 289 3.77 50.63 -35.38
CA VAL B 289 4.88 50.76 -36.34
C VAL B 289 6.21 51.34 -35.86
N ASP B 290 6.63 52.44 -36.44
CA ASP B 290 7.89 53.10 -36.06
C ASP B 290 9.26 52.47 -36.32
N ALA B 291 9.93 51.86 -35.33
CA ALA B 291 11.32 51.42 -35.59
C ALA B 291 12.14 50.28 -34.95
N ILE B 292 13.42 50.55 -34.66
CA ILE B 292 14.38 49.54 -34.18
C ILE B 292 14.19 48.88 -32.79
N GLU B 293 15.19 48.15 -32.23
CA GLU B 293 15.06 47.37 -30.93
C GLU B 293 13.81 47.60 -30.16
N HIS B 294 12.75 46.88 -30.52
CA HIS B 294 11.48 47.01 -29.92
C HIS B 294 11.42 48.37 -29.34
N TYR B 295 11.32 49.37 -30.23
CA TYR B 295 11.25 50.76 -29.85
C TYR B 295 12.00 50.88 -28.57
N ILE B 296 13.34 50.92 -28.60
CA ILE B 296 14.21 50.96 -27.40
C ILE B 296 13.62 51.57 -26.16
N ALA B 297 12.59 52.36 -26.29
CA ALA B 297 11.91 52.84 -25.12
C ALA B 297 11.21 51.67 -24.38
N GLU B 298 10.63 50.70 -25.07
CA GLU B 298 10.06 49.53 -24.40
C GLU B 298 11.14 48.81 -23.63
N VAL B 299 12.35 48.82 -24.17
CA VAL B 299 13.43 48.10 -23.51
C VAL B 299 13.85 48.82 -22.24
N ASP B 300 13.59 50.12 -22.14
CA ASP B 300 13.92 50.79 -20.90
C ASP B 300 12.78 50.92 -19.89
N LYS B 301 11.53 50.79 -20.30
CA LYS B 301 10.42 50.82 -19.35
C LYS B 301 10.33 49.54 -18.65
N THR B 302 10.96 48.52 -19.19
CA THR B 302 10.97 47.25 -18.55
C THR B 302 12.09 47.29 -17.54
N SER B 303 13.08 48.14 -17.76
CA SER B 303 14.18 48.16 -16.85
C SER B 303 13.90 49.13 -15.75
N LYS B 304 12.72 49.70 -15.72
CA LYS B 304 12.34 50.53 -14.60
C LYS B 304 11.64 49.61 -13.64
N GLU B 305 10.68 48.85 -14.12
CA GLU B 305 10.03 47.87 -13.26
C GLU B 305 11.01 46.88 -12.76
N ILE B 306 12.05 46.55 -13.52
CA ILE B 306 13.03 45.54 -13.18
C ILE B 306 13.91 45.98 -12.10
N ALA B 307 13.94 47.26 -11.79
CA ALA B 307 14.71 47.71 -10.62
C ALA B 307 13.85 48.10 -9.46
N GLU B 308 12.55 48.21 -9.65
CA GLU B 308 11.63 48.45 -8.54
C GLU B 308 10.82 47.23 -8.24
N GLU B 309 11.29 46.08 -8.67
CA GLU B 309 10.64 44.86 -8.35
C GLU B 309 11.71 44.30 -7.52
N ARG B 310 12.95 44.60 -7.85
CA ARG B 310 14.08 44.10 -7.09
C ARG B 310 14.10 44.63 -5.70
N GLU B 311 13.38 45.71 -5.43
CA GLU B 311 13.35 46.31 -4.11
C GLU B 311 12.20 45.82 -3.27
N ASN B 312 11.05 45.65 -3.87
CA ASN B 312 9.90 45.21 -3.12
C ASN B 312 9.90 43.72 -3.01
N VAL B 313 11.04 43.09 -3.15
CA VAL B 313 11.11 41.65 -3.15
C VAL B 313 12.28 41.27 -2.31
N VAL B 314 13.23 42.16 -2.19
CA VAL B 314 14.43 41.84 -1.45
C VAL B 314 14.32 42.44 -0.09
N ASN B 315 13.39 43.34 0.10
CA ASN B 315 13.18 43.84 1.45
C ASN B 315 11.69 43.96 1.87
N ASP B 316 11.07 42.84 2.23
CA ASP B 316 9.65 42.86 2.56
C ASP B 316 9.06 41.81 3.53
N GLN B 317 9.51 40.55 3.53
CA GLN B 317 8.91 39.48 4.35
C GLN B 317 7.45 39.36 4.09
N LYS B 318 7.04 39.60 2.85
CA LYS B 318 5.65 39.48 2.45
C LYS B 318 5.82 38.59 1.27
N SER B 319 7.04 38.55 0.76
CA SER B 319 7.32 37.66 -0.31
C SER B 319 8.19 36.53 0.15
N VAL B 320 8.15 36.09 1.42
CA VAL B 320 8.91 34.95 1.88
C VAL B 320 7.92 33.88 2.06
N MET B 321 8.19 32.69 1.57
CA MET B 321 7.27 31.62 1.58
C MET B 321 7.55 30.74 2.71
N PRO B 322 6.56 30.03 3.15
CA PRO B 322 6.77 29.23 4.31
C PRO B 322 7.69 28.02 4.10
N ALA B 323 8.90 28.15 3.58
CA ALA B 323 9.77 27.05 3.30
C ALA B 323 11.21 27.48 3.24
N SER B 324 12.18 26.59 3.40
CA SER B 324 13.59 26.86 3.37
C SER B 324 14.34 25.68 2.91
N PHE B 325 15.65 25.75 2.73
CA PHE B 325 16.48 24.68 2.30
C PHE B 325 17.55 24.61 3.36
N VAL B 326 17.65 23.60 4.20
CA VAL B 326 18.58 23.55 5.29
C VAL B 326 19.72 22.69 5.00
N SER B 327 20.95 23.09 5.29
CA SER B 327 22.12 22.34 5.06
C SER B 327 22.89 21.94 6.26
N PHE B 328 23.57 20.83 6.19
CA PHE B 328 24.24 20.23 7.30
C PHE B 328 25.69 20.01 7.10
N LYS B 329 26.41 19.67 8.11
CA LYS B 329 27.82 19.54 8.04
C LYS B 329 28.29 18.21 7.58
N THR B 330 27.42 17.22 7.50
CA THR B 330 27.73 15.92 7.09
C THR B 330 26.63 15.43 6.23
N ARG B 331 26.82 14.34 5.53
CA ARG B 331 25.86 13.71 4.68
C ARG B 331 25.14 12.70 5.42
N TRP B 332 25.55 12.32 6.61
CA TRP B 332 24.89 11.40 7.45
C TRP B 332 23.85 12.10 8.15
N ALA B 333 24.01 13.38 8.50
CA ALA B 333 23.08 14.17 9.21
C ALA B 333 22.00 14.61 8.45
N ALA B 334 22.13 14.72 7.16
CA ALA B 334 21.14 15.16 6.27
C ALA B 334 20.28 14.11 5.84
N ALA B 335 20.72 12.88 5.95
CA ALA B 335 19.99 11.72 5.59
C ALA B 335 19.21 11.24 6.70
N VAL B 336 19.33 11.79 7.86
CA VAL B 336 18.61 11.46 9.02
C VAL B 336 17.51 12.47 9.10
N CYS B 337 17.61 13.64 8.52
CA CYS B 337 16.58 14.64 8.48
C CYS B 337 15.66 14.41 7.34
N ALA B 338 16.03 13.62 6.37
CA ALA B 338 15.19 13.28 5.30
C ALA B 338 14.40 12.05 5.53
N GLN B 339 14.79 11.15 6.41
CA GLN B 339 14.04 9.99 6.70
C GLN B 339 13.52 9.84 8.06
N THR B 340 13.23 10.92 8.77
CA THR B 340 12.80 10.92 10.12
C THR B 340 11.65 11.93 10.25
N THR B 341 10.71 11.80 11.20
CA THR B 341 9.59 12.72 11.43
C THR B 341 9.98 13.69 12.44
N GLN B 342 9.61 14.93 12.28
CA GLN B 342 10.10 15.95 13.11
C GLN B 342 9.23 16.53 14.11
N THR B 343 7.93 16.49 13.92
CA THR B 343 6.97 17.10 14.80
C THR B 343 5.73 16.24 14.90
N ARG B 344 4.80 16.57 15.78
CA ARG B 344 3.57 15.84 16.04
C ARG B 344 2.46 16.18 15.17
N ASN B 345 2.57 17.22 14.37
CA ASN B 345 1.58 17.61 13.43
C ASN B 345 2.09 17.09 12.19
N PRO B 346 1.39 16.17 11.60
CA PRO B 346 1.89 15.47 10.44
C PRO B 346 2.01 16.24 9.17
N THR B 347 1.65 17.48 9.16
CA THR B 347 1.62 18.29 7.99
C THR B 347 2.43 19.55 8.06
N GLU B 348 3.28 19.70 9.05
CA GLU B 348 4.03 20.85 9.25
C GLU B 348 5.40 20.38 9.39
N TRP B 349 6.38 21.13 8.94
CA TRP B 349 7.77 20.82 9.00
C TRP B 349 8.10 19.58 8.30
N LEU B 350 8.02 19.54 6.99
CA LEU B 350 8.21 18.35 6.23
C LEU B 350 9.37 18.23 5.34
N THR B 351 10.44 17.61 5.79
CA THR B 351 11.70 17.47 5.09
C THR B 351 11.87 16.35 4.06
N GLU B 352 12.57 16.58 2.95
CA GLU B 352 12.78 15.63 1.89
C GLU B 352 14.17 15.92 1.51
N TRP B 353 14.67 15.62 0.35
CA TRP B 353 16.02 15.81 0.00
C TRP B 353 15.86 16.73 -1.04
N ALA B 354 16.78 17.63 -1.24
CA ALA B 354 16.69 18.61 -2.21
C ALA B 354 17.29 18.17 -3.49
N ALA B 355 16.87 18.74 -4.57
CA ALA B 355 17.35 18.42 -5.83
C ALA B 355 18.54 19.19 -6.04
N GLU B 356 19.19 19.04 -7.15
CA GLU B 356 20.41 19.69 -7.32
C GLU B 356 20.00 21.02 -7.72
N PRO B 357 20.78 22.02 -7.41
CA PRO B 357 20.26 23.33 -7.63
C PRO B 357 19.86 23.57 -9.06
N ARG B 358 20.24 22.77 -10.04
CA ARG B 358 19.92 22.86 -11.48
C ARG B 358 18.75 22.01 -11.98
N ASP B 359 18.15 21.16 -11.16
CA ASP B 359 17.04 20.40 -11.50
C ASP B 359 16.06 20.95 -10.57
N ILE B 360 15.82 22.24 -10.51
CA ILE B 360 14.81 22.80 -9.67
C ILE B 360 14.01 23.61 -10.57
N TYR B 361 12.69 23.52 -10.53
CA TYR B 361 11.78 24.28 -11.33
C TYR B 361 11.36 25.26 -10.35
N TRP B 362 11.94 26.43 -10.40
CA TRP B 362 11.70 27.41 -9.44
C TRP B 362 10.41 28.01 -9.57
N PRO B 363 9.83 28.04 -10.75
CA PRO B 363 8.51 28.59 -10.73
C PRO B 363 7.38 27.94 -9.89
N ASN B 364 7.53 26.81 -9.24
CA ASN B 364 6.50 26.14 -8.52
C ASN B 364 6.92 25.89 -7.15
N LEU B 365 7.87 26.64 -6.65
CA LEU B 365 8.36 26.54 -5.28
C LEU B 365 7.64 27.62 -4.57
N ALA B 366 6.92 28.44 -5.29
CA ALA B 366 6.18 29.53 -4.75
C ALA B 366 4.72 29.37 -4.94
N ILE B 367 4.17 28.19 -4.78
CA ILE B 367 2.78 27.91 -4.92
C ILE B 367 2.45 27.46 -3.52
N PRO B 368 1.35 27.95 -2.91
CA PRO B 368 0.89 27.49 -1.58
C PRO B 368 0.83 25.95 -1.44
N TYR B 369 0.40 25.27 -0.36
CA TYR B 369 0.21 23.74 -0.30
C TYR B 369 -1.26 23.08 -0.52
N VAL B 370 -2.22 23.90 -0.16
CA VAL B 370 -3.58 23.45 -0.33
C VAL B 370 -3.96 23.50 -1.80
N SER B 371 -3.31 24.44 -2.43
CA SER B 371 -3.65 24.59 -3.75
C SER B 371 -3.16 23.35 -4.36
N LEU B 372 -2.03 22.86 -3.97
CA LEU B 372 -1.45 21.65 -4.53
C LEU B 372 -2.50 20.60 -4.56
N THR B 373 -3.06 20.30 -3.41
CA THR B 373 -4.21 19.29 -3.60
C THR B 373 -5.42 19.59 -4.60
N VAL B 374 -6.04 20.75 -4.45
CA VAL B 374 -7.07 21.03 -5.49
C VAL B 374 -6.57 20.93 -6.94
N ARG B 375 -5.34 21.34 -7.21
CA ARG B 375 -4.76 21.33 -8.53
C ARG B 375 -4.65 19.94 -9.03
N ARG B 376 -4.10 19.10 -8.22
CA ARG B 376 -4.08 17.72 -8.62
C ARG B 376 -5.42 17.21 -9.06
N LEU B 377 -6.46 17.42 -8.25
CA LEU B 377 -7.84 17.04 -8.77
C LEU B 377 -8.28 17.61 -10.12
N VAL B 378 -8.22 18.92 -10.25
CA VAL B 378 -8.51 19.49 -11.56
C VAL B 378 -7.74 18.81 -12.75
N MET B 379 -6.47 18.49 -12.56
CA MET B 379 -5.71 17.88 -13.64
C MET B 379 -6.17 16.46 -13.90
N ASN B 380 -6.48 15.68 -12.89
CA ASN B 380 -7.11 14.36 -13.17
C ASN B 380 -8.41 14.49 -14.01
N VAL B 381 -9.25 15.47 -13.68
CA VAL B 381 -10.43 15.68 -14.58
C VAL B 381 -10.08 16.02 -16.05
N ALA B 382 -9.15 16.94 -16.24
CA ALA B 382 -8.73 17.21 -17.61
C ALA B 382 -8.24 16.00 -18.32
N PHE B 383 -7.49 15.15 -17.64
CA PHE B 383 -7.07 13.90 -18.23
C PHE B 383 -8.23 13.07 -18.72
N PHE B 384 -9.17 12.75 -17.86
CA PHE B 384 -10.36 12.07 -18.41
C PHE B 384 -10.96 12.72 -19.71
N PHE B 385 -11.17 14.03 -19.68
CA PHE B 385 -11.68 14.59 -20.97
C PHE B 385 -10.78 14.48 -22.25
N LEU B 386 -9.48 14.65 -22.08
CA LEU B 386 -8.58 14.43 -23.19
C LEU B 386 -8.72 13.02 -23.67
N THR B 387 -8.69 12.05 -22.78
CA THR B 387 -8.94 10.67 -23.20
C THR B 387 -10.17 10.55 -24.13
N PHE B 388 -11.32 11.06 -23.71
CA PHE B 388 -12.46 11.07 -24.70
C PHE B 388 -12.28 11.76 -26.14
N PHE B 389 -11.77 12.98 -26.15
CA PHE B 389 -11.52 13.56 -27.51
C PHE B 389 -10.55 12.73 -28.38
N PHE B 390 -9.64 12.12 -27.66
CA PHE B 390 -8.76 11.32 -28.44
C PHE B 390 -9.46 10.11 -28.99
N ILE B 391 -10.27 9.40 -28.22
CA ILE B 391 -11.08 8.35 -28.83
C ILE B 391 -11.65 8.83 -30.16
N ILE B 392 -12.25 10.01 -30.15
CA ILE B 392 -12.65 10.51 -31.54
C ILE B 392 -11.57 10.48 -32.68
N PRO B 393 -10.52 11.35 -32.55
CA PRO B 393 -9.51 11.09 -33.62
C PRO B 393 -9.01 9.66 -33.90
N ILE B 394 -8.88 8.84 -32.87
CA ILE B 394 -8.49 7.42 -33.02
C ILE B 394 -9.40 6.63 -33.91
N ALA B 395 -10.70 6.74 -33.75
CA ALA B 395 -11.53 6.04 -34.69
C ALA B 395 -11.48 6.62 -36.05
N PHE B 396 -11.36 7.93 -36.15
CA PHE B 396 -11.16 8.40 -37.51
C PHE B 396 -10.05 7.62 -38.17
N VAL B 397 -8.87 7.54 -37.55
CA VAL B 397 -7.75 6.71 -38.10
C VAL B 397 -8.12 5.29 -38.38
N GLN B 398 -8.70 4.57 -37.45
CA GLN B 398 -9.14 3.19 -37.68
C GLN B 398 -10.18 2.96 -38.73
N SER B 399 -10.82 3.99 -39.25
CA SER B 399 -11.70 3.83 -40.44
C SER B 399 -11.01 3.86 -41.78
N LEU B 400 -9.79 4.33 -41.92
CA LEU B 400 -9.01 4.45 -43.08
C LEU B 400 -8.22 3.17 -43.15
N ALA B 401 -8.02 2.50 -42.03
CA ALA B 401 -7.25 1.26 -41.98
C ALA B 401 -8.04 0.01 -42.21
N THR B 402 -9.30 -0.01 -41.84
CA THR B 402 -10.16 -1.12 -42.13
C THR B 402 -11.15 -0.65 -43.18
N ILE B 403 -10.69 -0.14 -44.30
CA ILE B 403 -11.56 0.40 -45.34
C ILE B 403 -12.14 -0.63 -46.29
N GLU B 404 -11.51 -1.79 -46.42
CA GLU B 404 -11.98 -2.80 -47.33
C GLU B 404 -13.09 -3.63 -46.76
N GLY B 405 -13.48 -3.36 -45.52
CA GLY B 405 -14.58 -4.06 -44.92
C GLY B 405 -15.66 -3.05 -44.60
N ILE B 406 -15.36 -1.79 -44.79
CA ILE B 406 -16.30 -0.75 -44.52
C ILE B 406 -16.89 -0.54 -45.87
N GLU B 407 -16.18 -1.05 -46.87
CA GLU B 407 -16.68 -0.91 -48.22
C GLU B 407 -17.20 -2.22 -48.73
N LYS B 408 -18.03 -2.87 -47.92
CA LYS B 408 -18.65 -4.11 -48.29
C LYS B 408 -20.08 -3.94 -47.82
N VAL B 409 -20.26 -3.50 -46.58
CA VAL B 409 -21.60 -3.21 -46.05
C VAL B 409 -21.89 -1.77 -46.34
N ALA B 410 -21.06 -1.17 -47.17
CA ALA B 410 -21.31 0.15 -47.62
C ALA B 410 -20.52 0.23 -48.88
N PRO B 411 -21.03 -0.35 -49.97
CA PRO B 411 -20.35 -0.21 -51.27
C PRO B 411 -20.66 1.14 -51.86
N PHE B 412 -20.31 2.22 -51.18
CA PHE B 412 -20.72 3.56 -51.59
C PHE B 412 -19.67 4.47 -52.18
N LEU B 413 -19.27 5.48 -51.43
CA LEU B 413 -18.31 6.44 -51.91
C LEU B 413 -17.14 5.71 -52.50
N LYS B 414 -16.33 5.04 -51.66
CA LYS B 414 -15.23 4.20 -52.14
C LYS B 414 -14.03 4.77 -52.94
N VAL B 415 -12.88 4.06 -52.97
CA VAL B 415 -11.70 4.47 -53.74
C VAL B 415 -12.00 3.87 -55.04
N ILE B 416 -12.90 4.44 -55.81
CA ILE B 416 -13.35 3.81 -57.04
C ILE B 416 -13.68 2.39 -56.62
N ILE B 417 -14.64 2.24 -55.71
CA ILE B 417 -14.98 0.92 -55.16
C ILE B 417 -13.73 0.08 -54.85
N GLU B 418 -12.88 0.53 -53.90
CA GLU B 418 -11.60 -0.17 -53.52
C GLU B 418 -10.80 -0.97 -54.58
N LYS B 419 -10.95 -0.66 -55.86
CA LYS B 419 -10.17 -1.32 -56.88
C LYS B 419 -8.94 -0.44 -56.96
N ASP B 420 -8.07 -0.64 -57.96
CA ASP B 420 -6.80 0.08 -57.98
C ASP B 420 -6.20 -0.35 -56.66
N PHE B 421 -5.67 -1.56 -56.56
CA PHE B 421 -5.22 -2.04 -55.26
C PHE B 421 -3.93 -1.47 -54.68
N ILE B 422 -3.11 -0.75 -55.43
CA ILE B 422 -1.96 -0.14 -54.78
C ILE B 422 -2.51 0.91 -53.81
N LYS B 423 -3.53 1.62 -54.22
CA LYS B 423 -4.15 2.55 -53.31
C LYS B 423 -4.53 2.01 -51.91
N SER B 424 -5.08 0.81 -51.74
CA SER B 424 -5.46 0.38 -50.38
C SER B 424 -4.28 0.04 -49.43
N LEU B 425 -3.16 -0.35 -50.02
CA LEU B 425 -1.99 -0.58 -49.20
C LEU B 425 -1.44 0.78 -48.81
N ILE B 426 -1.52 1.67 -49.77
CA ILE B 426 -1.09 2.95 -49.38
C ILE B 426 -1.98 3.42 -48.24
N GLN B 427 -3.27 3.10 -48.21
CA GLN B 427 -4.14 3.43 -47.02
C GLN B 427 -3.66 2.83 -45.71
N GLY B 428 -3.32 1.55 -45.65
CA GLY B 428 -2.58 1.07 -44.43
C GLY B 428 -1.38 2.08 -44.00
N LEU B 429 -0.41 2.34 -44.92
CA LEU B 429 0.62 3.45 -44.60
C LEU B 429 0.05 4.86 -44.11
N LEU B 430 -0.99 5.35 -44.75
CA LEU B 430 -1.61 6.60 -44.31
C LEU B 430 -2.22 6.56 -42.91
N ALA B 431 -2.86 5.45 -42.57
CA ALA B 431 -3.33 5.32 -41.19
C ALA B 431 -2.17 5.52 -40.23
N GLY B 432 -1.10 4.76 -40.49
CA GLY B 432 0.07 5.06 -39.66
C GLY B 432 0.46 6.53 -39.48
N ILE B 433 0.69 7.22 -40.60
CA ILE B 433 0.99 8.68 -40.48
C ILE B 433 0.01 9.56 -39.70
N ALA B 434 -1.28 9.37 -39.90
CA ALA B 434 -2.25 10.09 -39.02
C ALA B 434 -2.08 9.89 -37.48
N LEU B 435 -2.01 8.61 -37.10
CA LEU B 435 -1.76 8.45 -35.66
C LEU B 435 -0.45 9.17 -35.24
N LYS B 436 0.64 9.01 -36.00
CA LYS B 436 1.83 9.79 -35.64
C LYS B 436 1.56 11.27 -35.27
N LEU B 437 0.97 11.98 -36.24
CA LEU B 437 0.61 13.36 -35.95
C LEU B 437 -0.14 13.73 -34.55
N PHE B 438 -1.26 13.01 -34.44
CA PHE B 438 -1.92 13.27 -33.15
C PHE B 438 -1.01 13.09 -31.87
N LEU B 439 -0.37 11.94 -31.91
CA LEU B 439 0.41 11.69 -30.74
C LEU B 439 1.58 12.72 -30.40
N ILE B 440 2.18 13.31 -31.43
CA ILE B 440 3.12 14.48 -31.15
C ILE B 440 2.60 15.63 -30.19
N PHE B 441 1.49 16.12 -30.77
CA PHE B 441 1.10 17.20 -29.73
C PHE B 441 0.76 16.66 -28.29
N LEU B 442 0.26 15.42 -28.23
CA LEU B 442 0.11 14.79 -26.84
C LEU B 442 1.34 14.94 -25.94
N PRO B 443 2.51 14.35 -26.35
CA PRO B 443 3.61 14.72 -25.42
C PRO B 443 3.69 16.13 -24.85
N ALA B 444 3.68 17.08 -25.81
CA ALA B 444 3.71 18.45 -25.07
C ALA B 444 2.60 18.85 -24.10
N ILE B 445 1.35 18.59 -24.46
CA ILE B 445 0.25 18.84 -23.48
C ILE B 445 0.45 18.18 -22.15
N LEU B 446 0.83 16.95 -22.15
CA LEU B 446 0.96 16.30 -20.87
C LEU B 446 2.05 16.95 -20.03
N MET B 447 3.18 17.34 -20.63
CA MET B 447 4.12 18.16 -19.79
C MET B 447 3.55 19.42 -19.22
N THR B 448 2.85 20.20 -20.03
CA THR B 448 2.15 21.35 -19.42
C THR B 448 1.23 20.96 -18.28
N MET B 449 0.43 19.93 -18.35
CA MET B 449 -0.35 19.52 -17.17
C MET B 449 0.41 19.04 -16.00
N SER B 450 1.61 18.55 -16.15
CA SER B 450 2.43 18.20 -14.97
C SER B 450 3.05 19.37 -14.35
N LYS B 451 3.32 20.41 -15.10
CA LYS B 451 3.82 21.59 -14.44
C LYS B 451 2.77 22.44 -13.71
N PHE B 452 1.50 22.06 -13.58
CA PHE B 452 0.39 22.77 -12.93
C PHE B 452 0.10 22.13 -11.62
N GLU B 453 0.00 20.84 -11.53
CA GLU B 453 -0.12 20.14 -10.33
C GLU B 453 0.97 20.40 -9.33
N GLY B 454 1.95 21.22 -9.61
CA GLY B 454 2.95 21.64 -8.66
C GLY B 454 4.26 21.04 -8.30
N PHE B 455 4.95 20.32 -9.15
CA PHE B 455 6.16 19.64 -8.78
C PHE B 455 7.29 20.59 -8.92
N THR B 456 8.44 20.34 -8.34
CA THR B 456 9.52 21.29 -8.30
C THR B 456 10.88 20.81 -8.73
N SER B 457 11.00 19.70 -9.45
CA SER B 457 12.22 19.13 -9.86
C SER B 457 11.88 18.89 -11.22
N VAL B 458 12.83 18.86 -12.11
CA VAL B 458 12.57 18.75 -13.49
C VAL B 458 12.64 17.34 -13.85
N SER B 459 13.01 16.50 -12.94
CA SER B 459 13.12 15.10 -13.14
C SER B 459 11.94 14.37 -12.75
N PHE B 460 11.14 14.90 -11.87
CA PHE B 460 9.89 14.32 -11.52
C PHE B 460 8.81 14.78 -12.43
N LEU B 461 8.88 15.96 -12.97
CA LEU B 461 7.93 16.38 -13.95
C LEU B 461 8.05 15.42 -15.11
N GLU B 462 9.22 15.07 -15.61
CA GLU B 462 9.37 14.06 -16.63
C GLU B 462 8.87 12.67 -16.31
N ARG B 463 9.11 12.18 -15.14
CA ARG B 463 8.65 10.93 -14.76
C ARG B 463 7.15 10.89 -14.75
N ARG B 464 6.51 11.97 -14.31
CA ARG B 464 5.07 12.03 -14.27
C ARG B 464 4.47 12.08 -15.60
N SER B 465 5.08 12.85 -16.47
CA SER B 465 4.63 12.90 -17.79
C SER B 465 4.70 11.58 -18.48
N ALA B 466 5.74 10.79 -18.32
CA ALA B 466 5.81 9.44 -18.84
C ALA B 466 4.79 8.50 -18.32
N SER B 467 4.52 8.53 -17.05
CA SER B 467 3.43 7.72 -16.56
C SER B 467 2.08 8.05 -17.13
N ARG B 468 1.80 9.31 -17.31
CA ARG B 468 0.56 9.65 -17.92
C ARG B 468 0.49 9.27 -19.35
N TYR B 469 1.58 9.37 -20.07
CA TYR B 469 1.52 8.92 -21.41
C TYR B 469 1.26 7.55 -21.44
N TYR B 470 1.80 6.74 -20.59
CA TYR B 470 1.46 5.34 -20.57
C TYR B 470 0.06 5.15 -20.46
N ILE B 471 -0.57 5.63 -19.42
CA ILE B 471 -2.04 5.41 -19.41
C ILE B 471 -2.75 5.81 -20.69
N PHE B 472 -2.56 7.02 -21.18
CA PHE B 472 -3.18 7.45 -22.40
C PHE B 472 -2.93 6.44 -23.40
N ASN B 473 -1.69 6.15 -23.83
CA ASN B 473 -1.28 5.12 -24.85
C ASN B 473 -2.06 3.98 -24.57
N LEU B 474 -1.86 3.18 -23.53
CA LEU B 474 -2.73 2.02 -23.24
C LEU B 474 -4.07 2.26 -23.70
N VAL B 475 -4.90 2.90 -22.89
CA VAL B 475 -6.30 3.04 -23.28
C VAL B 475 -6.44 3.40 -24.67
N ASN B 476 -6.21 4.62 -24.99
CA ASN B 476 -6.50 5.00 -26.33
C ASN B 476 -5.91 4.14 -27.38
N VAL B 477 -4.65 4.10 -27.54
CA VAL B 477 -4.17 3.45 -28.71
C VAL B 477 -4.56 2.05 -28.72
N PHE B 478 -4.26 1.36 -27.68
CA PHE B 478 -4.44 -0.03 -27.78
C PHE B 478 -5.84 -0.40 -27.87
N LEU B 479 -6.59 0.05 -26.92
CA LEU B 479 -7.89 -0.46 -26.85
C LEU B 479 -8.85 0.20 -27.73
N GLY B 480 -8.52 1.35 -28.21
CA GLY B 480 -9.47 2.10 -28.95
C GLY B 480 -9.30 1.53 -30.26
N SER B 481 -8.09 1.21 -30.62
CA SER B 481 -7.89 0.78 -31.92
C SER B 481 -8.54 -0.52 -31.97
N VAL B 482 -8.36 -1.34 -30.97
CA VAL B 482 -8.88 -2.66 -31.04
C VAL B 482 -10.36 -2.54 -31.26
N ILE B 483 -11.06 -1.86 -30.38
CA ILE B 483 -12.49 -1.73 -30.47
C ILE B 483 -12.98 -1.20 -31.77
N ALA B 484 -12.49 -0.10 -32.24
CA ALA B 484 -13.01 0.45 -33.44
C ALA B 484 -12.69 -0.37 -34.68
N GLY B 485 -11.55 -0.94 -34.73
CA GLY B 485 -11.21 -1.65 -35.90
C GLY B 485 -12.12 -2.81 -35.93
N ALA B 486 -12.26 -3.44 -34.78
CA ALA B 486 -13.11 -4.60 -34.68
C ALA B 486 -14.38 -4.20 -35.28
N ALA B 487 -15.06 -3.25 -34.67
CA ALA B 487 -16.27 -2.72 -35.23
C ALA B 487 -16.24 -2.70 -36.72
N PHE B 488 -15.68 -1.73 -37.38
CA PHE B 488 -15.75 -1.68 -38.84
C PHE B 488 -15.80 -2.97 -39.78
N GLU B 489 -14.75 -3.81 -39.79
CA GLU B 489 -14.76 -5.07 -40.60
C GLU B 489 -15.78 -6.14 -40.18
N GLN B 490 -15.61 -6.45 -38.95
CA GLN B 490 -16.57 -7.37 -38.59
C GLN B 490 -17.90 -6.65 -38.35
N LEU B 491 -18.13 -5.38 -38.72
CA LEU B 491 -19.40 -4.61 -38.58
C LEU B 491 -20.07 -5.04 -39.74
N ASN B 492 -19.31 -5.00 -40.82
CA ASN B 492 -19.94 -5.67 -41.95
C ASN B 492 -20.50 -7.00 -41.42
N SER B 493 -19.62 -7.86 -40.88
CA SER B 493 -20.25 -9.20 -40.49
C SER B 493 -21.34 -9.17 -39.46
N PHE B 494 -21.33 -8.23 -38.52
CA PHE B 494 -22.30 -8.04 -37.46
C PHE B 494 -23.65 -7.62 -37.93
N LEU B 495 -23.72 -6.82 -38.96
CA LEU B 495 -25.07 -6.51 -39.40
C LEU B 495 -25.83 -7.80 -39.85
N ASN B 496 -25.43 -8.52 -40.85
CA ASN B 496 -26.03 -9.71 -41.44
C ASN B 496 -25.92 -10.99 -40.62
N GLN B 497 -25.89 -10.90 -39.31
CA GLN B 497 -25.92 -12.08 -38.46
C GLN B 497 -26.74 -11.69 -37.26
N SER B 498 -26.54 -12.34 -36.12
CA SER B 498 -27.36 -12.06 -34.93
C SER B 498 -26.50 -11.70 -33.73
N PRO B 499 -27.02 -10.92 -32.77
CA PRO B 499 -26.27 -10.53 -31.55
C PRO B 499 -25.78 -11.63 -30.62
N ASN B 500 -25.28 -12.78 -31.06
CA ASN B 500 -24.50 -13.75 -30.18
C ASN B 500 -23.05 -13.84 -30.81
N GLN B 501 -23.19 -13.76 -32.08
CA GLN B 501 -21.96 -13.79 -32.73
C GLN B 501 -21.26 -12.52 -32.43
N ILE B 502 -21.75 -11.64 -31.59
CA ILE B 502 -20.87 -10.51 -31.27
C ILE B 502 -19.50 -11.04 -30.69
N PRO B 503 -19.48 -11.81 -29.58
CA PRO B 503 -18.21 -12.39 -29.10
C PRO B 503 -17.16 -13.12 -30.00
N LYS B 504 -17.61 -14.11 -30.71
CA LYS B 504 -16.68 -14.75 -31.60
C LYS B 504 -16.02 -13.79 -32.63
N THR B 505 -16.85 -12.91 -33.14
CA THR B 505 -16.32 -12.00 -34.09
C THR B 505 -15.31 -11.12 -33.37
N ILE B 506 -15.64 -10.58 -32.20
CA ILE B 506 -14.62 -9.90 -31.40
C ILE B 506 -13.25 -10.66 -31.31
N GLY B 507 -13.21 -11.94 -30.91
CA GLY B 507 -11.94 -12.70 -30.95
C GLY B 507 -11.13 -12.60 -32.28
N MET B 508 -11.82 -13.02 -33.33
CA MET B 508 -10.99 -12.84 -34.54
C MET B 508 -10.51 -11.35 -34.90
N ALA B 509 -11.38 -10.42 -34.64
CA ALA B 509 -10.91 -9.08 -34.91
C ALA B 509 -9.70 -8.63 -34.06
N ILE B 510 -9.61 -9.03 -32.78
CA ILE B 510 -8.33 -8.78 -32.04
C ILE B 510 -7.06 -9.29 -32.81
N PRO B 511 -7.10 -10.61 -33.09
CA PRO B 511 -5.91 -10.84 -33.96
C PRO B 511 -5.58 -9.93 -35.34
N MET B 512 -6.66 -9.55 -35.99
CA MET B 512 -6.36 -8.57 -37.14
C MET B 512 -5.82 -7.14 -36.77
N LYS B 513 -6.30 -6.66 -35.65
CA LYS B 513 -5.73 -5.41 -35.23
C LYS B 513 -4.25 -5.60 -35.05
N ALA B 514 -3.83 -6.79 -34.63
CA ALA B 514 -2.33 -7.05 -34.66
C ALA B 514 -1.69 -6.71 -35.91
N THR B 515 -2.17 -7.37 -36.91
CA THR B 515 -1.58 -6.80 -38.23
C THR B 515 -1.46 -5.22 -38.46
N PHE B 516 -2.53 -4.49 -38.17
CA PHE B 516 -2.32 -2.96 -38.21
C PHE B 516 -1.20 -2.43 -37.31
N PHE B 517 -1.14 -2.93 -36.08
CA PHE B 517 -0.03 -2.55 -35.19
C PHE B 517 1.28 -2.79 -35.86
N ILE B 518 1.51 -3.93 -36.48
CA ILE B 518 2.75 -4.17 -37.30
C ILE B 518 3.02 -3.03 -38.18
N THR B 519 2.10 -2.71 -39.06
CA THR B 519 2.42 -1.46 -39.87
C THR B 519 2.80 -0.18 -39.14
N TYR B 520 2.02 0.22 -38.15
CA TYR B 520 2.45 1.37 -37.32
C TYR B 520 3.81 1.26 -36.80
N ILE B 521 4.18 0.17 -36.12
CA ILE B 521 5.60 -0.05 -35.69
C ILE B 521 6.42 0.25 -36.79
N MET B 522 6.42 -0.50 -37.87
CA MET B 522 7.26 -0.09 -38.98
C MET B 522 7.34 1.41 -39.14
N VAL B 523 6.34 2.12 -39.65
CA VAL B 523 6.50 3.64 -39.75
C VAL B 523 7.18 4.19 -38.54
N ASP B 524 6.46 4.36 -37.44
CA ASP B 524 7.06 5.00 -36.27
C ASP B 524 8.42 4.54 -36.00
N GLY B 525 8.59 3.31 -35.63
CA GLY B 525 9.85 2.83 -35.18
C GLY B 525 10.93 3.03 -36.09
N TRP B 526 10.78 2.45 -37.20
CA TRP B 526 11.89 2.44 -38.02
C TRP B 526 12.23 3.79 -38.54
N ALA B 527 11.24 4.49 -39.02
CA ALA B 527 11.59 5.68 -39.71
C ALA B 527 11.89 6.77 -38.82
N GLY B 528 11.43 6.69 -37.61
CA GLY B 528 11.57 7.76 -36.68
C GLY B 528 12.88 7.64 -36.01
N VAL B 529 13.31 6.42 -35.76
CA VAL B 529 14.57 6.33 -35.18
C VAL B 529 15.53 6.74 -36.25
N ALA B 530 15.29 6.42 -37.49
CA ALA B 530 16.26 6.84 -38.45
C ALA B 530 16.26 8.30 -38.87
N GLY B 531 15.22 9.03 -38.54
CA GLY B 531 15.15 10.42 -38.89
C GLY B 531 15.51 11.21 -37.73
N GLU B 532 15.66 10.58 -36.60
CA GLU B 532 16.16 11.28 -35.44
C GLU B 532 17.62 11.54 -35.53
N ILE B 533 18.35 10.77 -36.27
CA ILE B 533 19.74 11.00 -36.42
C ILE B 533 20.06 12.28 -37.12
N LEU B 534 19.12 12.97 -37.71
CA LEU B 534 19.46 14.10 -38.53
C LEU B 534 19.36 15.40 -37.89
N MET B 535 18.76 15.46 -36.73
CA MET B 535 18.58 16.71 -35.97
C MET B 535 18.23 17.89 -36.82
N LEU B 536 17.03 17.91 -37.37
CA LEU B 536 16.65 18.94 -38.31
C LEU B 536 16.04 20.18 -37.72
N LYS B 537 15.23 20.12 -36.69
CA LYS B 537 14.80 21.36 -36.04
C LYS B 537 16.03 22.00 -35.40
N PRO B 538 16.81 21.25 -34.61
CA PRO B 538 18.06 21.82 -34.13
C PRO B 538 19.09 22.28 -35.19
N LEU B 539 19.10 21.83 -36.44
CA LEU B 539 19.99 22.36 -37.49
C LEU B 539 19.46 23.67 -38.12
N ILE B 540 18.19 23.75 -38.45
CA ILE B 540 17.63 24.96 -38.99
C ILE B 540 17.82 25.92 -37.90
N ILE B 541 17.29 25.64 -36.73
CA ILE B 541 17.38 26.58 -35.63
C ILE B 541 18.73 27.27 -35.48
N TYR B 542 19.86 26.61 -35.68
CA TYR B 542 21.11 27.26 -35.46
C TYR B 542 21.40 28.13 -36.59
N HIS B 543 21.19 27.67 -37.82
CA HIS B 543 21.58 28.46 -39.00
C HIS B 543 20.81 29.71 -39.16
N LEU B 544 19.53 29.68 -38.85
CA LEU B 544 18.75 30.88 -38.86
C LEU B 544 19.40 31.73 -37.81
N LYS B 545 19.33 31.32 -36.56
CA LYS B 545 19.98 32.06 -35.49
C LYS B 545 21.28 32.70 -35.88
N ASN B 546 22.22 32.00 -36.43
CA ASN B 546 23.51 32.60 -36.68
C ASN B 546 23.62 33.56 -37.86
N ALA B 547 22.60 33.68 -38.69
CA ALA B 547 22.63 34.64 -39.79
C ALA B 547 21.52 35.61 -39.59
N PHE B 548 21.21 35.90 -38.35
CA PHE B 548 20.11 36.73 -38.03
C PHE B 548 20.58 37.29 -36.73
N LEU B 549 20.22 36.65 -35.62
CA LEU B 549 20.60 37.20 -34.33
C LEU B 549 21.93 36.68 -33.94
N VAL B 550 22.95 37.20 -34.59
CA VAL B 550 24.29 36.79 -34.27
C VAL B 550 25.05 37.96 -33.67
N LYS B 551 25.74 38.77 -34.47
CA LYS B 551 26.60 39.86 -33.98
C LYS B 551 27.33 39.31 -32.79
N THR B 552 28.09 38.25 -33.03
CA THR B 552 28.73 37.61 -31.91
C THR B 552 29.98 38.29 -31.55
N GLU B 553 30.24 38.38 -30.26
CA GLU B 553 31.41 39.08 -29.80
C GLU B 553 32.58 38.36 -30.38
N LYS B 554 32.41 37.06 -30.58
CA LYS B 554 33.49 36.24 -31.07
C LYS B 554 32.85 34.98 -31.59
N ASP B 555 32.65 34.03 -30.70
CA ASP B 555 32.11 32.76 -31.08
C ASP B 555 31.75 32.30 -29.72
N ARG B 556 32.13 33.07 -28.72
CA ARG B 556 31.78 32.77 -27.35
C ARG B 556 30.29 32.85 -27.20
N GLU B 557 29.63 33.63 -28.04
CA GLU B 557 28.18 33.65 -28.01
C GLU B 557 27.65 32.31 -28.53
N GLU B 558 27.36 31.36 -27.62
CA GLU B 558 26.91 30.05 -28.08
C GLU B 558 25.42 29.74 -28.02
N ALA B 559 24.91 29.20 -29.12
CA ALA B 559 23.49 28.90 -29.24
C ALA B 559 23.37 27.55 -29.87
N MET B 560 24.29 26.65 -29.51
CA MET B 560 24.28 25.30 -30.04
C MET B 560 23.47 24.37 -29.18
N ASN B 561 23.32 24.64 -27.87
CA ASN B 561 22.61 23.74 -26.91
C ASN B 561 21.88 22.53 -27.43
N PRO B 562 22.37 21.36 -27.08
CA PRO B 562 21.78 20.20 -27.71
C PRO B 562 20.45 19.72 -27.22
N GLY B 563 20.35 19.11 -26.07
CA GLY B 563 19.05 18.77 -25.58
C GLY B 563 19.14 17.74 -24.56
N SER B 564 18.44 16.65 -24.73
CA SER B 564 18.55 15.55 -23.85
C SER B 564 17.58 14.56 -24.25
N ILE B 565 17.86 13.31 -24.01
CA ILE B 565 17.06 12.20 -24.44
C ILE B 565 15.57 12.27 -24.44
N GLY B 566 14.97 13.06 -23.58
CA GLY B 566 13.53 13.05 -23.40
C GLY B 566 13.58 12.20 -22.18
N PHE B 567 12.64 11.34 -21.93
CA PHE B 567 12.74 10.38 -20.88
C PHE B 567 11.43 10.34 -21.43
N ASN B 568 10.56 11.24 -21.07
CA ASN B 568 9.26 11.37 -21.73
C ASN B 568 8.94 10.64 -23.05
N THR B 569 9.00 11.29 -24.18
CA THR B 569 8.83 10.60 -25.41
C THR B 569 9.41 9.16 -25.53
N GLY B 570 10.70 9.03 -25.41
CA GLY B 570 11.31 7.73 -25.51
C GLY B 570 10.83 6.60 -24.64
N GLU B 571 10.69 6.86 -23.36
CA GLU B 571 10.22 5.75 -22.63
C GLU B 571 8.81 5.42 -23.01
N PRO B 572 7.94 6.46 -23.07
CA PRO B 572 6.69 6.03 -23.59
C PRO B 572 6.70 5.05 -24.83
N GLN B 573 7.47 5.34 -25.88
CA GLN B 573 7.56 4.38 -26.99
C GLN B 573 8.04 3.04 -26.68
N ILE B 574 9.19 2.92 -26.03
CA ILE B 574 9.60 1.53 -25.65
C ILE B 574 8.49 0.76 -24.96
N GLN B 575 7.80 1.38 -24.04
CA GLN B 575 6.74 0.65 -23.41
C GLN B 575 5.57 0.25 -24.24
N LEU B 576 5.06 1.14 -25.08
CA LEU B 576 4.05 0.68 -26.01
C LEU B 576 4.54 -0.56 -26.75
N TYR B 577 5.71 -0.51 -27.35
CA TYR B 577 6.17 -1.72 -28.00
C TYR B 577 6.31 -2.95 -27.15
N PHE B 578 6.79 -2.90 -25.92
CA PHE B 578 6.76 -4.07 -25.04
C PHE B 578 5.38 -4.64 -24.85
N LEU B 579 4.40 -3.81 -24.52
CA LEU B 579 3.01 -4.27 -24.46
C LEU B 579 2.60 -5.03 -25.66
N LEU B 580 2.73 -4.37 -26.80
CA LEU B 580 2.33 -5.01 -28.01
C LEU B 580 2.98 -6.34 -28.11
N GLY B 581 4.25 -6.43 -28.04
CA GLY B 581 4.91 -7.70 -28.06
C GLY B 581 4.44 -8.78 -27.16
N LEU B 582 4.33 -8.59 -25.88
CA LEU B 582 3.79 -9.64 -25.03
C LEU B 582 2.41 -10.15 -25.44
N VAL B 583 1.52 -9.16 -25.60
CA VAL B 583 0.18 -9.54 -26.03
C VAL B 583 0.20 -10.38 -27.28
N TYR B 584 0.89 -9.94 -28.28
CA TYR B 584 0.79 -10.66 -29.49
C TYR B 584 1.59 -11.86 -29.58
N ALA B 585 2.52 -12.05 -28.73
CA ALA B 585 3.23 -13.27 -28.66
C ALA B 585 2.36 -14.42 -28.32
N PRO B 586 1.59 -14.25 -27.19
CA PRO B 586 0.79 -15.52 -27.24
C PRO B 586 -0.42 -15.74 -28.22
N VAL B 587 -0.87 -15.05 -29.31
CA VAL B 587 -1.84 -14.88 -30.34
C VAL B 587 -1.19 -14.85 -31.67
N THR B 588 -0.97 -13.70 -32.29
CA THR B 588 -0.24 -13.55 -33.60
C THR B 588 1.26 -13.47 -33.45
N PRO B 589 1.97 -14.53 -33.77
CA PRO B 589 3.39 -14.56 -33.52
C PRO B 589 4.21 -13.83 -34.53
N MET B 590 3.67 -12.88 -35.27
CA MET B 590 4.39 -12.21 -36.35
C MET B 590 4.66 -10.76 -36.15
N LEU B 591 4.41 -10.15 -35.03
CA LEU B 591 4.78 -8.78 -34.77
C LEU B 591 6.21 -8.73 -34.24
N LEU B 592 6.65 -9.86 -33.75
CA LEU B 592 7.96 -9.96 -33.15
C LEU B 592 9.18 -9.62 -33.97
N PRO B 593 9.33 -10.17 -35.16
CA PRO B 593 10.47 -9.68 -35.93
C PRO B 593 10.59 -8.10 -36.08
N PHE B 594 9.50 -7.39 -36.25
CA PHE B 594 9.48 -5.95 -36.38
C PHE B 594 9.82 -5.27 -35.05
N ILE B 595 9.26 -5.79 -33.96
CA ILE B 595 9.66 -5.27 -32.66
C ILE B 595 11.16 -5.36 -32.52
N LEU B 596 11.75 -6.43 -32.95
CA LEU B 596 13.15 -6.56 -32.79
C LEU B 596 13.98 -5.67 -33.59
N VAL B 597 13.63 -5.48 -34.84
CA VAL B 597 14.41 -4.51 -35.57
C VAL B 597 14.38 -3.16 -34.91
N PHE B 598 13.22 -2.72 -34.46
CA PHE B 598 13.20 -1.47 -33.69
C PHE B 598 14.18 -1.54 -32.54
N PHE B 599 14.06 -2.44 -31.57
CA PHE B 599 15.02 -2.43 -30.48
C PHE B 599 16.48 -2.32 -30.93
N ALA B 600 16.98 -3.15 -31.85
CA ALA B 600 18.34 -2.96 -32.32
C ALA B 600 18.72 -1.60 -32.99
N LEU B 601 17.92 -1.07 -33.92
CA LEU B 601 18.29 0.17 -34.51
C LEU B 601 18.31 1.13 -33.47
N ALA B 602 17.36 1.11 -32.59
CA ALA B 602 17.31 2.14 -31.64
C ALA B 602 18.51 2.19 -30.79
N TYR B 603 18.94 1.08 -30.24
CA TYR B 603 20.19 1.06 -29.49
C TYR B 603 21.31 1.65 -30.25
N VAL B 604 21.60 1.18 -31.46
CA VAL B 604 22.65 1.89 -32.25
C VAL B 604 22.51 3.47 -32.48
N VAL B 605 21.35 3.96 -32.89
CA VAL B 605 21.19 5.38 -33.05
C VAL B 605 21.32 6.11 -31.78
N TYR B 606 20.81 5.57 -30.70
CA TYR B 606 20.90 6.32 -29.52
C TYR B 606 22.24 6.29 -28.89
N ARG B 607 23.04 5.29 -29.09
CA ARG B 607 24.30 5.33 -28.50
C ARG B 607 24.99 6.34 -29.18
N HIS B 608 24.84 6.41 -30.49
CA HIS B 608 25.50 7.54 -31.19
C HIS B 608 25.14 8.88 -30.70
N GLN B 609 23.89 9.17 -30.56
CA GLN B 609 23.44 10.46 -30.02
C GLN B 609 23.73 10.75 -28.56
N ILE B 610 24.00 9.78 -27.70
CA ILE B 610 24.38 9.97 -26.29
C ILE B 610 25.89 10.19 -26.31
N ILE B 611 26.63 9.61 -27.26
CA ILE B 611 28.05 9.84 -27.36
C ILE B 611 28.50 11.12 -28.04
N ASN B 612 27.86 11.58 -29.09
CA ASN B 612 28.25 12.75 -29.87
C ASN B 612 27.42 13.97 -29.59
N VAL B 613 26.18 13.96 -29.92
CA VAL B 613 25.29 15.02 -29.61
C VAL B 613 24.74 14.75 -28.24
N TYR B 614 23.56 15.10 -27.84
CA TYR B 614 23.01 15.02 -26.44
C TYR B 614 23.79 15.33 -25.23
N ASN B 615 23.23 16.11 -24.36
CA ASN B 615 23.83 16.46 -23.05
C ASN B 615 22.84 16.45 -21.91
N GLN B 616 23.09 15.89 -20.75
CA GLN B 616 22.12 15.74 -19.72
C GLN B 616 21.95 16.92 -18.89
N GLU B 617 20.73 17.25 -18.48
CA GLU B 617 20.38 18.42 -17.68
C GLU B 617 20.10 18.21 -16.20
N TYR B 618 20.33 17.02 -15.65
CA TYR B 618 20.16 16.73 -14.30
C TYR B 618 20.77 15.40 -14.18
N GLU B 619 21.14 14.95 -12.99
CA GLU B 619 21.62 13.60 -12.78
C GLU B 619 20.98 13.00 -11.61
N SER B 620 20.13 12.07 -11.82
CA SER B 620 19.49 11.36 -10.79
C SER B 620 19.82 10.01 -11.11
N ALA B 621 20.94 9.43 -10.69
CA ALA B 621 21.37 8.13 -11.05
C ALA B 621 20.36 7.05 -11.21
N ALA B 622 19.63 6.98 -12.31
CA ALA B 622 18.68 6.00 -12.56
C ALA B 622 17.62 5.78 -11.64
N ALA B 623 16.60 6.60 -11.30
CA ALA B 623 15.35 6.24 -10.48
C ALA B 623 13.97 5.77 -11.27
N PHE B 624 14.10 6.20 -12.43
CA PHE B 624 13.09 5.76 -13.21
C PHE B 624 13.11 4.26 -13.33
N TRP B 625 14.06 3.52 -12.76
CA TRP B 625 14.02 2.12 -12.88
C TRP B 625 12.90 1.46 -12.18
N PRO B 626 12.73 1.73 -10.91
CA PRO B 626 11.56 1.23 -10.29
C PRO B 626 10.35 1.55 -11.18
N ASP B 627 10.28 2.83 -11.62
CA ASP B 627 9.04 3.05 -12.56
C ASP B 627 8.87 2.16 -13.83
N VAL B 628 9.91 1.99 -14.62
CA VAL B 628 9.93 1.10 -15.76
C VAL B 628 9.58 -0.33 -15.45
N HIS B 629 10.17 -0.87 -14.41
CA HIS B 629 9.80 -2.22 -14.02
C HIS B 629 8.32 -2.35 -13.80
N GLY B 630 7.76 -1.44 -13.05
CA GLY B 630 6.33 -1.51 -12.90
C GLY B 630 5.54 -1.53 -14.14
N ARG B 631 5.79 -0.60 -15.03
CA ARG B 631 5.10 -0.71 -16.33
C ARG B 631 5.24 -2.04 -17.11
N VAL B 632 6.41 -2.66 -17.16
CA VAL B 632 6.49 -4.04 -17.76
C VAL B 632 5.67 -5.09 -17.01
N ILE B 633 5.67 -5.08 -15.69
CA ILE B 633 4.76 -5.97 -14.96
C ILE B 633 3.31 -5.73 -15.34
N THR B 634 2.87 -4.49 -15.48
CA THR B 634 1.51 -4.23 -15.98
C THR B 634 1.25 -4.86 -17.32
N ALA B 635 2.12 -4.64 -18.26
CA ALA B 635 1.95 -5.34 -19.51
C ALA B 635 1.76 -6.80 -19.39
N LEU B 636 2.63 -7.50 -18.67
CA LEU B 636 2.45 -8.94 -18.42
C LEU B 636 1.07 -9.26 -17.94
N ILE B 637 0.62 -8.65 -16.87
CA ILE B 637 -0.79 -8.87 -16.47
C ILE B 637 -1.89 -8.64 -17.53
N ILE B 638 -1.89 -7.53 -18.25
CA ILE B 638 -2.86 -7.35 -19.33
C ILE B 638 -2.78 -8.44 -20.37
N SER B 639 -1.59 -8.81 -20.81
CA SER B 639 -1.43 -9.88 -21.75
C SER B 639 -2.11 -11.09 -21.32
N GLN B 640 -1.80 -11.52 -20.11
CA GLN B 640 -2.41 -12.75 -19.58
C GLN B 640 -3.92 -12.71 -19.51
N LEU B 641 -4.47 -11.62 -18.99
CA LEU B 641 -5.93 -11.49 -19.02
C LEU B 641 -6.54 -11.59 -20.42
N LEU B 642 -5.97 -10.94 -21.40
CA LEU B 642 -6.46 -11.09 -22.75
C LEU B 642 -6.37 -12.47 -23.34
N LEU B 643 -5.29 -13.19 -23.11
CA LEU B 643 -5.31 -14.58 -23.58
C LEU B 643 -6.43 -15.33 -22.92
N MET B 644 -6.62 -15.20 -21.61
CA MET B 644 -7.81 -15.87 -21.04
C MET B 644 -9.05 -15.52 -21.80
N GLY B 645 -9.35 -14.25 -21.97
CA GLY B 645 -10.49 -13.89 -22.80
C GLY B 645 -10.66 -14.54 -24.15
N LEU B 646 -9.65 -14.52 -24.97
CA LEU B 646 -9.75 -15.17 -26.26
C LEU B 646 -9.97 -16.65 -26.17
N LEU B 647 -9.30 -17.28 -25.23
CA LEU B 647 -9.47 -18.71 -25.08
C LEU B 647 -10.89 -19.00 -24.63
N GLY B 648 -11.48 -18.17 -23.82
CA GLY B 648 -12.88 -18.36 -23.49
C GLY B 648 -13.77 -18.20 -24.69
N THR B 649 -13.57 -17.18 -25.49
CA THR B 649 -14.34 -17.00 -26.72
C THR B 649 -14.24 -18.18 -27.65
N LYS B 650 -13.14 -18.94 -27.64
CA LYS B 650 -13.10 -20.14 -28.51
C LYS B 650 -13.52 -21.40 -27.82
N HIS B 651 -14.22 -21.27 -26.72
CA HIS B 651 -14.63 -22.37 -25.86
C HIS B 651 -13.58 -23.34 -25.57
N ALA B 652 -12.71 -23.01 -24.63
CA ALA B 652 -11.70 -23.93 -24.20
C ALA B 652 -11.71 -23.73 -22.72
N ALA B 653 -12.40 -24.58 -21.98
CA ALA B 653 -12.49 -24.48 -20.53
C ALA B 653 -11.63 -25.52 -19.91
N SER B 654 -11.06 -26.36 -20.73
CA SER B 654 -10.17 -27.35 -20.25
C SER B 654 -8.76 -26.81 -20.21
N ALA B 655 -8.57 -25.41 -20.24
CA ALA B 655 -7.23 -24.59 -20.11
C ALA B 655 -7.06 -23.11 -19.32
N ALA B 656 -8.20 -22.45 -19.17
CA ALA B 656 -8.11 -21.12 -18.45
C ALA B 656 -7.69 -20.97 -16.92
N PRO B 657 -7.81 -22.03 -16.14
CA PRO B 657 -7.31 -21.85 -14.75
C PRO B 657 -5.78 -21.83 -14.69
N PHE B 658 -5.23 -22.43 -15.72
CA PHE B 658 -3.83 -22.41 -15.84
C PHE B 658 -3.51 -20.93 -16.12
N LEU B 659 -4.22 -20.44 -17.12
CA LEU B 659 -3.95 -18.98 -17.25
C LEU B 659 -4.04 -18.10 -15.89
N ILE B 660 -4.97 -18.43 -15.01
CA ILE B 660 -5.00 -17.75 -13.64
C ILE B 660 -3.72 -17.88 -12.73
N ALA B 661 -3.26 -19.10 -12.62
CA ALA B 661 -1.98 -19.23 -11.93
C ALA B 661 -1.01 -18.27 -12.46
N LEU B 662 -0.94 -18.20 -13.80
CA LEU B 662 -0.04 -17.14 -14.41
C LEU B 662 -0.15 -15.79 -13.74
N PRO B 663 -1.33 -15.15 -13.94
CA PRO B 663 -1.26 -13.90 -13.13
C PRO B 663 -0.74 -13.85 -11.66
N VAL B 664 -1.16 -14.79 -10.84
CA VAL B 664 -0.54 -14.79 -9.45
C VAL B 664 1.01 -14.93 -9.40
N ILE B 665 1.59 -15.92 -10.08
CA ILE B 665 3.07 -15.96 -10.16
C ILE B 665 3.68 -14.56 -10.54
N THR B 666 3.11 -13.90 -11.57
CA THR B 666 3.63 -12.53 -11.86
C THR B 666 3.62 -11.60 -10.68
N ILE B 667 2.46 -11.40 -10.07
CA ILE B 667 2.54 -10.53 -8.85
C ILE B 667 3.52 -10.96 -7.75
N GLY B 668 3.68 -12.23 -7.49
CA GLY B 668 4.71 -12.62 -6.55
C GLY B 668 6.11 -12.23 -6.88
N PHE B 669 6.52 -12.47 -8.11
CA PHE B 669 7.86 -11.94 -8.49
C PHE B 669 7.95 -10.44 -8.36
N HIS B 670 6.92 -9.72 -8.79
CA HIS B 670 6.96 -8.29 -8.55
C HIS B 670 7.31 -8.02 -7.17
N ARG B 671 6.55 -8.51 -6.21
CA ARG B 671 6.83 -8.25 -4.78
C ARG B 671 8.22 -8.57 -4.31
N PHE B 672 8.75 -9.73 -4.63
CA PHE B 672 10.18 -9.94 -4.31
C PHE B 672 11.11 -8.82 -4.80
N CYS B 673 11.04 -8.59 -6.11
CA CYS B 673 11.93 -7.61 -6.67
C CYS B 673 11.79 -6.40 -5.91
N LYS B 674 10.56 -5.92 -5.78
CA LYS B 674 10.28 -4.70 -5.07
C LYS B 674 11.06 -4.71 -3.92
N GLY B 675 10.66 -5.41 -2.87
CA GLY B 675 11.52 -5.48 -1.68
C GLY B 675 12.99 -5.22 -1.92
N ARG B 676 13.69 -6.27 -2.31
CA ARG B 676 15.13 -5.93 -2.48
C ARG B 676 15.65 -4.62 -3.24
N PHE B 677 15.26 -4.58 -4.50
CA PHE B 677 15.89 -3.50 -5.16
C PHE B 677 15.29 -2.10 -5.05
N GLU B 678 14.12 -2.07 -4.53
CA GLU B 678 13.57 -0.78 -4.49
C GLU B 678 14.14 -0.17 -3.29
N PRO B 679 14.27 -0.99 -2.22
CA PRO B 679 15.04 -0.35 -1.21
C PRO B 679 16.23 0.34 -1.79
N ALA B 680 17.10 -0.40 -2.49
CA ALA B 680 18.23 0.43 -3.17
C ALA B 680 17.96 1.75 -3.77
N PHE B 681 16.98 1.85 -4.65
CA PHE B 681 16.58 3.15 -5.29
C PHE B 681 15.83 4.23 -4.55
N VAL B 682 15.21 3.95 -3.42
CA VAL B 682 14.43 4.94 -2.60
C VAL B 682 14.86 5.37 -1.17
N ARG B 683 15.96 4.92 -0.58
CA ARG B 683 16.44 5.16 0.78
C ARG B 683 17.93 5.10 0.84
N TYR B 684 18.63 6.14 1.31
CA TYR B 684 20.08 6.19 1.39
C TYR B 684 20.59 5.63 2.64
N PRO B 685 21.29 4.52 2.58
CA PRO B 685 21.79 3.88 3.74
C PRO B 685 22.68 4.79 4.55
N LEU B 686 22.88 4.60 5.84
CA LEU B 686 23.65 5.46 6.70
C LEU B 686 25.03 5.01 6.84
N GLN B 687 25.38 3.82 6.38
CA GLN B 687 26.71 3.36 6.37
C GLN B 687 27.36 3.82 5.17
N GLU B 688 26.63 4.17 4.15
CA GLU B 688 27.14 4.66 2.92
C GLU B 688 27.48 6.09 3.01
N ALA B 689 26.74 6.89 3.75
CA ALA B 689 26.98 8.26 3.99
C ALA B 689 28.07 8.50 4.94
N MET B 690 28.34 7.63 5.89
CA MET B 690 29.49 7.73 6.72
C MET B 690 30.77 7.32 6.05
N MET B 691 30.81 6.39 5.14
CA MET B 691 32.00 6.08 4.43
C MET B 691 32.43 7.07 3.44
N LYS B 692 31.55 7.87 2.85
CA LYS B 692 31.86 8.86 1.89
C LYS B 692 32.34 10.01 2.58
N ASP B 693 31.91 10.20 3.79
CA ASP B 693 32.24 11.34 4.56
C ASP B 693 33.49 11.22 5.30
N THR B 694 33.96 10.03 5.57
CA THR B 694 35.20 9.82 6.25
C THR B 694 36.32 9.61 5.36
N LEU B 695 36.10 9.47 4.09
CA LEU B 695 37.14 9.35 3.12
C LEU B 695 37.41 10.65 2.46
N GLU B 696 36.61 11.68 2.70
CA GLU B 696 36.75 12.97 2.11
C GLU B 696 37.24 13.90 3.15
N ARG B 697 37.45 13.43 4.36
CA ARG B 697 37.97 14.22 5.42
C ARG B 697 39.27 13.64 5.76
N ALA B 698 39.89 12.99 4.80
CA ALA B 698 41.14 12.40 5.01
C ALA B 698 41.88 12.76 3.79
N ARG B 699 41.16 13.12 2.75
CA ARG B 699 41.76 13.51 1.49
C ARG B 699 41.83 14.99 1.46
N GLU B 700 40.75 15.68 1.78
CA GLU B 700 40.72 17.12 1.89
C GLU B 700 40.54 17.41 3.30
N PRO B 701 41.61 17.39 4.07
CA PRO B 701 41.49 17.56 5.49
C PRO B 701 41.09 18.96 5.94
N ASN B 702 41.14 19.94 5.07
CA ASN B 702 40.78 21.32 5.40
C ASN B 702 39.31 21.67 5.13
N LEU B 703 38.86 21.75 3.88
CA LEU B 703 37.45 22.02 3.50
C LEU B 703 36.48 22.88 4.31
N ASN B 704 36.06 24.04 3.79
CA ASN B 704 35.02 24.80 4.47
C ASN B 704 33.77 24.59 3.70
N LEU B 705 32.75 24.07 4.31
CA LEU B 705 31.56 23.75 3.60
C LEU B 705 30.57 24.86 3.60
N LYS B 706 30.73 25.85 4.44
CA LYS B 706 29.75 26.88 4.53
C LYS B 706 29.98 27.87 3.49
N GLY B 707 31.12 27.86 2.84
CA GLY B 707 31.34 28.74 1.71
C GLY B 707 30.54 28.16 0.59
N TYR B 708 30.84 26.95 0.19
CA TYR B 708 30.15 26.26 -0.86
C TYR B 708 28.69 26.11 -0.76
N LEU B 709 28.14 25.82 0.39
CA LEU B 709 26.74 25.45 0.54
C LEU B 709 25.83 26.52 0.84
N GLN B 710 26.33 27.65 1.27
CA GLN B 710 25.50 28.80 1.61
C GLN B 710 24.63 29.33 0.52
N ASP B 711 25.24 29.77 -0.57
CA ASP B 711 24.54 30.36 -1.63
C ASP B 711 24.20 29.58 -2.82
N ALA B 712 23.91 28.32 -2.70
CA ALA B 712 23.70 27.52 -3.84
C ALA B 712 22.31 27.43 -4.15
N TYR B 713 21.47 27.82 -3.24
CA TYR B 713 20.05 27.75 -3.38
C TYR B 713 19.40 29.13 -3.29
N ILE B 714 19.88 30.13 -4.04
CA ILE B 714 19.31 31.47 -4.10
C ILE B 714 18.27 31.84 -5.23
N HIS B 715 18.53 31.83 -6.57
CA HIS B 715 17.61 32.14 -7.74
C HIS B 715 18.15 32.96 -9.06
N PRO B 716 17.72 34.31 -9.40
CA PRO B 716 18.14 35.22 -10.50
C PRO B 716 18.54 36.44 -9.77
N VAL B 717 19.26 36.27 -8.68
CA VAL B 717 19.62 37.33 -7.84
C VAL B 717 21.10 37.08 -7.71
#